data_5MJY
#
_entry.id   5MJY
#
_cell.length_a   66.330
_cell.length_b   70.360
_cell.length_c   83.480
_cell.angle_alpha   111.48
_cell.angle_beta   90.06
_cell.angle_gamma   93.00
#
_symmetry.space_group_name_H-M   'P 1'
#
loop_
_entity.id
_entity.type
_entity.pdbx_description
1 polymer 'Tyrosine-protein phosphatase non-receptor type 23'
2 polymer 'Zinc finger FYVE domain-containing protein 9'
3 water water
#
loop_
_entity_poly.entity_id
_entity_poly.type
_entity_poly.pdbx_seq_one_letter_code
_entity_poly.pdbx_strand_id
1 'polypeptide(L)'
;MEAVPRMPMIWLDLKEAGDFHFQPAVKKFVLKNYGENPEAYNEELKKLELLRQNAVRVPRDFEGCSVLRKYLGQLHYLQS
RVPMGSGQEAAVPVTWTEIFSGKSVAHEDIKYEQACILYNLGALHSMLGAMDKRVSEEGMKVSCTHFQCAAGAFAYLREH
FPQAYSVDMSRQILTLNVNLMLGQAQECLLEKSMLDNRKSFLVARISAQVVDYYKEACRALENPDTASLLGRIQKDWKKL
VQMKIYYFAAVAHLHMGKQAEEQQKFGERVAYFQSALDKLNEAIKLAKGQPDTVQDALRFTMDVIGGKYNSAKKDNDFIY
HEAVPALDTLQPVKGAPLVKPLPVNPTDPAVTGPDIFAKLV
;
A,B,C,D
2 'polypeptide(L)' MENYFQAEAYNLDKVLDEFEQN E,F
#
# COMPACT_ATOMS: atom_id res chain seq x y z
N VAL A 4 12.21 -6.73 -0.72
CA VAL A 4 12.73 -5.48 -0.17
C VAL A 4 13.25 -5.72 1.25
N PRO A 5 14.53 -5.44 1.48
CA PRO A 5 15.07 -5.62 2.84
C PRO A 5 14.32 -4.77 3.86
N ARG A 6 14.15 -5.34 5.07
CA ARG A 6 13.50 -4.66 6.18
C ARG A 6 14.47 -4.64 7.36
N MET A 7 15.01 -3.46 7.65
CA MET A 7 15.96 -3.30 8.73
C MET A 7 15.22 -3.20 10.07
N PRO A 8 15.91 -3.52 11.17
CA PRO A 8 15.33 -3.29 12.49
C PRO A 8 15.25 -1.80 12.81
N MET A 9 14.36 -1.47 13.74
CA MET A 9 14.08 -0.08 14.10
C MET A 9 14.37 0.15 15.57
N ILE A 10 14.76 1.38 15.89
CA ILE A 10 15.05 1.79 17.25
C ILE A 10 13.76 2.26 17.90
N TRP A 11 13.63 2.00 19.20
CA TRP A 11 12.51 2.46 19.99
C TRP A 11 13.04 2.99 21.33
N LEU A 12 12.25 3.87 21.95
CA LEU A 12 12.61 4.48 23.21
C LEU A 12 11.79 3.88 24.35
N ASP A 13 12.44 3.68 25.49
CA ASP A 13 11.76 3.16 26.67
C ASP A 13 10.93 4.24 27.33
N LEU A 14 9.83 3.81 27.95
CA LEU A 14 8.98 4.72 28.70
C LEU A 14 9.62 5.07 30.04
N LYS A 15 9.39 6.30 30.48
CA LYS A 15 9.87 6.74 31.77
C LYS A 15 9.03 6.14 32.90
N GLU A 16 9.68 5.91 34.03
CA GLU A 16 9.02 5.36 35.20
C GLU A 16 8.52 6.49 36.09
N ALA A 17 7.24 6.44 36.45
CA ALA A 17 6.62 7.51 37.22
C ALA A 17 6.82 7.28 38.72
N GLY A 18 6.95 8.38 39.44
CA GLY A 18 6.94 8.39 40.88
C GLY A 18 5.64 8.91 41.44
N ASP A 19 5.73 9.59 42.58
CA ASP A 19 4.53 10.08 43.25
C ASP A 19 4.07 11.40 42.66
N PHE A 20 2.73 11.57 42.61
CA PHE A 20 2.08 12.83 42.24
C PHE A 20 0.83 12.94 43.12
N HIS A 21 1.03 13.44 44.34
CA HIS A 21 -0.03 13.48 45.35
C HIS A 21 -0.76 14.80 45.25
N PHE A 22 -1.64 14.90 44.26
CA PHE A 22 -2.38 16.13 44.00
C PHE A 22 -3.62 16.27 44.88
N GLN A 23 -4.13 15.18 45.44
CA GLN A 23 -5.39 15.26 46.20
C GLN A 23 -5.30 16.22 47.37
N PRO A 24 -4.28 16.17 48.23
CA PRO A 24 -4.24 17.11 49.36
C PRO A 24 -4.29 18.57 48.93
N ALA A 25 -3.56 18.94 47.87
CA ALA A 25 -3.49 20.34 47.47
C ALA A 25 -4.82 20.81 46.87
N VAL A 26 -5.47 19.97 46.06
CA VAL A 26 -6.77 20.33 45.51
C VAL A 26 -7.77 20.54 46.65
N LYS A 27 -7.87 19.57 47.56
CA LYS A 27 -8.80 19.70 48.67
C LYS A 27 -8.53 20.95 49.48
N LYS A 28 -7.25 21.26 49.74
CA LYS A 28 -6.91 22.50 50.42
C LYS A 28 -7.38 23.70 49.61
N PHE A 29 -7.20 23.66 48.29
CA PHE A 29 -7.51 24.81 47.45
C PHE A 29 -9.01 25.06 47.41
N VAL A 30 -9.80 24.00 47.21
CA VAL A 30 -11.25 24.16 47.11
C VAL A 30 -11.85 24.58 48.44
N LEU A 31 -11.20 24.27 49.56
CA LEU A 31 -11.76 24.60 50.86
C LEU A 31 -11.73 26.11 51.12
N LYS A 32 -10.59 26.75 50.85
CA LYS A 32 -10.50 28.19 51.02
C LYS A 32 -11.22 28.93 49.90
N ASN A 33 -10.93 28.58 48.65
CA ASN A 33 -11.39 29.38 47.52
C ASN A 33 -12.88 29.19 47.23
N TYR A 34 -13.43 27.99 47.45
CA TYR A 34 -14.83 27.73 47.15
C TYR A 34 -15.65 27.37 48.39
N GLY A 35 -15.04 27.24 49.55
CA GLY A 35 -15.81 27.04 50.77
C GLY A 35 -16.04 25.58 51.11
N GLU A 36 -16.12 25.32 52.41
CA GLU A 36 -16.37 24.02 53.02
C GLU A 36 -16.27 22.79 52.10
N ASN A 37 -17.39 22.12 51.85
CA ASN A 37 -17.48 20.71 51.49
C ASN A 37 -16.34 20.22 50.58
N PRO A 38 -15.44 19.37 51.09
CA PRO A 38 -14.52 18.66 50.19
C PRO A 38 -15.11 17.42 49.55
N GLU A 39 -16.18 16.86 50.10
CA GLU A 39 -16.66 15.55 49.64
C GLU A 39 -17.14 15.59 48.20
N ALA A 40 -17.69 16.72 47.75
CA ALA A 40 -18.22 16.78 46.39
C ALA A 40 -17.14 16.56 45.35
N TYR A 41 -15.88 16.85 45.68
CA TYR A 41 -14.79 16.86 44.72
C TYR A 41 -13.91 15.62 44.81
N ASN A 42 -14.16 14.72 45.76
CA ASN A 42 -13.26 13.59 45.97
C ASN A 42 -13.32 12.62 44.79
N GLU A 43 -14.49 12.45 44.18
CA GLU A 43 -14.63 11.49 43.09
C GLU A 43 -13.98 12.01 41.82
N GLU A 44 -14.14 13.31 41.54
CA GLU A 44 -13.40 13.90 40.44
C GLU A 44 -11.90 13.72 40.64
N LEU A 45 -11.46 13.65 41.89
CA LEU A 45 -10.06 13.39 42.19
C LEU A 45 -9.74 11.90 42.08
N LYS A 46 -10.68 11.04 42.47
CA LYS A 46 -10.46 9.60 42.35
C LYS A 46 -10.49 9.15 40.89
N LYS A 47 -11.25 9.84 40.04
CA LYS A 47 -11.26 9.50 38.62
C LYS A 47 -9.91 9.83 37.98
N LEU A 48 -9.32 10.97 38.35
CA LEU A 48 -7.99 11.31 37.82
C LEU A 48 -6.93 10.37 38.36
N GLU A 49 -7.05 9.97 39.63
CA GLU A 49 -6.07 9.04 40.20
C GLU A 49 -6.05 7.72 39.44
N LEU A 50 -7.23 7.14 39.20
CA LEU A 50 -7.29 5.90 38.43
C LEU A 50 -6.80 6.13 37.00
N LEU A 51 -7.07 7.31 36.44
CA LEU A 51 -6.56 7.64 35.11
C LEU A 51 -5.04 7.64 35.10
N ARG A 52 -4.43 8.17 36.17
CA ARG A 52 -2.98 8.18 36.25
C ARG A 52 -2.43 6.77 36.39
N GLN A 53 -3.02 5.98 37.29
CA GLN A 53 -2.54 4.61 37.49
C GLN A 53 -2.55 3.84 36.17
N ASN A 54 -3.60 4.00 35.37
CA ASN A 54 -3.63 3.35 34.06
C ASN A 54 -2.53 3.89 33.16
N ALA A 55 -2.32 5.20 33.18
CA ALA A 55 -1.34 5.82 32.29
C ALA A 55 0.08 5.40 32.64
N VAL A 56 0.44 5.45 33.93
CA VAL A 56 1.80 5.12 34.36
C VAL A 56 2.08 3.63 34.32
N ARG A 57 1.05 2.80 34.15
CA ARG A 57 1.19 1.38 33.86
C ARG A 57 0.52 1.03 32.54
N VAL A 58 0.70 1.91 31.55
CA VAL A 58 -0.01 1.77 30.27
C VAL A 58 0.40 0.47 29.60
N PRO A 59 -0.53 -0.34 29.10
CA PRO A 59 -0.13 -1.52 28.31
C PRO A 59 0.50 -1.09 26.99
N ARG A 60 1.53 -1.83 26.58
CA ARG A 60 2.29 -1.48 25.37
C ARG A 60 1.55 -2.00 24.14
N ASP A 61 0.44 -1.33 23.83
CA ASP A 61 -0.34 -1.63 22.64
C ASP A 61 -0.97 -0.33 22.15
N PHE A 62 -1.80 -0.44 21.10
CA PHE A 62 -2.27 0.75 20.41
C PHE A 62 -3.13 1.63 21.32
N GLU A 63 -4.07 1.02 22.04
CA GLU A 63 -4.89 1.82 22.93
C GLU A 63 -4.09 2.41 24.08
N GLY A 64 -2.93 1.83 24.40
CA GLY A 64 -2.03 2.47 25.33
C GLY A 64 -1.84 3.95 25.02
N CYS A 65 -1.84 4.31 23.74
CA CYS A 65 -1.72 5.70 23.35
C CYS A 65 -2.94 6.52 23.78
N SER A 66 -4.13 5.93 23.66
CA SER A 66 -5.34 6.64 24.07
C SER A 66 -5.39 6.83 25.58
N VAL A 67 -4.84 5.88 26.35
CA VAL A 67 -4.82 6.02 27.81
C VAL A 67 -3.95 7.21 28.20
N LEU A 68 -2.75 7.30 27.63
CA LEU A 68 -1.88 8.43 27.89
C LEU A 68 -2.51 9.73 27.40
N ARG A 69 -3.04 9.72 26.17
CA ARG A 69 -3.68 10.89 25.62
C ARG A 69 -4.81 11.37 26.53
N LYS A 70 -5.67 10.46 26.97
CA LYS A 70 -6.78 10.82 27.83
C LYS A 70 -6.30 11.45 29.13
N TYR A 71 -5.26 10.88 29.74
CA TYR A 71 -4.75 11.43 30.99
C TYR A 71 -4.06 12.78 30.76
N LEU A 72 -3.33 12.90 29.66
CA LEU A 72 -2.66 14.16 29.34
C LEU A 72 -3.67 15.30 29.21
N GLY A 73 -4.82 15.01 28.62
CA GLY A 73 -5.83 16.05 28.44
C GLY A 73 -6.49 16.45 29.75
N GLN A 74 -6.78 15.47 30.62
CA GLN A 74 -7.37 15.79 31.91
C GLN A 74 -6.41 16.60 32.78
N LEU A 75 -5.10 16.38 32.63
CA LEU A 75 -4.13 17.21 33.33
C LEU A 75 -4.24 18.67 32.90
N HIS A 76 -4.48 18.90 31.61
CA HIS A 76 -4.69 20.27 31.14
C HIS A 76 -5.94 20.88 31.75
N TYR A 77 -7.01 20.10 31.85
CA TYR A 77 -8.23 20.60 32.47
C TYR A 77 -8.02 20.90 33.95
N LEU A 78 -7.25 20.06 34.64
CA LEU A 78 -6.98 20.31 36.05
C LEU A 78 -6.17 21.60 36.23
N GLN A 79 -5.15 21.79 35.39
CA GLN A 79 -4.31 22.98 35.52
C GLN A 79 -5.09 24.25 35.20
N SER A 80 -6.15 24.15 34.38
CA SER A 80 -6.95 25.33 34.06
C SER A 80 -7.77 25.81 35.25
N ARG A 81 -8.04 24.94 36.23
CA ARG A 81 -8.90 25.27 37.35
C ARG A 81 -8.17 25.40 38.68
N VAL A 82 -7.10 24.64 38.89
CA VAL A 82 -6.34 24.66 40.13
C VAL A 82 -4.91 25.07 39.78
N PRO A 83 -4.40 26.17 40.33
CA PRO A 83 -3.04 26.60 39.97
C PRO A 83 -1.98 25.70 40.59
N MET A 84 -1.48 24.74 39.80
CA MET A 84 -0.53 23.75 40.29
C MET A 84 0.80 23.82 39.54
N GLY A 85 1.05 24.92 38.83
CA GLY A 85 2.32 25.13 38.19
C GLY A 85 3.37 25.55 39.19
N SER A 86 4.59 25.71 38.68
CA SER A 86 5.70 26.10 39.52
C SER A 86 5.45 27.45 40.16
N GLY A 87 5.62 27.52 41.48
CA GLY A 87 5.44 28.75 42.22
C GLY A 87 4.00 29.11 42.51
N GLN A 88 3.04 28.25 42.16
CA GLN A 88 1.64 28.53 42.34
C GLN A 88 1.12 27.95 43.65
N GLU A 89 -0.13 28.29 43.97
CA GLU A 89 -0.64 28.04 45.32
C GLU A 89 -0.71 26.56 45.63
N ALA A 90 -1.26 25.77 44.71
CA ALA A 90 -1.60 24.37 44.96
C ALA A 90 -0.61 23.40 44.34
N ALA A 91 0.64 23.82 44.15
CA ALA A 91 1.64 22.96 43.53
C ALA A 91 2.11 21.90 44.50
N VAL A 92 2.29 20.67 44.00
CA VAL A 92 2.80 19.57 44.80
C VAL A 92 3.97 18.92 44.06
N PRO A 93 4.81 18.17 44.76
CA PRO A 93 5.93 17.48 44.10
C PRO A 93 5.45 16.51 43.02
N VAL A 94 6.15 16.54 41.89
CA VAL A 94 6.00 15.56 40.82
C VAL A 94 7.36 14.89 40.65
N THR A 95 7.39 13.56 40.77
CA THR A 95 8.62 12.80 40.71
C THR A 95 8.55 11.78 39.57
N TRP A 96 9.56 11.81 38.71
CA TRP A 96 9.74 10.82 37.65
C TRP A 96 11.21 10.43 37.61
N THR A 97 11.48 9.25 37.07
CA THR A 97 12.83 8.73 36.97
C THR A 97 13.45 9.17 35.64
N GLU A 98 14.59 9.85 35.72
CA GLU A 98 15.34 10.20 34.52
C GLU A 98 15.90 8.92 33.89
N ILE A 99 15.51 8.65 32.65
CA ILE A 99 15.58 7.29 32.12
C ILE A 99 17.02 6.85 31.88
N PHE A 100 17.94 7.78 31.63
CA PHE A 100 19.30 7.39 31.28
C PHE A 100 20.19 7.22 32.51
N SER A 101 20.03 8.07 33.53
CA SER A 101 20.80 7.92 34.76
C SER A 101 20.08 7.11 35.82
N GLY A 102 18.76 6.94 35.70
CA GLY A 102 17.98 6.27 36.71
C GLY A 102 17.70 7.10 37.95
N LYS A 103 18.16 8.35 37.99
CA LYS A 103 17.97 9.20 39.15
C LYS A 103 16.54 9.73 39.22
N SER A 104 16.02 9.83 40.44
CA SER A 104 14.71 10.43 40.66
C SER A 104 14.82 11.95 40.58
N VAL A 105 13.95 12.56 39.78
CA VAL A 105 13.93 14.00 39.57
C VAL A 105 12.56 14.52 39.98
N ALA A 106 12.53 15.47 40.91
CA ALA A 106 11.30 15.98 41.49
C ALA A 106 11.15 17.45 41.16
N HIS A 107 9.95 17.83 40.70
CA HIS A 107 9.58 19.22 40.49
C HIS A 107 8.18 19.44 41.03
N GLU A 108 7.98 20.55 41.74
CA GLU A 108 6.65 20.93 42.21
C GLU A 108 5.96 21.75 41.12
N ASP A 109 5.54 21.04 40.07
CA ASP A 109 5.03 21.68 38.86
C ASP A 109 4.24 20.65 38.07
N ILE A 110 2.96 20.93 37.84
CA ILE A 110 2.11 20.00 37.11
C ILE A 110 2.55 19.84 35.66
N LYS A 111 3.24 20.83 35.11
CA LYS A 111 3.74 20.72 33.74
C LYS A 111 4.84 19.68 33.62
N TYR A 112 5.50 19.33 34.72
CA TYR A 112 6.45 18.22 34.72
C TYR A 112 5.73 16.90 34.51
N GLU A 113 4.58 16.73 35.16
CA GLU A 113 3.77 15.54 34.93
C GLU A 113 3.34 15.47 33.46
N GLN A 114 2.83 16.58 32.92
CA GLN A 114 2.43 16.62 31.52
C GLN A 114 3.59 16.24 30.61
N ALA A 115 4.77 16.82 30.85
CA ALA A 115 5.92 16.57 29.99
C ALA A 115 6.24 15.08 29.92
N CYS A 116 6.27 14.41 31.08
CA CYS A 116 6.68 13.01 31.13
C CYS A 116 5.62 12.11 30.48
N ILE A 117 4.34 12.42 30.69
CA ILE A 117 3.28 11.70 29.97
C ILE A 117 3.46 11.87 28.47
N LEU A 118 3.77 13.09 28.04
CA LEU A 118 3.98 13.33 26.61
C LEU A 118 5.19 12.57 26.09
N TYR A 119 6.27 12.55 26.87
CA TYR A 119 7.44 11.76 26.51
C TYR A 119 7.07 10.29 26.32
N ASN A 120 6.31 9.73 27.26
CA ASN A 120 5.94 8.33 27.17
C ASN A 120 4.99 8.07 26.02
N LEU A 121 4.21 9.08 25.62
CA LEU A 121 3.38 8.95 24.43
C LEU A 121 4.26 8.81 23.19
N GLY A 122 5.32 9.61 23.10
CA GLY A 122 6.25 9.46 22.00
C GLY A 122 7.03 8.15 22.06
N ALA A 123 7.42 7.74 23.28
CA ALA A 123 8.13 6.48 23.44
C ALA A 123 7.25 5.31 23.03
N LEU A 124 5.99 5.31 23.45
CA LEU A 124 5.10 4.22 23.10
C LEU A 124 4.88 4.14 21.59
N HIS A 125 4.71 5.29 20.94
CA HIS A 125 4.59 5.29 19.49
C HIS A 125 5.82 4.67 18.83
N SER A 126 7.02 5.03 19.30
CA SER A 126 8.23 4.42 18.75
C SER A 126 8.21 2.90 18.92
N MET A 127 7.70 2.42 20.05
CA MET A 127 7.62 0.98 20.27
C MET A 127 6.65 0.33 19.29
N LEU A 128 5.44 0.89 19.16
CA LEU A 128 4.45 0.34 18.26
C LEU A 128 4.91 0.40 16.81
N GLY A 129 5.71 1.41 16.47
CA GLY A 129 6.25 1.49 15.12
C GLY A 129 7.33 0.46 14.87
N ALA A 130 8.13 0.16 15.88
CA ALA A 130 9.24 -0.78 15.76
C ALA A 130 8.84 -2.23 15.98
N MET A 131 7.61 -2.48 16.41
CA MET A 131 7.15 -3.85 16.65
C MET A 131 6.68 -4.54 15.37
N ASP A 132 6.14 -3.77 14.43
CA ASP A 132 5.58 -4.36 13.22
C ASP A 132 6.69 -4.86 12.31
N LYS A 133 6.47 -6.03 11.69
CA LYS A 133 7.44 -6.58 10.77
C LYS A 133 7.40 -5.92 9.40
N ARG A 134 6.41 -5.06 9.14
CA ARG A 134 6.35 -4.28 7.91
C ARG A 134 6.39 -5.19 6.68
N VAL A 135 5.58 -6.24 6.69
CA VAL A 135 5.51 -7.14 5.55
C VAL A 135 4.59 -6.59 4.47
N SER A 136 3.51 -5.92 4.88
CA SER A 136 2.45 -5.50 3.97
C SER A 136 2.37 -3.98 3.92
N GLU A 137 1.70 -3.48 2.87
CA GLU A 137 1.55 -2.04 2.70
C GLU A 137 0.97 -1.38 3.94
N GLU A 138 -0.01 -2.01 4.58
CA GLU A 138 -0.58 -1.43 5.78
C GLU A 138 0.44 -1.38 6.91
N GLY A 139 1.28 -2.39 7.03
CA GLY A 139 2.29 -2.39 8.08
C GLY A 139 3.30 -1.27 7.91
N MET A 140 3.71 -1.00 6.68
CA MET A 140 4.67 0.07 6.44
C MET A 140 4.06 1.43 6.75
N LYS A 141 2.80 1.63 6.38
CA LYS A 141 2.15 2.92 6.64
C LYS A 141 1.82 3.07 8.12
N VAL A 142 1.32 2.01 8.75
CA VAL A 142 1.03 2.06 10.18
C VAL A 142 2.28 2.41 10.96
N SER A 143 3.38 1.71 10.69
CA SER A 143 4.64 2.02 11.36
C SER A 143 5.09 3.44 11.05
N CYS A 144 4.94 3.87 9.80
CA CYS A 144 5.31 5.24 9.44
C CYS A 144 4.52 6.26 10.25
N THR A 145 3.22 6.03 10.41
CA THR A 145 2.41 6.94 11.22
C THR A 145 2.89 6.96 12.67
N HIS A 146 3.16 5.78 13.23
CA HIS A 146 3.64 5.72 14.61
C HIS A 146 4.92 6.52 14.77
N PHE A 147 5.87 6.36 13.84
CA PHE A 147 7.13 7.08 13.95
C PHE A 147 6.94 8.58 13.78
N GLN A 148 5.97 8.99 12.97
CA GLN A 148 5.67 10.41 12.84
C GLN A 148 4.98 10.93 14.11
N CYS A 149 4.09 10.13 14.69
CA CYS A 149 3.48 10.51 15.95
C CYS A 149 4.52 10.61 17.07
N ALA A 150 5.49 9.70 17.06
CA ALA A 150 6.56 9.78 18.05
C ALA A 150 7.41 11.02 17.85
N ALA A 151 7.71 11.36 16.60
CA ALA A 151 8.41 12.60 16.31
C ALA A 151 7.60 13.80 16.77
N GLY A 152 6.28 13.75 16.58
CA GLY A 152 5.44 14.87 16.96
C GLY A 152 5.39 15.09 18.45
N ALA A 153 5.37 13.99 19.22
CA ALA A 153 5.36 14.12 20.68
C ALA A 153 6.65 14.73 21.20
N PHE A 154 7.79 14.30 20.67
CA PHE A 154 9.07 14.86 21.09
C PHE A 154 9.24 16.28 20.59
N ALA A 155 8.69 16.61 19.41
CA ALA A 155 8.75 17.97 18.91
C ALA A 155 7.91 18.90 19.77
N TYR A 156 6.67 18.50 20.06
CA TYR A 156 5.83 19.29 20.97
C TYR A 156 6.54 19.52 22.30
N LEU A 157 7.15 18.47 22.85
CA LEU A 157 7.91 18.60 24.08
C LEU A 157 9.02 19.63 23.93
N ARG A 158 9.72 19.61 22.80
CA ARG A 158 10.81 20.55 22.56
C ARG A 158 10.30 21.98 22.41
N GLU A 159 9.10 22.18 21.85
CA GLU A 159 8.62 23.52 21.56
C GLU A 159 7.92 24.15 22.77
N HIS A 160 7.09 23.38 23.47
CA HIS A 160 6.26 23.92 24.54
C HIS A 160 6.86 23.77 25.93
N PHE A 161 7.93 22.98 26.08
CA PHE A 161 8.63 22.81 27.35
C PHE A 161 10.12 23.08 27.13
N PRO A 162 10.48 24.33 26.83
CA PRO A 162 11.89 24.62 26.52
C PRO A 162 12.82 24.45 27.70
N GLN A 163 12.36 24.70 28.93
CA GLN A 163 13.16 24.47 30.13
C GLN A 163 13.18 22.98 30.42
N ALA A 164 14.31 22.34 30.14
CA ALA A 164 14.42 20.91 30.35
C ALA A 164 14.21 20.57 31.82
N TYR A 165 13.16 19.80 32.09
CA TYR A 165 12.97 19.29 33.45
C TYR A 165 14.04 18.28 33.82
N SER A 166 14.54 17.53 32.85
CA SER A 166 15.61 16.57 33.06
C SER A 166 16.37 16.39 31.76
N VAL A 167 17.59 15.85 31.87
CA VAL A 167 18.50 15.83 30.73
C VAL A 167 18.02 14.90 29.62
N ASP A 168 17.12 13.96 29.92
CA ASP A 168 16.54 13.13 28.87
C ASP A 168 15.53 13.89 28.01
N MET A 169 15.13 15.08 28.43
CA MET A 169 14.19 15.92 27.68
C MET A 169 14.81 17.26 27.31
N SER A 170 16.14 17.30 27.20
CA SER A 170 16.80 18.52 26.75
C SER A 170 16.58 18.71 25.25
N ARG A 171 16.78 19.95 24.80
CA ARG A 171 16.56 20.28 23.40
C ARG A 171 17.39 19.41 22.46
N GLN A 172 18.65 19.13 22.84
CA GLN A 172 19.54 18.36 21.98
C GLN A 172 19.07 16.91 21.86
N ILE A 173 18.59 16.33 22.97
CA ILE A 173 18.17 14.94 22.96
C ILE A 173 16.82 14.78 22.27
N LEU A 174 15.90 15.72 22.48
CA LEU A 174 14.63 15.65 21.76
C LEU A 174 14.85 15.85 20.27
N THR A 175 15.77 16.72 19.87
CA THR A 175 16.10 16.87 18.46
C THR A 175 16.66 15.57 17.91
N LEU A 176 17.52 14.89 18.68
CA LEU A 176 18.00 13.57 18.28
C LEU A 176 16.82 12.62 18.06
N ASN A 177 15.89 12.59 19.01
CA ASN A 177 14.74 11.69 18.90
C ASN A 177 13.88 12.03 17.68
N VAL A 178 13.65 13.32 17.43
CA VAL A 178 12.81 13.71 16.30
C VAL A 178 13.46 13.24 14.99
N ASN A 179 14.73 13.54 14.80
CA ASN A 179 15.41 13.14 13.57
C ASN A 179 15.45 11.62 13.44
N LEU A 180 15.70 10.92 14.55
CA LEU A 180 15.72 9.46 14.50
C LEU A 180 14.35 8.90 14.12
N MET A 181 13.28 9.48 14.68
CA MET A 181 11.94 9.00 14.37
C MET A 181 11.54 9.35 12.94
N LEU A 182 11.92 10.53 12.46
CA LEU A 182 11.59 10.91 11.10
C LEU A 182 12.39 10.08 10.10
N GLY A 183 13.66 9.79 10.41
CA GLY A 183 14.43 8.91 9.55
C GLY A 183 13.79 7.55 9.40
N GLN A 184 13.28 6.99 10.51
CA GLN A 184 12.65 5.68 10.45
C GLN A 184 11.30 5.73 9.76
N ALA A 185 10.56 6.83 9.96
CA ALA A 185 9.32 7.03 9.21
C ALA A 185 9.61 7.12 7.71
N GLN A 186 10.61 7.90 7.34
CA GLN A 186 11.02 7.97 5.94
C GLN A 186 11.44 6.61 5.43
N GLU A 187 12.12 5.82 6.28
CA GLU A 187 12.57 4.49 5.86
C GLU A 187 11.39 3.58 5.58
N CYS A 188 10.32 3.69 6.36
CA CYS A 188 9.12 2.89 6.09
C CYS A 188 8.51 3.26 4.74
N LEU A 189 8.49 4.56 4.41
CA LEU A 189 7.93 4.99 3.13
C LEU A 189 8.84 4.62 1.96
N LEU A 190 10.16 4.63 2.19
CA LEU A 190 11.07 4.13 1.16
C LEU A 190 10.72 2.69 0.79
N GLU A 191 10.54 1.83 1.80
CA GLU A 191 10.15 0.45 1.53
C GLU A 191 8.84 0.40 0.75
N LYS A 192 7.87 1.24 1.12
CA LYS A 192 6.60 1.25 0.41
C LYS A 192 6.78 1.74 -1.03
N SER A 193 7.58 2.78 -1.23
CA SER A 193 7.80 3.29 -2.57
C SER A 193 8.48 2.26 -3.46
N MET A 194 9.24 1.33 -2.86
CA MET A 194 9.88 0.27 -3.63
C MET A 194 8.87 -0.79 -4.04
N LEU A 195 8.00 -1.23 -3.12
CA LEU A 195 7.01 -2.23 -3.46
C LEU A 195 5.88 -1.65 -4.31
N ASP A 196 5.69 -0.33 -4.30
CA ASP A 196 4.78 0.33 -5.22
C ASP A 196 5.39 0.53 -6.59
N ASN A 197 6.67 0.18 -6.79
CA ASN A 197 7.36 0.37 -8.06
C ASN A 197 7.30 1.84 -8.51
N ARG A 198 7.60 2.74 -7.57
CA ARG A 198 7.73 4.14 -7.92
C ARG A 198 8.94 4.34 -8.84
N LYS A 199 8.98 5.48 -9.50
CA LYS A 199 10.08 5.77 -10.42
C LYS A 199 11.40 5.75 -9.67
N SER A 200 12.44 5.22 -10.33
CA SER A 200 13.72 5.02 -9.68
C SER A 200 14.30 6.33 -9.15
N PHE A 201 14.05 7.44 -9.85
CA PHE A 201 14.59 8.71 -9.38
C PHE A 201 13.93 9.15 -8.08
N LEU A 202 12.65 8.84 -7.90
CA LEU A 202 11.96 9.21 -6.67
C LEU A 202 12.43 8.33 -5.51
N VAL A 203 12.65 7.04 -5.76
CA VAL A 203 13.19 6.16 -4.72
C VAL A 203 14.56 6.65 -4.28
N ALA A 204 15.38 7.12 -5.23
CA ALA A 204 16.70 7.61 -4.89
C ALA A 204 16.61 8.84 -3.99
N ARG A 205 15.70 9.76 -4.31
CA ARG A 205 15.53 10.95 -3.47
C ARG A 205 14.99 10.60 -2.10
N ILE A 206 14.02 9.68 -2.05
CA ILE A 206 13.49 9.24 -0.76
C ILE A 206 14.57 8.60 0.09
N SER A 207 15.41 7.76 -0.53
CA SER A 207 16.49 7.13 0.22
C SER A 207 17.51 8.17 0.67
N ALA A 208 17.80 9.16 -0.16
CA ALA A 208 18.75 10.19 0.21
C ALA A 208 18.26 10.98 1.41
N GLN A 209 16.95 11.17 1.54
CA GLN A 209 16.42 11.87 2.71
C GLN A 209 16.58 11.03 3.98
N VAL A 210 16.43 9.71 3.86
CA VAL A 210 16.72 8.82 4.98
C VAL A 210 18.13 9.09 5.49
N VAL A 211 19.10 9.16 4.58
CA VAL A 211 20.48 9.44 4.96
C VAL A 211 20.57 10.78 5.69
N ASP A 212 19.83 11.78 5.21
CA ASP A 212 19.92 13.12 5.79
C ASP A 212 19.43 13.13 7.23
N TYR A 213 18.29 12.49 7.51
CA TYR A 213 17.79 12.42 8.87
C TYR A 213 18.78 11.69 9.77
N TYR A 214 19.30 10.55 9.30
CA TYR A 214 20.20 9.76 10.15
C TYR A 214 21.55 10.45 10.36
N LYS A 215 22.02 11.20 9.36
CA LYS A 215 23.22 11.99 9.58
C LYS A 215 23.01 13.02 10.68
N GLU A 216 21.87 13.72 10.66
CA GLU A 216 21.54 14.64 11.74
C GLU A 216 21.56 13.93 13.08
N ALA A 217 20.93 12.76 13.16
CA ALA A 217 20.93 11.99 14.40
C ALA A 217 22.34 11.56 14.77
N CYS A 218 23.15 11.22 13.76
CA CYS A 218 24.50 10.72 14.04
C CYS A 218 25.41 11.82 14.59
N ARG A 219 25.24 13.05 14.13
CA ARG A 219 26.05 14.15 14.64
C ARG A 219 25.74 14.40 16.11
N ALA A 220 24.46 14.27 16.50
CA ALA A 220 24.10 14.41 17.91
C ALA A 220 24.65 13.26 18.73
N LEU A 221 24.62 12.04 18.19
CA LEU A 221 25.15 10.88 18.90
C LEU A 221 26.65 10.99 19.10
N GLU A 222 27.35 11.68 18.20
CA GLU A 222 28.79 11.88 18.34
C GLU A 222 29.14 13.04 19.24
N ASN A 223 28.17 13.82 19.69
CA ASN A 223 28.43 14.88 20.65
C ASN A 223 28.90 14.25 21.97
N PRO A 224 30.05 14.68 22.52
CA PRO A 224 30.54 14.03 23.74
C PRO A 224 29.56 14.05 24.90
N ASP A 225 28.89 15.17 25.15
CA ASP A 225 27.99 15.24 26.29
C ASP A 225 26.80 14.29 26.15
N THR A 226 26.33 14.07 24.92
CA THR A 226 25.27 13.09 24.71
C THR A 226 25.79 11.67 24.88
N ALA A 227 27.01 11.41 24.44
CA ALA A 227 27.59 10.07 24.59
C ALA A 227 27.68 9.67 26.06
N SER A 228 28.10 10.61 26.92
CA SER A 228 28.26 10.30 28.34
C SER A 228 26.92 10.18 29.03
N LEU A 229 25.91 10.91 28.56
CA LEU A 229 24.59 10.84 29.19
C LEU A 229 23.86 9.56 28.80
N LEU A 230 23.81 9.25 27.51
CA LEU A 230 23.10 8.06 27.05
C LEU A 230 23.85 6.77 27.38
N GLY A 231 25.16 6.83 27.56
CA GLY A 231 25.90 5.63 27.92
C GLY A 231 25.84 4.60 26.81
N ARG A 232 25.51 3.35 27.21
CA ARG A 232 25.47 2.26 26.26
C ARG A 232 24.49 2.54 25.12
N ILE A 233 23.39 3.23 25.41
CA ILE A 233 22.38 3.49 24.39
C ILE A 233 22.99 4.23 23.21
N GLN A 234 23.88 5.19 23.49
CA GLN A 234 24.53 5.93 22.41
C GLN A 234 25.35 5.00 21.53
N LYS A 235 25.97 3.97 22.12
CA LYS A 235 26.74 3.02 21.34
C LYS A 235 25.84 2.24 20.39
N ASP A 236 24.76 1.66 20.92
CA ASP A 236 23.92 0.79 20.09
C ASP A 236 23.18 1.59 19.03
N TRP A 237 22.72 2.80 19.37
CA TRP A 237 22.08 3.65 18.36
C TRP A 237 23.07 4.01 17.26
N LYS A 238 24.23 4.56 17.64
CA LYS A 238 25.21 4.99 16.65
C LYS A 238 25.62 3.84 15.74
N LYS A 239 25.78 2.64 16.30
CA LYS A 239 26.18 1.50 15.48
C LYS A 239 25.14 1.22 14.39
N LEU A 240 23.86 1.28 14.74
CA LEU A 240 22.81 1.05 13.74
C LEU A 240 22.65 2.24 12.81
N VAL A 241 22.74 3.46 13.35
CA VAL A 241 22.52 4.65 12.54
C VAL A 241 23.66 4.84 11.54
N GLN A 242 24.90 4.66 11.98
CA GLN A 242 26.03 4.82 11.06
C GLN A 242 25.97 3.78 9.95
N MET A 243 25.57 2.56 10.27
CA MET A 243 25.40 1.54 9.25
C MET A 243 24.29 1.92 8.28
N LYS A 244 23.17 2.42 8.78
CA LYS A 244 22.07 2.82 7.91
C LYS A 244 22.44 4.01 7.04
N ILE A 245 23.31 4.90 7.53
CA ILE A 245 23.74 6.05 6.74
C ILE A 245 24.36 5.58 5.43
N TYR A 246 25.29 4.63 5.51
CA TYR A 246 25.94 4.13 4.30
C TYR A 246 25.06 3.17 3.53
N TYR A 247 24.21 2.40 4.21
CA TYR A 247 23.34 1.46 3.52
C TYR A 247 22.37 2.20 2.61
N PHE A 248 21.68 3.21 3.14
CA PHE A 248 20.70 3.92 2.34
C PHE A 248 21.34 4.92 1.39
N ALA A 249 22.60 5.30 1.62
CA ALA A 249 23.34 6.01 0.59
C ALA A 249 23.64 5.09 -0.59
N ALA A 250 23.88 3.81 -0.33
CA ALA A 250 24.05 2.83 -1.39
C ALA A 250 22.73 2.59 -2.12
N VAL A 251 21.63 2.42 -1.38
CA VAL A 251 20.32 2.26 -1.99
C VAL A 251 20.01 3.47 -2.87
N ALA A 252 20.42 4.66 -2.44
CA ALA A 252 20.16 5.87 -3.22
C ALA A 252 20.88 5.82 -4.55
N HIS A 253 22.18 5.48 -4.52
CA HIS A 253 22.94 5.44 -5.76
C HIS A 253 22.63 4.21 -6.60
N LEU A 254 22.17 3.13 -5.98
CA LEU A 254 21.64 2.01 -6.76
C LEU A 254 20.53 2.48 -7.70
N HIS A 255 19.58 3.24 -7.17
CA HIS A 255 18.45 3.67 -7.98
C HIS A 255 18.81 4.81 -8.92
N MET A 256 19.82 5.61 -8.58
CA MET A 256 20.35 6.57 -9.55
C MET A 256 20.96 5.85 -10.74
N GLY A 257 21.65 4.73 -10.48
CA GLY A 257 22.18 3.94 -11.59
C GLY A 257 21.09 3.31 -12.42
N LYS A 258 19.96 2.96 -11.80
CA LYS A 258 18.84 2.42 -12.55
C LYS A 258 18.14 3.50 -13.37
N GLN A 259 18.10 4.74 -12.88
CA GLN A 259 17.60 5.83 -13.70
C GLN A 259 18.52 6.07 -14.89
N ALA A 260 19.83 6.08 -14.66
CA ALA A 260 20.79 6.17 -15.76
C ALA A 260 20.54 5.08 -16.78
N GLU A 261 20.32 3.86 -16.31
CA GLU A 261 20.00 2.75 -17.22
C GLU A 261 18.76 3.07 -18.04
N GLU A 262 17.76 3.68 -17.42
CA GLU A 262 16.52 4.02 -18.14
C GLU A 262 16.77 5.10 -19.18
N GLN A 263 17.73 5.99 -18.95
CA GLN A 263 18.06 7.05 -19.88
C GLN A 263 19.24 6.69 -20.78
N GLN A 264 19.76 5.47 -20.68
CA GLN A 264 20.85 4.99 -21.54
C GLN A 264 22.10 5.84 -21.40
N LYS A 265 22.38 6.29 -20.18
CA LYS A 265 23.69 6.83 -19.82
C LYS A 265 24.46 5.69 -19.17
N PHE A 266 24.99 4.80 -20.02
CA PHE A 266 25.56 3.55 -19.52
C PHE A 266 26.92 3.75 -18.85
N GLY A 267 27.63 4.83 -19.15
CA GLY A 267 28.81 5.16 -18.37
C GLY A 267 28.45 5.67 -16.99
N GLU A 268 27.50 6.60 -16.92
CA GLU A 268 26.99 7.07 -15.64
C GLU A 268 26.44 5.92 -14.81
N ARG A 269 25.77 4.97 -15.47
CA ARG A 269 25.22 3.81 -14.79
C ARG A 269 26.30 3.04 -14.03
N VAL A 270 27.46 2.83 -14.66
CA VAL A 270 28.57 2.16 -13.99
C VAL A 270 29.04 2.98 -12.79
N ALA A 271 29.12 4.30 -12.95
CA ALA A 271 29.61 5.16 -11.88
C ALA A 271 28.73 5.05 -10.64
N TYR A 272 27.41 5.01 -10.84
CA TYR A 272 26.50 4.97 -9.70
C TYR A 272 26.52 3.59 -9.02
N PHE A 273 26.58 2.51 -9.81
CA PHE A 273 26.66 1.19 -9.22
C PHE A 273 27.98 0.98 -8.50
N GLN A 274 29.08 1.47 -9.09
CA GLN A 274 30.36 1.39 -8.41
C GLN A 274 30.34 2.14 -7.09
N SER A 275 29.73 3.33 -7.08
CA SER A 275 29.62 4.10 -5.84
C SER A 275 28.71 3.39 -4.84
N ALA A 276 27.61 2.82 -5.32
CA ALA A 276 26.71 2.08 -4.44
C ALA A 276 27.43 0.90 -3.78
N LEU A 277 28.24 0.18 -4.54
CA LEU A 277 28.95 -0.97 -4.01
C LEU A 277 29.94 -0.56 -2.93
N ASP A 278 30.66 0.55 -3.16
CA ASP A 278 31.60 1.04 -2.15
C ASP A 278 30.88 1.44 -0.88
N LYS A 279 29.77 2.18 -1.00
CA LYS A 279 29.01 2.58 0.18
C LYS A 279 28.46 1.37 0.93
N LEU A 280 28.02 0.35 0.19
CA LEU A 280 27.52 -0.85 0.84
C LEU A 280 28.63 -1.58 1.58
N ASN A 281 29.83 -1.63 0.99
CA ASN A 281 30.95 -2.30 1.66
C ASN A 281 31.29 -1.63 2.98
N GLU A 282 31.19 -0.29 3.03
CA GLU A 282 31.38 0.41 4.31
C GLU A 282 30.26 0.09 5.29
N ALA A 283 29.02 -0.01 4.79
CA ALA A 283 27.92 -0.41 5.64
C ALA A 283 28.15 -1.79 6.23
N ILE A 284 28.74 -2.70 5.43
CA ILE A 284 29.09 -4.02 5.93
C ILE A 284 30.22 -3.93 6.93
N LYS A 285 31.19 -3.04 6.70
CA LYS A 285 32.21 -2.78 7.70
C LYS A 285 31.59 -2.30 9.00
N LEU A 286 30.58 -1.43 8.92
CA LEU A 286 29.94 -0.89 10.10
C LEU A 286 28.92 -1.82 10.74
N ALA A 287 28.50 -2.87 10.03
CA ALA A 287 27.48 -3.79 10.52
C ALA A 287 28.07 -4.94 11.33
N LYS A 288 29.35 -4.89 11.67
CA LYS A 288 29.96 -5.97 12.42
C LYS A 288 29.24 -6.18 13.74
N GLY A 289 28.94 -7.44 14.06
CA GLY A 289 28.31 -7.78 15.32
C GLY A 289 26.81 -7.56 15.37
N GLN A 290 26.21 -7.02 14.32
CA GLN A 290 24.79 -6.76 14.32
C GLN A 290 24.00 -8.01 13.98
N PRO A 291 22.72 -8.08 14.38
CA PRO A 291 21.95 -9.31 14.20
C PRO A 291 21.80 -9.69 12.74
N ASP A 292 21.32 -10.91 12.52
CA ASP A 292 21.21 -11.45 11.17
C ASP A 292 20.14 -10.76 10.34
N THR A 293 19.13 -10.17 10.99
CA THR A 293 18.19 -9.32 10.26
C THR A 293 18.96 -8.27 9.46
N VAL A 294 19.96 -7.65 10.08
CA VAL A 294 20.82 -6.69 9.38
C VAL A 294 21.68 -7.41 8.34
N GLN A 295 22.34 -8.49 8.75
CA GLN A 295 23.26 -9.19 7.84
C GLN A 295 22.52 -9.71 6.62
N ASP A 296 21.34 -10.31 6.82
CA ASP A 296 20.59 -10.85 5.69
C ASP A 296 20.19 -9.75 4.72
N ALA A 297 19.83 -8.59 5.24
CA ALA A 297 19.49 -7.47 4.37
C ALA A 297 20.70 -7.01 3.56
N LEU A 298 21.85 -6.85 4.22
CA LEU A 298 23.06 -6.43 3.53
C LEU A 298 23.52 -7.49 2.54
N ARG A 299 23.49 -8.76 2.95
CA ARG A 299 23.92 -9.84 2.08
C ARG A 299 23.13 -9.83 0.78
N PHE A 300 21.81 -9.70 0.87
CA PHE A 300 20.99 -9.70 -0.35
C PHE A 300 21.23 -8.46 -1.19
N THR A 301 21.42 -7.31 -0.54
CA THR A 301 21.71 -6.08 -1.28
C THR A 301 23.05 -6.19 -2.01
N MET A 302 24.02 -6.86 -1.39
CA MET A 302 25.29 -7.12 -2.07
C MET A 302 25.07 -7.93 -3.34
N ASP A 303 24.17 -8.91 -3.29
CA ASP A 303 23.87 -9.71 -4.48
C ASP A 303 23.31 -8.81 -5.59
N VAL A 304 22.37 -7.93 -5.24
CA VAL A 304 21.76 -7.07 -6.25
C VAL A 304 22.79 -6.11 -6.83
N ILE A 305 23.41 -5.30 -5.97
CA ILE A 305 24.34 -4.28 -6.44
C ILE A 305 25.56 -4.92 -7.09
N GLY A 306 26.12 -5.94 -6.44
CA GLY A 306 27.28 -6.61 -7.00
C GLY A 306 27.03 -7.16 -8.39
N GLY A 307 25.86 -7.78 -8.61
CA GLY A 307 25.53 -8.27 -9.93
C GLY A 307 25.25 -7.15 -10.91
N LYS A 308 24.57 -6.11 -10.48
CA LYS A 308 24.26 -5.00 -11.38
C LYS A 308 25.54 -4.27 -11.78
N TYR A 309 26.50 -4.15 -10.87
CA TYR A 309 27.77 -3.52 -11.23
C TYR A 309 28.49 -4.34 -12.29
N ASN A 310 28.58 -5.66 -12.08
CA ASN A 310 29.27 -6.52 -13.04
C ASN A 310 28.62 -6.42 -14.42
N SER A 311 27.29 -6.50 -14.47
CA SER A 311 26.59 -6.39 -15.75
C SER A 311 26.83 -5.03 -16.39
N ALA A 312 26.73 -3.96 -15.60
CA ALA A 312 26.89 -2.62 -16.14
C ALA A 312 28.28 -2.42 -16.70
N LYS A 313 29.31 -2.86 -15.97
CA LYS A 313 30.68 -2.68 -16.43
C LYS A 313 30.97 -3.54 -17.64
N LYS A 314 30.46 -4.78 -17.67
CA LYS A 314 30.65 -5.63 -18.83
C LYS A 314 29.99 -5.01 -20.07
N ASP A 315 28.74 -4.57 -19.92
CA ASP A 315 28.04 -3.94 -21.03
C ASP A 315 28.83 -2.73 -21.54
N ASN A 316 29.26 -1.86 -20.62
CA ASN A 316 29.98 -0.65 -21.05
C ASN A 316 31.30 -1.00 -21.72
N ASP A 317 32.00 -2.02 -21.23
CA ASP A 317 33.33 -2.32 -21.75
C ASP A 317 33.27 -2.96 -23.13
N PHE A 318 32.18 -3.67 -23.45
CA PHE A 318 32.09 -4.42 -24.69
C PHE A 318 31.05 -3.91 -25.68
N ILE A 319 30.12 -3.06 -25.24
CA ILE A 319 29.03 -2.63 -26.12
C ILE A 319 29.01 -1.11 -26.23
N TYR A 320 28.84 -0.41 -25.10
CA TYR A 320 28.52 1.01 -25.13
C TYR A 320 29.76 1.89 -25.14
N HIS A 321 30.80 1.53 -24.39
CA HIS A 321 32.08 2.25 -24.41
C HIS A 321 31.91 3.73 -24.06
N GLU A 322 31.06 4.00 -23.08
CA GLU A 322 30.83 5.37 -22.64
C GLU A 322 31.76 5.70 -21.48
N ALA A 323 32.14 6.97 -21.40
CA ALA A 323 33.06 7.40 -20.35
C ALA A 323 32.40 7.29 -18.99
N VAL A 324 33.11 6.70 -18.04
CA VAL A 324 32.63 6.58 -16.67
C VAL A 324 33.00 7.87 -15.94
N PRO A 325 32.04 8.74 -15.63
CA PRO A 325 32.39 9.98 -14.92
C PRO A 325 32.83 9.66 -13.50
N ALA A 326 33.64 10.57 -12.95
CA ALA A 326 34.14 10.38 -11.60
C ALA A 326 32.98 10.27 -10.62
N LEU A 327 32.54 11.40 -10.06
CA LEU A 327 31.50 11.41 -9.05
C LEU A 327 31.11 12.84 -8.70
N ASP A 328 32.11 13.73 -8.62
CA ASP A 328 31.84 15.15 -8.38
C ASP A 328 31.17 15.81 -9.58
N THR A 329 31.27 15.20 -10.76
CA THR A 329 30.68 15.80 -11.95
C THR A 329 29.16 15.63 -12.00
N LEU A 330 28.61 14.75 -11.18
CA LEU A 330 27.17 14.51 -11.12
C LEU A 330 26.58 15.24 -9.93
N GLN A 331 25.56 16.05 -10.18
CA GLN A 331 24.90 16.76 -9.11
C GLN A 331 24.44 15.77 -8.03
N PRO A 332 24.73 16.03 -6.76
CA PRO A 332 24.30 15.09 -5.71
C PRO A 332 22.78 14.94 -5.68
N VAL A 333 22.34 13.84 -5.09
CA VAL A 333 20.91 13.56 -4.99
C VAL A 333 20.31 14.46 -3.91
N LYS A 334 19.18 15.08 -4.23
CA LYS A 334 18.48 15.95 -3.28
C LYS A 334 17.41 15.15 -2.57
N GLY A 335 17.42 15.22 -1.23
CA GLY A 335 16.46 14.45 -0.45
C GLY A 335 15.05 14.97 -0.59
N ALA A 336 14.10 14.04 -0.57
CA ALA A 336 12.68 14.37 -0.67
C ALA A 336 11.99 14.03 0.65
N PRO A 337 11.80 14.99 1.56
CA PRO A 337 11.10 14.68 2.83
C PRO A 337 9.62 14.41 2.58
N LEU A 338 9.18 13.23 3.00
CA LEU A 338 7.78 12.83 2.89
C LEU A 338 7.08 12.75 4.24
N VAL A 339 7.77 13.07 5.34
CA VAL A 339 7.26 12.86 6.68
C VAL A 339 7.48 14.13 7.51
N LYS A 340 6.64 14.28 8.53
CA LYS A 340 6.75 15.42 9.44
C LYS A 340 6.29 14.97 10.82
N PRO A 341 6.67 15.69 11.87
CA PRO A 341 6.14 15.39 13.21
C PRO A 341 4.65 15.71 13.26
N LEU A 342 3.83 14.69 13.51
CA LEU A 342 2.40 14.89 13.48
C LEU A 342 1.93 15.62 14.74
N PRO A 343 0.97 16.54 14.63
CA PRO A 343 0.50 17.25 15.83
C PRO A 343 -0.06 16.29 16.87
N VAL A 344 0.08 16.68 18.14
CA VAL A 344 -0.33 15.83 19.25
C VAL A 344 -1.80 16.05 19.61
N ASN A 345 -2.29 17.29 19.51
CA ASN A 345 -3.64 17.63 19.91
C ASN A 345 -3.91 17.14 21.34
N PRO A 346 -3.34 17.80 22.35
CA PRO A 346 -3.46 17.26 23.72
C PRO A 346 -4.88 17.32 24.28
N THR A 347 -5.69 18.30 23.88
CA THR A 347 -7.02 18.50 24.44
C THR A 347 -8.12 18.11 23.46
N ASP A 348 -7.85 17.18 22.56
CA ASP A 348 -8.86 16.69 21.62
C ASP A 348 -9.99 16.02 22.40
N PRO A 349 -11.20 16.59 22.41
CA PRO A 349 -12.29 15.96 23.18
C PRO A 349 -12.57 14.53 22.74
N ALA A 350 -12.34 14.19 21.47
CA ALA A 350 -12.61 12.85 20.99
C ALA A 350 -11.75 11.80 21.67
N VAL A 351 -10.62 12.20 22.25
CA VAL A 351 -9.75 11.26 22.96
C VAL A 351 -9.74 11.51 24.47
N THR A 352 -9.98 12.75 24.91
CA THR A 352 -9.93 13.05 26.34
C THR A 352 -11.26 12.76 27.03
N GLY A 353 -12.36 12.81 26.30
CA GLY A 353 -13.67 12.65 26.89
C GLY A 353 -14.09 13.91 27.62
N PRO A 354 -15.27 13.89 28.24
CA PRO A 354 -15.73 15.05 29.00
C PRO A 354 -14.72 15.45 30.06
N ASP A 355 -14.70 16.76 30.36
CA ASP A 355 -13.80 17.30 31.36
C ASP A 355 -14.19 16.80 32.75
N ILE A 356 -13.25 16.17 33.45
CA ILE A 356 -13.55 15.54 34.73
C ILE A 356 -14.00 16.56 35.75
N PHE A 357 -13.37 17.73 35.77
CA PHE A 357 -13.50 18.68 36.87
C PHE A 357 -14.53 19.77 36.58
N ALA A 358 -15.68 19.40 36.01
CA ALA A 358 -16.73 20.38 35.75
C ALA A 358 -17.30 20.96 37.05
N LYS A 359 -17.09 20.29 38.18
CA LYS A 359 -17.50 20.82 39.47
C LYS A 359 -16.45 21.74 40.09
N LEU A 360 -15.22 21.71 39.58
CA LEU A 360 -14.12 22.44 40.18
C LEU A 360 -14.07 23.87 39.62
N VAL A 361 -15.23 24.44 39.33
CA VAL A 361 -15.30 25.75 38.71
C VAL A 361 -15.18 26.85 39.77
N MET B 1 -38.34 34.53 35.93
CA MET B 1 -37.40 34.83 34.83
C MET B 1 -37.41 33.74 33.77
N GLU B 2 -38.21 32.69 33.99
CA GLU B 2 -38.43 31.67 32.98
C GLU B 2 -38.80 32.31 31.64
N ALA B 3 -39.70 33.29 31.67
CA ALA B 3 -40.29 33.85 30.46
C ALA B 3 -39.64 35.16 30.04
N VAL B 4 -38.45 35.46 30.57
CA VAL B 4 -37.82 36.73 30.20
C VAL B 4 -37.55 36.74 28.70
N PRO B 5 -37.91 37.79 27.97
CA PRO B 5 -37.54 37.86 26.56
C PRO B 5 -36.04 37.69 26.37
N ARG B 6 -35.67 37.00 25.29
CA ARG B 6 -34.27 36.66 25.05
C ARG B 6 -33.55 37.84 24.40
N MET B 7 -32.33 38.10 24.88
CA MET B 7 -31.55 39.19 24.33
C MET B 7 -31.07 38.86 22.91
N PRO B 8 -30.87 39.87 22.07
CA PRO B 8 -30.25 39.61 20.76
C PRO B 8 -28.77 39.30 20.92
N MET B 9 -28.23 38.59 19.93
CA MET B 9 -26.85 38.11 19.96
C MET B 9 -26.08 38.66 18.77
N ILE B 10 -24.77 38.77 18.95
CA ILE B 10 -23.86 39.28 17.93
C ILE B 10 -23.34 38.11 17.11
N TRP B 11 -23.16 38.34 15.82
CA TRP B 11 -22.55 37.36 14.94
C TRP B 11 -21.61 38.07 13.98
N LEU B 12 -20.62 37.32 13.49
CA LEU B 12 -19.61 37.85 12.60
C LEU B 12 -19.89 37.44 11.16
N ASP B 13 -19.47 38.29 10.23
CA ASP B 13 -19.61 38.00 8.82
C ASP B 13 -18.48 37.10 8.34
N LEU B 14 -18.78 36.31 7.31
CA LEU B 14 -17.77 35.46 6.69
C LEU B 14 -16.87 36.29 5.79
N LYS B 15 -15.57 35.99 5.82
CA LYS B 15 -14.67 36.52 4.81
C LYS B 15 -15.01 35.92 3.46
N GLU B 16 -14.70 36.66 2.41
CA GLU B 16 -14.97 36.22 1.05
C GLU B 16 -13.66 35.90 0.34
N ALA B 17 -13.68 34.80 -0.40
CA ALA B 17 -12.47 34.21 -0.96
C ALA B 17 -12.15 34.78 -2.33
N GLY B 18 -10.87 34.80 -2.66
CA GLY B 18 -10.38 35.07 -4.00
C GLY B 18 -10.02 33.79 -4.71
N ASP B 19 -8.87 33.80 -5.38
CA ASP B 19 -8.40 32.67 -6.15
C ASP B 19 -7.41 31.83 -5.35
N PHE B 20 -7.43 30.52 -5.61
CA PHE B 20 -6.43 29.58 -5.10
C PHE B 20 -6.26 28.52 -6.18
N HIS B 21 -5.36 28.80 -7.13
CA HIS B 21 -5.18 27.93 -8.31
C HIS B 21 -4.07 26.93 -8.00
N PHE B 22 -4.42 25.92 -7.20
CA PHE B 22 -3.46 24.90 -6.80
C PHE B 22 -3.19 23.88 -7.90
N GLN B 23 -4.09 23.74 -8.86
CA GLN B 23 -3.98 22.66 -9.85
C GLN B 23 -2.68 22.73 -10.64
N PRO B 24 -2.31 23.84 -11.27
CA PRO B 24 -1.04 23.86 -12.01
C PRO B 24 0.17 23.49 -11.15
N ALA B 25 0.18 23.92 -9.89
CA ALA B 25 1.34 23.69 -9.04
C ALA B 25 1.44 22.22 -8.62
N VAL B 26 0.31 21.57 -8.34
CA VAL B 26 0.34 20.17 -7.97
C VAL B 26 0.87 19.33 -9.13
N LYS B 27 0.40 19.62 -10.35
CA LYS B 27 0.84 18.88 -11.52
C LYS B 27 2.29 19.19 -11.86
N LYS B 28 2.73 20.44 -11.66
CA LYS B 28 4.15 20.76 -11.78
C LYS B 28 4.96 19.92 -10.81
N PHE B 29 4.48 19.77 -9.57
CA PHE B 29 5.23 19.06 -8.55
C PHE B 29 5.30 17.57 -8.85
N VAL B 30 4.16 16.97 -9.19
CA VAL B 30 4.13 15.53 -9.48
C VAL B 30 5.01 15.21 -10.69
N LEU B 31 4.95 16.04 -11.73
CA LEU B 31 5.75 15.79 -12.92
C LEU B 31 7.24 15.85 -12.59
N LYS B 32 7.68 16.93 -11.93
CA LYS B 32 9.10 17.15 -11.71
C LYS B 32 9.65 16.24 -10.62
N ASN B 33 8.90 16.06 -9.53
CA ASN B 33 9.42 15.33 -8.38
C ASN B 33 9.15 13.83 -8.44
N TYR B 34 7.99 13.42 -8.95
CA TYR B 34 7.66 12.00 -9.03
C TYR B 34 7.95 11.40 -10.41
N GLY B 35 8.22 12.22 -11.42
CA GLY B 35 8.44 11.70 -12.76
C GLY B 35 7.24 10.96 -13.30
N GLU B 36 6.03 11.30 -12.86
CA GLU B 36 4.81 10.62 -13.26
C GLU B 36 3.94 11.53 -14.12
N ASN B 37 2.93 10.94 -14.73
CA ASN B 37 1.95 11.69 -15.50
C ASN B 37 1.04 12.46 -14.55
N PRO B 38 0.97 13.80 -14.63
CA PRO B 38 0.09 14.53 -13.71
C PRO B 38 -1.38 14.22 -13.88
N GLU B 39 -1.80 13.77 -15.06
CA GLU B 39 -3.20 13.51 -15.33
C GLU B 39 -3.72 12.30 -14.56
N ALA B 40 -2.84 11.48 -14.00
CA ALA B 40 -3.29 10.37 -13.15
C ALA B 40 -3.93 10.86 -11.87
N TYR B 41 -3.64 12.10 -11.44
CA TYR B 41 -4.20 12.66 -10.22
C TYR B 41 -5.25 13.73 -10.51
N ASN B 42 -5.82 13.74 -11.72
CA ASN B 42 -6.87 14.69 -12.03
C ASN B 42 -8.10 14.48 -11.15
N GLU B 43 -8.39 13.23 -10.80
CA GLU B 43 -9.62 12.95 -10.05
C GLU B 43 -9.53 13.49 -8.63
N GLU B 44 -8.38 13.30 -7.97
CA GLU B 44 -8.17 13.92 -6.67
C GLU B 44 -8.22 15.44 -6.77
N LEU B 45 -7.85 15.98 -7.93
CA LEU B 45 -7.84 17.43 -8.10
C LEU B 45 -9.24 17.98 -8.37
N LYS B 46 -10.12 17.17 -8.94
CA LYS B 46 -11.51 17.58 -9.09
C LYS B 46 -12.20 17.67 -7.73
N LYS B 47 -12.00 16.65 -6.89
CA LYS B 47 -12.66 16.63 -5.59
C LYS B 47 -12.31 17.86 -4.77
N LEU B 48 -11.03 18.20 -4.68
CA LEU B 48 -10.64 19.38 -3.91
C LEU B 48 -11.20 20.65 -4.53
N GLU B 49 -11.20 20.74 -5.87
CA GLU B 49 -11.77 21.90 -6.52
C GLU B 49 -13.26 22.02 -6.23
N LEU B 50 -13.99 20.92 -6.38
CA LEU B 50 -15.42 20.94 -6.05
C LEU B 50 -15.63 21.22 -4.56
N LEU B 51 -14.76 20.70 -3.71
CA LEU B 51 -14.88 20.95 -2.28
C LEU B 51 -14.64 22.41 -1.95
N ARG B 52 -13.65 23.03 -2.60
CA ARG B 52 -13.39 24.45 -2.35
C ARG B 52 -14.57 25.31 -2.79
N GLN B 53 -15.07 25.06 -4.01
CA GLN B 53 -16.23 25.82 -4.50
C GLN B 53 -17.35 25.82 -3.47
N ASN B 54 -17.65 24.64 -2.91
CA ASN B 54 -18.68 24.55 -1.89
C ASN B 54 -18.31 25.35 -0.65
N ALA B 55 -17.03 25.32 -0.27
CA ALA B 55 -16.62 25.92 1.00
C ALA B 55 -16.61 27.44 0.93
N VAL B 56 -16.13 28.01 -0.19
CA VAL B 56 -15.96 29.46 -0.29
C VAL B 56 -17.25 30.21 -0.53
N ARG B 57 -18.31 29.51 -0.93
CA ARG B 57 -19.68 30.06 -0.98
C ARG B 57 -20.59 29.17 -0.16
N VAL B 58 -20.14 28.82 1.04
CA VAL B 58 -20.82 27.81 1.85
C VAL B 58 -22.25 28.26 2.12
N PRO B 59 -23.23 27.35 2.12
CA PRO B 59 -24.57 27.75 2.56
C PRO B 59 -24.59 28.00 4.06
N ARG B 60 -25.33 29.04 4.46
CA ARG B 60 -25.39 29.46 5.86
C ARG B 60 -26.41 28.60 6.61
N ASP B 61 -26.02 27.36 6.86
CA ASP B 61 -26.83 26.43 7.64
C ASP B 61 -25.90 25.48 8.38
N PHE B 62 -26.50 24.61 9.19
CA PHE B 62 -25.71 23.71 10.02
C PHE B 62 -24.82 22.81 9.19
N GLU B 63 -25.32 22.33 8.05
CA GLU B 63 -24.55 21.44 7.20
C GLU B 63 -23.31 22.13 6.64
N GLY B 64 -23.36 23.46 6.50
CA GLY B 64 -22.21 24.18 5.98
C GLY B 64 -20.98 24.05 6.87
N CYS B 65 -21.19 23.83 8.17
CA CYS B 65 -20.05 23.70 9.08
C CYS B 65 -19.24 22.45 8.79
N SER B 66 -19.90 21.37 8.40
CA SER B 66 -19.17 20.16 8.02
C SER B 66 -18.40 20.38 6.71
N VAL B 67 -18.99 21.14 5.78
CA VAL B 67 -18.30 21.46 4.53
C VAL B 67 -16.99 22.18 4.81
N LEU B 68 -17.01 23.12 5.75
CA LEU B 68 -15.81 23.89 6.06
C LEU B 68 -14.78 23.05 6.80
N ARG B 69 -15.24 22.17 7.70
CA ARG B 69 -14.31 21.29 8.39
C ARG B 69 -13.65 20.32 7.43
N LYS B 70 -14.43 19.71 6.54
CA LYS B 70 -13.87 18.74 5.60
C LYS B 70 -12.86 19.38 4.67
N TYR B 71 -13.19 20.56 4.12
CA TYR B 71 -12.24 21.26 3.27
C TYR B 71 -11.00 21.66 4.05
N LEU B 72 -11.17 22.13 5.29
CA LEU B 72 -10.02 22.44 6.14
C LEU B 72 -9.12 21.22 6.28
N GLY B 73 -9.70 20.04 6.49
CA GLY B 73 -8.91 18.85 6.66
C GLY B 73 -8.18 18.44 5.38
N GLN B 74 -8.87 18.52 4.24
CA GLN B 74 -8.25 18.16 2.97
C GLN B 74 -7.08 19.08 2.64
N LEU B 75 -7.15 20.34 3.06
CA LEU B 75 -6.01 21.24 2.87
C LEU B 75 -4.81 20.76 3.68
N HIS B 76 -5.04 20.25 4.89
CA HIS B 76 -3.96 19.67 5.67
C HIS B 76 -3.37 18.46 4.97
N TYR B 77 -4.22 17.58 4.44
CA TYR B 77 -3.73 16.41 3.73
C TYR B 77 -2.92 16.81 2.50
N LEU B 78 -3.39 17.82 1.76
CA LEU B 78 -2.63 18.26 0.59
C LEU B 78 -1.28 18.82 0.99
N GLN B 79 -1.24 19.63 2.06
CA GLN B 79 0.02 20.24 2.48
C GLN B 79 1.01 19.19 2.98
N SER B 80 0.52 18.05 3.47
CA SER B 80 1.42 17.01 3.94
C SER B 80 2.17 16.32 2.80
N ARG B 81 1.65 16.42 1.58
CA ARG B 81 2.21 15.70 0.44
C ARG B 81 2.81 16.62 -0.61
N VAL B 82 2.32 17.85 -0.73
CA VAL B 82 2.82 18.81 -1.69
C VAL B 82 3.25 20.05 -0.91
N PRO B 83 4.50 20.51 -1.03
CA PRO B 83 4.92 21.68 -0.25
C PRO B 83 4.40 22.98 -0.84
N MET B 84 3.28 23.47 -0.28
CA MET B 84 2.64 24.69 -0.77
C MET B 84 2.63 25.79 0.30
N GLY B 85 3.51 25.69 1.30
CA GLY B 85 3.61 26.68 2.34
C GLY B 85 4.53 27.83 1.97
N SER B 86 4.70 28.73 2.93
CA SER B 86 5.46 29.95 2.70
C SER B 86 6.88 29.63 2.23
N GLY B 87 7.23 30.12 1.04
CA GLY B 87 8.57 29.93 0.50
C GLY B 87 8.86 28.55 -0.03
N GLN B 88 7.85 27.73 -0.25
CA GLN B 88 8.04 26.35 -0.67
C GLN B 88 7.87 26.21 -2.18
N GLU B 89 8.19 25.00 -2.68
CA GLU B 89 8.34 24.80 -4.11
C GLU B 89 7.03 24.97 -4.86
N ALA B 90 5.92 24.45 -4.32
CA ALA B 90 4.66 24.37 -5.04
C ALA B 90 3.64 25.39 -4.54
N ALA B 91 4.10 26.49 -3.96
CA ALA B 91 3.20 27.48 -3.40
C ALA B 91 2.63 28.39 -4.48
N VAL B 92 1.33 28.68 -4.38
CA VAL B 92 0.66 29.57 -5.31
C VAL B 92 -0.04 30.67 -4.52
N PRO B 93 -0.34 31.79 -5.16
CA PRO B 93 -1.04 32.87 -4.45
C PRO B 93 -2.37 32.41 -3.88
N VAL B 94 -2.64 32.83 -2.65
CA VAL B 94 -3.93 32.63 -1.99
C VAL B 94 -4.45 34.02 -1.63
N THR B 95 -5.63 34.37 -2.16
CA THR B 95 -6.18 35.71 -2.02
C THR B 95 -7.50 35.64 -1.28
N TRP B 96 -7.65 36.50 -0.26
CA TRP B 96 -8.89 36.66 0.47
C TRP B 96 -9.06 38.13 0.80
N THR B 97 -10.31 38.55 0.97
CA THR B 97 -10.63 39.93 1.28
C THR B 97 -10.58 40.13 2.80
N GLU B 98 -9.74 41.06 3.25
CA GLU B 98 -9.73 41.46 4.65
C GLU B 98 -11.05 42.16 4.96
N ILE B 99 -11.77 41.68 5.98
CA ILE B 99 -13.19 41.97 6.08
C ILE B 99 -13.45 43.40 6.52
N PHE B 100 -12.52 44.03 7.24
CA PHE B 100 -12.78 45.35 7.79
C PHE B 100 -12.38 46.47 6.83
N SER B 101 -11.29 46.31 6.10
CA SER B 101 -10.85 47.32 5.15
C SER B 101 -11.28 47.03 3.72
N GLY B 102 -11.68 45.80 3.42
CA GLY B 102 -12.04 45.43 2.06
C GLY B 102 -10.86 45.17 1.15
N LYS B 103 -9.64 45.27 1.66
CA LYS B 103 -8.46 45.06 0.82
C LYS B 103 -8.31 43.59 0.44
N SER B 104 -7.83 43.36 -0.79
CA SER B 104 -7.40 42.04 -1.18
C SER B 104 -6.02 41.77 -0.61
N VAL B 105 -5.88 40.66 0.11
CA VAL B 105 -4.63 40.27 0.76
C VAL B 105 -4.22 38.93 0.17
N ALA B 106 -3.01 38.87 -0.38
CA ALA B 106 -2.52 37.69 -1.07
C ALA B 106 -1.28 37.14 -0.37
N HIS B 107 -1.24 35.82 -0.22
CA HIS B 107 -0.07 35.13 0.31
C HIS B 107 0.13 33.84 -0.47
N GLU B 108 1.38 33.57 -0.86
CA GLU B 108 1.73 32.29 -1.46
C GLU B 108 1.98 31.28 -0.35
N ASP B 109 0.89 30.86 0.28
CA ASP B 109 0.98 30.06 1.50
C ASP B 109 -0.36 29.37 1.71
N ILE B 110 -0.38 28.04 1.62
CA ILE B 110 -1.61 27.29 1.78
C ILE B 110 -2.18 27.45 3.19
N LYS B 111 -1.34 27.79 4.17
CA LYS B 111 -1.84 28.01 5.53
C LYS B 111 -2.76 29.22 5.59
N TYR B 112 -2.59 30.16 4.66
CA TYR B 112 -3.50 31.30 4.59
C TYR B 112 -4.91 30.85 4.24
N GLU B 113 -5.02 29.97 3.23
CA GLU B 113 -6.32 29.38 2.92
C GLU B 113 -6.92 28.70 4.14
N GLN B 114 -6.12 27.90 4.84
CA GLN B 114 -6.61 27.20 6.03
C GLN B 114 -7.13 28.21 7.05
N ALA B 115 -6.37 29.26 7.31
CA ALA B 115 -6.75 30.23 8.33
C ALA B 115 -8.09 30.87 8.01
N CYS B 116 -8.32 31.25 6.75
CA CYS B 116 -9.54 31.94 6.39
C CYS B 116 -10.75 31.00 6.43
N ILE B 117 -10.55 29.74 6.04
CA ILE B 117 -11.61 28.75 6.20
C ILE B 117 -11.95 28.58 7.67
N LEU B 118 -10.93 28.52 8.53
CA LEU B 118 -11.18 28.37 9.95
C LEU B 118 -11.89 29.60 10.50
N TYR B 119 -11.53 30.79 10.01
CA TYR B 119 -12.23 32.00 10.42
C TYR B 119 -13.70 31.91 10.06
N ASN B 120 -14.00 31.52 8.82
CA ASN B 120 -15.40 31.43 8.39
C ASN B 120 -16.15 30.34 9.15
N LEU B 121 -15.46 29.27 9.55
CA LEU B 121 -16.11 28.28 10.40
C LEU B 121 -16.57 28.91 11.70
N GLY B 122 -15.72 29.74 12.31
CA GLY B 122 -16.13 30.44 13.52
C GLY B 122 -17.22 31.45 13.26
N ALA B 123 -17.13 32.17 12.13
CA ALA B 123 -18.18 33.13 11.78
C ALA B 123 -19.50 32.42 11.55
N LEU B 124 -19.49 31.34 10.77
CA LEU B 124 -20.73 30.62 10.48
C LEU B 124 -21.38 30.14 11.77
N HIS B 125 -20.59 29.55 12.68
CA HIS B 125 -21.13 29.12 13.96
C HIS B 125 -21.78 30.29 14.70
N SER B 126 -21.12 31.44 14.74
CA SER B 126 -21.69 32.60 15.42
C SER B 126 -23.03 32.98 14.80
N MET B 127 -23.15 32.86 13.47
CA MET B 127 -24.43 33.13 12.82
C MET B 127 -25.50 32.15 13.25
N LEU B 128 -25.18 30.85 13.20
CA LEU B 128 -26.15 29.83 13.56
C LEU B 128 -26.56 29.95 15.03
N GLY B 129 -25.64 30.34 15.90
CA GLY B 129 -25.99 30.57 17.29
C GLY B 129 -26.94 31.73 17.46
N ALA B 130 -26.73 32.79 16.69
CA ALA B 130 -27.53 34.01 16.82
C ALA B 130 -28.88 33.92 16.13
N MET B 131 -29.06 32.95 15.23
CA MET B 131 -30.31 32.84 14.48
C MET B 131 -31.45 32.28 15.32
N ASP B 132 -31.14 31.40 16.27
CA ASP B 132 -32.20 30.73 17.01
C ASP B 132 -32.87 31.70 17.99
N LYS B 133 -34.19 31.54 18.14
CA LYS B 133 -34.96 32.36 19.06
C LYS B 133 -34.73 31.97 20.52
N ARG B 134 -34.17 30.78 20.77
CA ARG B 134 -33.85 30.32 22.12
C ARG B 134 -35.09 30.31 23.02
N VAL B 135 -36.20 29.83 22.47
CA VAL B 135 -37.42 29.68 23.28
C VAL B 135 -37.37 28.36 24.05
N SER B 136 -36.92 27.30 23.42
CA SER B 136 -36.97 25.96 24.00
C SER B 136 -35.61 25.54 24.54
N GLU B 137 -35.63 24.50 25.37
CA GLU B 137 -34.39 23.95 25.91
C GLU B 137 -33.44 23.53 24.79
N GLU B 138 -33.97 22.96 23.72
CA GLU B 138 -33.14 22.55 22.59
C GLU B 138 -32.43 23.76 21.98
N GLY B 139 -33.18 24.84 21.75
CA GLY B 139 -32.59 26.02 21.13
C GLY B 139 -31.49 26.64 21.96
N MET B 140 -31.64 26.61 23.28
CA MET B 140 -30.63 27.20 24.14
C MET B 140 -29.35 26.38 24.14
N LYS B 141 -29.48 25.05 24.10
CA LYS B 141 -28.30 24.19 24.09
C LYS B 141 -27.61 24.22 22.73
N VAL B 142 -28.39 24.25 21.65
CA VAL B 142 -27.79 24.32 20.32
C VAL B 142 -27.07 25.64 20.11
N SER B 143 -27.71 26.75 20.49
CA SER B 143 -27.05 28.05 20.38
C SER B 143 -25.80 28.10 21.24
N CYS B 144 -25.90 27.64 22.48
CA CYS B 144 -24.73 27.61 23.37
C CYS B 144 -23.58 26.85 22.73
N THR B 145 -23.87 25.68 22.15
CA THR B 145 -22.81 24.89 21.52
C THR B 145 -22.24 25.63 20.30
N HIS B 146 -23.11 26.21 19.47
CA HIS B 146 -22.64 26.99 18.33
C HIS B 146 -21.63 28.06 18.78
N PHE B 147 -21.96 28.79 19.84
CA PHE B 147 -21.07 29.86 20.29
C PHE B 147 -19.76 29.30 20.84
N GLN B 148 -19.82 28.15 21.52
CA GLN B 148 -18.58 27.51 21.97
C GLN B 148 -17.76 27.03 20.77
N CYS B 149 -18.42 26.53 19.73
CA CYS B 149 -17.71 26.15 18.52
C CYS B 149 -17.06 27.36 17.86
N ALA B 150 -17.80 28.47 17.79
CA ALA B 150 -17.24 29.69 17.21
C ALA B 150 -16.02 30.14 18.00
N ALA B 151 -16.10 30.10 19.33
CA ALA B 151 -14.95 30.43 20.15
C ALA B 151 -13.81 29.45 19.93
N GLY B 152 -14.12 28.19 19.67
CA GLY B 152 -13.07 27.21 19.44
C GLY B 152 -12.35 27.40 18.13
N ALA B 153 -13.09 27.84 17.10
CA ALA B 153 -12.44 28.11 15.82
C ALA B 153 -11.55 29.34 15.90
N PHE B 154 -12.01 30.39 16.59
CA PHE B 154 -11.19 31.58 16.73
C PHE B 154 -10.00 31.35 17.65
N ALA B 155 -10.17 30.51 18.68
CA ALA B 155 -9.06 30.20 19.57
C ALA B 155 -7.99 29.39 18.85
N TYR B 156 -8.39 28.34 18.14
CA TYR B 156 -7.42 27.56 17.37
C TYR B 156 -6.66 28.45 16.39
N LEU B 157 -7.39 29.33 15.69
CA LEU B 157 -6.75 30.28 14.79
C LEU B 157 -5.70 31.11 15.53
N ARG B 158 -6.04 31.58 16.73
CA ARG B 158 -5.13 32.44 17.48
C ARG B 158 -3.87 31.69 17.91
N GLU B 159 -4.01 30.40 18.24
CA GLU B 159 -2.90 29.64 18.80
C GLU B 159 -1.99 29.07 17.70
N HIS B 160 -2.58 28.51 16.65
CA HIS B 160 -1.83 27.77 15.64
C HIS B 160 -1.48 28.58 14.41
N PHE B 161 -2.00 29.81 14.29
CA PHE B 161 -1.61 30.73 13.23
C PHE B 161 -1.18 32.06 13.87
N PRO B 162 -0.13 32.03 14.69
CA PRO B 162 0.26 33.26 15.42
C PRO B 162 0.64 34.40 14.50
N GLN B 163 1.30 34.11 13.38
CA GLN B 163 1.54 35.13 12.37
C GLN B 163 0.21 35.51 11.74
N ALA B 164 -0.23 36.73 11.97
CA ALA B 164 -1.51 37.20 11.46
C ALA B 164 -1.38 37.47 9.97
N TYR B 165 -2.13 36.73 9.15
CA TYR B 165 -2.11 36.97 7.71
C TYR B 165 -2.81 38.27 7.34
N SER B 166 -3.76 38.71 8.16
CA SER B 166 -4.41 39.99 7.96
C SER B 166 -4.91 40.49 9.32
N VAL B 167 -5.19 41.78 9.39
CA VAL B 167 -5.50 42.43 10.67
C VAL B 167 -6.80 41.93 11.27
N ASP B 168 -7.71 41.39 10.45
CA ASP B 168 -8.94 40.82 10.99
C ASP B 168 -8.71 39.54 11.75
N MET B 169 -7.52 38.95 11.66
CA MET B 169 -7.17 37.72 12.35
C MET B 169 -5.97 37.93 13.28
N SER B 170 -5.76 39.16 13.73
CA SER B 170 -4.70 39.43 14.68
C SER B 170 -5.07 38.86 16.06
N ARG B 171 -4.06 38.71 16.91
CA ARG B 171 -4.29 38.10 18.21
C ARG B 171 -5.28 38.91 19.04
N GLN B 172 -5.16 40.24 19.00
CA GLN B 172 -6.06 41.09 19.79
C GLN B 172 -7.51 40.91 19.35
N ILE B 173 -7.74 40.88 18.03
CA ILE B 173 -9.11 40.81 17.52
C ILE B 173 -9.70 39.43 17.75
N LEU B 174 -8.91 38.38 17.56
CA LEU B 174 -9.42 37.04 17.81
C LEU B 174 -9.75 36.82 19.28
N THR B 175 -8.96 37.41 20.18
CA THR B 175 -9.27 37.35 21.61
C THR B 175 -10.60 38.04 21.89
N LEU B 176 -10.86 39.17 21.23
CA LEU B 176 -12.16 39.81 21.34
C LEU B 176 -13.27 38.86 20.92
N ASN B 177 -13.11 38.21 19.77
CA ASN B 177 -14.14 37.31 19.27
C ASN B 177 -14.38 36.16 20.25
N VAL B 178 -13.30 35.55 20.73
CA VAL B 178 -13.44 34.42 21.65
C VAL B 178 -14.23 34.84 22.89
N ASN B 179 -13.82 35.93 23.53
CA ASN B 179 -14.49 36.37 24.75
C ASN B 179 -15.94 36.73 24.49
N LEU B 180 -16.22 37.34 23.33
CA LEU B 180 -17.61 37.65 23.00
C LEU B 180 -18.42 36.38 22.78
N MET B 181 -17.84 35.38 22.11
CA MET B 181 -18.58 34.15 21.85
C MET B 181 -18.78 33.35 23.13
N LEU B 182 -17.81 33.37 24.04
CA LEU B 182 -17.99 32.68 25.32
C LEU B 182 -19.01 33.39 26.19
N GLY B 183 -19.04 34.72 26.14
CA GLY B 183 -20.06 35.45 26.87
C GLY B 183 -21.46 35.12 26.38
N GLN B 184 -21.62 34.99 25.07
CA GLN B 184 -22.92 34.64 24.51
C GLN B 184 -23.27 33.17 24.74
N ALA B 185 -22.25 32.30 24.75
CA ALA B 185 -22.48 30.90 25.10
C ALA B 185 -22.91 30.77 26.56
N GLN B 186 -22.17 31.42 27.47
CA GLN B 186 -22.54 31.40 28.87
C GLN B 186 -23.94 31.98 29.06
N GLU B 187 -24.29 33.01 28.28
CA GLU B 187 -25.62 33.61 28.38
C GLU B 187 -26.70 32.59 28.05
N CYS B 188 -26.52 31.83 26.97
CA CYS B 188 -27.49 30.80 26.62
C CYS B 188 -27.64 29.79 27.76
N LEU B 189 -26.51 29.40 28.36
CA LEU B 189 -26.56 28.43 29.47
C LEU B 189 -27.26 29.03 30.67
N LEU B 190 -27.08 30.34 30.91
CA LEU B 190 -27.81 31.00 31.97
C LEU B 190 -29.31 30.89 31.74
N GLU B 191 -29.76 31.15 30.51
CA GLU B 191 -31.18 31.00 30.18
C GLU B 191 -31.64 29.57 30.43
N LYS B 192 -30.79 28.59 30.14
CA LYS B 192 -31.12 27.19 30.43
C LYS B 192 -31.25 26.95 31.93
N SER B 193 -30.30 27.46 32.71
CA SER B 193 -30.31 27.22 34.15
C SER B 193 -31.55 27.81 34.81
N MET B 194 -32.12 28.87 34.22
CA MET B 194 -33.32 29.48 34.78
C MET B 194 -34.56 28.69 34.39
N LEU B 195 -34.66 28.28 33.13
CA LEU B 195 -35.83 27.50 32.71
C LEU B 195 -35.91 26.19 33.48
N ASP B 196 -34.77 25.60 33.82
CA ASP B 196 -34.74 24.44 34.69
C ASP B 196 -34.90 24.81 36.16
N ASN B 197 -34.98 26.09 36.48
CA ASN B 197 -35.01 26.59 37.86
C ASN B 197 -33.94 25.88 38.70
N ARG B 198 -32.69 26.09 38.30
CA ARG B 198 -31.57 25.57 39.06
C ARG B 198 -31.45 26.33 40.38
N LYS B 199 -30.64 25.76 41.29
CA LYS B 199 -30.36 26.38 42.57
C LYS B 199 -29.97 27.84 42.38
N SER B 200 -30.58 28.72 43.19
CA SER B 200 -30.44 30.15 42.99
C SER B 200 -28.98 30.58 43.01
N PHE B 201 -28.22 30.11 43.99
CA PHE B 201 -26.80 30.46 44.04
C PHE B 201 -26.07 30.03 42.77
N LEU B 202 -26.57 28.98 42.12
CA LEU B 202 -25.97 28.52 40.87
C LEU B 202 -26.20 29.53 39.75
N VAL B 203 -27.44 29.99 39.59
CA VAL B 203 -27.76 30.96 38.56
C VAL B 203 -26.95 32.23 38.76
N ALA B 204 -26.83 32.69 40.01
CA ALA B 204 -26.08 33.91 40.28
C ALA B 204 -24.64 33.80 39.81
N ARG B 205 -23.99 32.66 40.08
CA ARG B 205 -22.61 32.46 39.64
C ARG B 205 -22.53 32.40 38.11
N ILE B 206 -23.47 31.69 37.49
CA ILE B 206 -23.50 31.62 36.03
C ILE B 206 -23.67 33.01 35.43
N SER B 207 -24.61 33.79 35.99
CA SER B 207 -24.83 35.14 35.50
C SER B 207 -23.61 36.02 35.73
N ALA B 208 -22.96 35.88 36.89
CA ALA B 208 -21.77 36.68 37.16
C ALA B 208 -20.65 36.38 36.17
N GLN B 209 -20.60 35.15 35.65
CA GLN B 209 -19.58 34.84 34.65
C GLN B 209 -19.94 35.45 33.30
N VAL B 210 -21.22 35.59 32.99
CA VAL B 210 -21.63 36.32 31.80
C VAL B 210 -21.04 37.72 31.83
N VAL B 211 -21.15 38.39 32.98
CA VAL B 211 -20.57 39.73 33.13
C VAL B 211 -19.07 39.69 32.87
N ASP B 212 -18.38 38.71 33.43
CA ASP B 212 -16.92 38.67 33.33
C ASP B 212 -16.46 38.55 31.88
N TYR B 213 -17.10 37.70 31.09
CA TYR B 213 -16.74 37.57 29.68
C TYR B 213 -17.00 38.87 28.93
N TYR B 214 -18.17 39.49 29.15
CA TYR B 214 -18.50 40.72 28.44
C TYR B 214 -17.62 41.89 28.87
N LYS B 215 -17.21 41.93 30.14
CA LYS B 215 -16.27 42.96 30.57
C LYS B 215 -14.94 42.82 29.82
N GLU B 216 -14.44 41.59 29.68
CA GLU B 216 -13.19 41.40 28.95
C GLU B 216 -13.35 41.76 27.49
N ALA B 217 -14.50 41.40 26.90
CA ALA B 217 -14.78 41.80 25.52
C ALA B 217 -14.88 43.31 25.41
N CYS B 218 -15.47 43.96 26.41
CA CYS B 218 -15.63 45.41 26.36
C CYS B 218 -14.29 46.12 26.52
N ARG B 219 -13.37 45.55 27.30
CA ARG B 219 -12.04 46.16 27.40
C ARG B 219 -11.34 46.16 26.07
N ALA B 220 -11.53 45.11 25.26
CA ALA B 220 -10.92 45.07 23.94
C ALA B 220 -11.62 46.03 22.99
N LEU B 221 -12.94 46.17 23.11
CA LEU B 221 -13.69 47.10 22.27
C LEU B 221 -13.30 48.54 22.54
N GLU B 222 -12.94 48.86 23.78
CA GLU B 222 -12.51 50.20 24.12
C GLU B 222 -11.05 50.46 23.76
N ASN B 223 -10.29 49.43 23.40
CA ASN B 223 -8.92 49.64 22.95
C ASN B 223 -8.94 50.47 21.67
N PRO B 224 -8.22 51.61 21.61
CA PRO B 224 -8.30 52.45 20.41
C PRO B 224 -7.91 51.73 19.12
N ASP B 225 -6.92 50.83 19.17
CA ASP B 225 -6.53 50.13 17.95
C ASP B 225 -7.66 49.27 17.42
N THR B 226 -8.44 48.66 18.31
CA THR B 226 -9.58 47.86 17.88
C THR B 226 -10.73 48.74 17.40
N ALA B 227 -10.93 49.88 18.05
CA ALA B 227 -12.01 50.78 17.66
C ALA B 227 -11.81 51.28 16.23
N SER B 228 -10.58 51.67 15.88
CA SER B 228 -10.34 52.19 14.54
C SER B 228 -10.39 51.10 13.49
N LEU B 229 -10.05 49.86 13.86
CA LEU B 229 -10.12 48.76 12.90
C LEU B 229 -11.56 48.36 12.61
N LEU B 230 -12.35 48.11 13.67
CA LEU B 230 -13.73 47.68 13.51
C LEU B 230 -14.65 48.82 13.10
N GLY B 231 -14.28 50.06 13.37
CA GLY B 231 -15.12 51.18 12.96
C GLY B 231 -16.49 51.11 13.59
N ARG B 232 -17.53 51.30 12.76
CA ARG B 232 -18.89 51.30 13.26
C ARG B 232 -19.27 49.98 13.91
N ILE B 233 -18.61 48.88 13.54
CA ILE B 233 -18.90 47.60 14.18
C ILE B 233 -18.60 47.68 15.67
N GLN B 234 -17.49 48.32 16.03
CA GLN B 234 -17.15 48.48 17.44
C GLN B 234 -18.21 49.26 18.19
N LYS B 235 -18.82 50.26 17.53
CA LYS B 235 -19.89 51.02 18.18
C LYS B 235 -21.12 50.16 18.40
N ASP B 236 -21.50 49.35 17.42
CA ASP B 236 -22.67 48.49 17.56
C ASP B 236 -22.46 47.46 18.68
N TRP B 237 -21.31 46.80 18.68
CA TRP B 237 -21.03 45.79 19.69
C TRP B 237 -20.96 46.41 21.09
N LYS B 238 -20.27 47.53 21.23
CA LYS B 238 -20.06 48.11 22.55
C LYS B 238 -21.39 48.49 23.20
N LYS B 239 -22.30 49.08 22.43
CA LYS B 239 -23.61 49.46 22.97
C LYS B 239 -24.31 48.27 23.60
N LEU B 240 -24.34 47.15 22.88
CA LEU B 240 -25.04 45.96 23.38
C LEU B 240 -24.27 45.34 24.56
N VAL B 241 -22.95 45.24 24.44
CA VAL B 241 -22.16 44.55 25.46
C VAL B 241 -22.19 45.34 26.76
N GLN B 242 -21.99 46.66 26.68
CA GLN B 242 -21.98 47.47 27.89
C GLN B 242 -23.32 47.39 28.62
N MET B 243 -24.41 47.38 27.87
CA MET B 243 -25.73 47.22 28.49
C MET B 243 -25.86 45.85 29.13
N LYS B 244 -25.38 44.81 28.44
CA LYS B 244 -25.47 43.46 28.98
C LYS B 244 -24.65 43.29 30.26
N ILE B 245 -23.55 44.03 30.38
CA ILE B 245 -22.72 43.96 31.58
C ILE B 245 -23.55 44.29 32.82
N TYR B 246 -24.31 45.39 32.75
CA TYR B 246 -25.12 45.79 33.89
C TYR B 246 -26.38 44.94 34.02
N TYR B 247 -26.98 44.54 32.89
CA TYR B 247 -28.18 43.70 32.96
C TYR B 247 -27.90 42.40 33.69
N PHE B 248 -26.83 41.69 33.31
CA PHE B 248 -26.55 40.39 33.92
C PHE B 248 -25.91 40.51 35.29
N ALA B 249 -25.37 41.69 35.64
CA ALA B 249 -24.99 41.93 37.03
C ALA B 249 -26.23 42.06 37.90
N ALA B 250 -27.29 42.69 37.36
CA ALA B 250 -28.56 42.76 38.07
C ALA B 250 -29.17 41.38 38.23
N VAL B 251 -29.09 40.55 37.20
CA VAL B 251 -29.63 39.20 37.27
C VAL B 251 -28.88 38.40 38.33
N ALA B 252 -27.56 38.59 38.43
CA ALA B 252 -26.78 37.87 39.42
C ALA B 252 -27.23 38.22 40.84
N HIS B 253 -27.34 39.51 41.14
CA HIS B 253 -27.73 39.93 42.49
C HIS B 253 -29.19 39.62 42.76
N LEU B 254 -30.04 39.60 41.72
CA LEU B 254 -31.40 39.14 41.89
C LEU B 254 -31.43 37.75 42.50
N HIS B 255 -30.59 36.84 41.98
CA HIS B 255 -30.56 35.48 42.48
C HIS B 255 -29.75 35.34 43.75
N MET B 256 -28.81 36.24 44.01
CA MET B 256 -28.18 36.29 45.33
C MET B 256 -29.21 36.65 46.39
N GLY B 257 -30.15 37.54 46.06
CA GLY B 257 -31.22 37.86 46.97
C GLY B 257 -32.17 36.69 47.17
N LYS B 258 -32.41 35.93 46.10
CA LYS B 258 -33.20 34.71 46.23
C LYS B 258 -32.52 33.72 47.16
N GLN B 259 -31.18 33.62 47.09
CA GLN B 259 -30.46 32.73 47.98
C GLN B 259 -30.58 33.19 49.43
N ALA B 260 -30.37 34.50 49.66
CA ALA B 260 -30.53 35.05 51.00
C ALA B 260 -31.90 34.72 51.56
N GLU B 261 -32.94 34.90 50.73
CA GLU B 261 -34.30 34.52 51.13
C GLU B 261 -34.36 33.07 51.59
N GLU B 262 -33.67 32.17 50.88
CA GLU B 262 -33.71 30.76 51.22
C GLU B 262 -32.98 30.46 52.52
N GLN B 263 -31.93 31.22 52.82
CA GLN B 263 -31.19 31.07 54.06
C GLN B 263 -31.71 31.97 55.18
N GLN B 264 -32.85 32.63 54.96
CA GLN B 264 -33.46 33.50 55.97
C GLN B 264 -32.54 34.63 56.39
N LYS B 265 -31.74 35.13 55.45
CA LYS B 265 -30.99 36.38 55.64
C LYS B 265 -31.83 37.50 55.02
N PHE B 266 -32.81 37.95 55.79
CA PHE B 266 -33.83 38.86 55.24
C PHE B 266 -33.34 40.30 55.14
N GLY B 267 -32.33 40.68 55.90
CA GLY B 267 -31.69 41.97 55.69
C GLY B 267 -30.79 41.93 54.47
N GLU B 268 -30.01 40.86 54.35
CA GLU B 268 -29.20 40.67 53.16
C GLU B 268 -30.05 40.57 51.90
N ARG B 269 -31.26 40.03 52.04
CA ARG B 269 -32.16 39.86 50.90
C ARG B 269 -32.54 41.20 50.29
N VAL B 270 -32.88 42.20 51.12
CA VAL B 270 -33.27 43.49 50.57
C VAL B 270 -32.05 44.19 49.97
N ALA B 271 -30.87 43.99 50.55
CA ALA B 271 -29.67 44.63 50.02
C ALA B 271 -29.37 44.17 48.61
N TYR B 272 -29.50 42.87 48.34
CA TYR B 272 -29.21 42.35 47.00
C TYR B 272 -30.26 42.80 45.99
N PHE B 273 -31.53 42.82 46.38
CA PHE B 273 -32.57 43.30 45.49
C PHE B 273 -32.42 44.79 45.22
N GLN B 274 -32.04 45.56 46.24
CA GLN B 274 -31.77 46.98 46.04
C GLN B 274 -30.63 47.17 45.05
N SER B 275 -29.56 46.39 45.21
CA SER B 275 -28.43 46.45 44.28
C SER B 275 -28.85 46.01 42.88
N ALA B 276 -29.59 44.90 42.80
CA ALA B 276 -30.07 44.44 41.50
C ALA B 276 -30.89 45.51 40.79
N LEU B 277 -31.73 46.22 41.55
CA LEU B 277 -32.56 47.27 40.94
C LEU B 277 -31.71 48.42 40.43
N ASP B 278 -30.67 48.81 41.20
CA ASP B 278 -29.81 49.91 40.76
C ASP B 278 -29.03 49.53 39.50
N LYS B 279 -28.50 48.31 39.45
CA LYS B 279 -27.76 47.88 38.27
C LYS B 279 -28.67 47.80 37.04
N LEU B 280 -29.90 47.34 37.23
CA LEU B 280 -30.83 47.26 36.10
C LEU B 280 -31.17 48.66 35.58
N ASN B 281 -31.36 49.62 36.48
CA ASN B 281 -31.67 50.97 36.05
C ASN B 281 -30.53 51.58 35.24
N GLU B 282 -29.29 51.18 35.52
CA GLU B 282 -28.17 51.62 34.69
C GLU B 282 -28.20 50.93 33.34
N ALA B 283 -28.56 49.65 33.31
CA ALA B 283 -28.72 48.96 32.04
C ALA B 283 -29.82 49.61 31.19
N ILE B 284 -30.92 50.01 31.84
CA ILE B 284 -31.99 50.68 31.11
C ILE B 284 -31.49 52.01 30.54
N LYS B 285 -30.71 52.75 31.33
CA LYS B 285 -30.12 53.99 30.83
C LYS B 285 -29.23 53.72 29.62
N LEU B 286 -28.38 52.71 29.70
CA LEU B 286 -27.49 52.37 28.60
C LEU B 286 -28.23 51.80 27.40
N ALA B 287 -29.44 51.30 27.60
CA ALA B 287 -30.20 50.65 26.53
C ALA B 287 -31.05 51.62 25.72
N LYS B 288 -30.96 52.92 25.99
CA LYS B 288 -31.79 53.88 25.27
C LYS B 288 -31.43 53.88 23.80
N GLY B 289 -32.46 53.83 22.94
CA GLY B 289 -32.27 53.76 21.51
C GLY B 289 -32.09 52.36 20.96
N GLN B 290 -32.04 51.34 21.83
CA GLN B 290 -31.87 49.97 21.36
C GLN B 290 -33.23 49.35 21.08
N PRO B 291 -33.26 48.32 20.23
CA PRO B 291 -34.55 47.78 19.75
C PRO B 291 -35.41 47.22 20.88
N ASP B 292 -36.66 46.92 20.51
CA ASP B 292 -37.64 46.47 21.49
C ASP B 292 -37.27 45.13 22.10
N THR B 293 -36.56 44.27 21.35
CA THR B 293 -36.07 43.02 21.92
C THR B 293 -35.32 43.29 23.22
N VAL B 294 -34.45 44.30 23.22
CA VAL B 294 -33.71 44.66 24.43
C VAL B 294 -34.66 45.25 25.47
N GLN B 295 -35.52 46.17 25.06
CA GLN B 295 -36.39 46.85 26.02
C GLN B 295 -37.35 45.88 26.70
N ASP B 296 -37.87 44.91 25.95
CA ASP B 296 -38.81 43.96 26.52
C ASP B 296 -38.16 43.12 27.61
N ALA B 297 -36.91 42.71 27.41
CA ALA B 297 -36.20 41.95 28.43
C ALA B 297 -35.98 42.80 29.68
N LEU B 298 -35.56 44.05 29.49
CA LEU B 298 -35.32 44.93 30.64
C LEU B 298 -36.62 45.22 31.38
N ARG B 299 -37.66 45.58 30.64
CA ARG B 299 -38.96 45.83 31.26
C ARG B 299 -39.44 44.61 32.04
N PHE B 300 -39.32 43.43 31.44
CA PHE B 300 -39.74 42.20 32.11
C PHE B 300 -38.95 42.00 33.41
N THR B 301 -37.64 42.24 33.36
CA THR B 301 -36.82 42.02 34.55
C THR B 301 -37.08 43.08 35.61
N MET B 302 -37.47 44.29 35.20
CA MET B 302 -37.78 45.34 36.16
C MET B 302 -39.02 44.97 36.98
N ASP B 303 -40.02 44.38 36.33
CA ASP B 303 -41.19 43.88 37.07
C ASP B 303 -40.77 42.85 38.11
N VAL B 304 -39.93 41.89 37.71
CA VAL B 304 -39.47 40.86 38.64
C VAL B 304 -38.74 41.50 39.82
N ILE B 305 -37.68 42.24 39.53
CA ILE B 305 -36.84 42.79 40.59
C ILE B 305 -37.66 43.76 41.45
N GLY B 306 -38.42 44.66 40.82
CA GLY B 306 -39.20 45.61 41.58
C GLY B 306 -40.19 44.93 42.51
N GLY B 307 -40.84 43.88 42.03
CA GLY B 307 -41.77 43.15 42.88
C GLY B 307 -41.08 42.44 44.04
N LYS B 308 -39.91 41.85 43.77
CA LYS B 308 -39.19 41.16 44.83
C LYS B 308 -38.62 42.13 45.85
N TYR B 309 -38.24 43.34 45.43
CA TYR B 309 -37.72 44.32 46.38
C TYR B 309 -38.80 44.76 47.35
N ASN B 310 -40.00 45.06 46.83
CA ASN B 310 -41.09 45.48 47.70
C ASN B 310 -41.45 44.39 48.70
N SER B 311 -41.45 43.14 48.26
CA SER B 311 -41.77 42.03 49.16
C SER B 311 -40.72 41.90 50.25
N ALA B 312 -39.44 41.96 49.88
CA ALA B 312 -38.38 41.79 50.86
C ALA B 312 -38.35 42.93 51.87
N LYS B 313 -38.53 44.16 51.40
CA LYS B 313 -38.49 45.31 52.30
C LYS B 313 -39.72 45.35 53.19
N LYS B 314 -40.87 44.88 52.70
CA LYS B 314 -42.05 44.81 53.55
C LYS B 314 -41.89 43.73 54.61
N ASP B 315 -41.35 42.57 54.24
CA ASP B 315 -41.10 41.52 55.21
C ASP B 315 -40.12 41.98 56.29
N ASN B 316 -39.04 42.65 55.88
CA ASN B 316 -38.03 43.08 56.84
C ASN B 316 -38.55 44.19 57.74
N ASP B 317 -39.36 45.10 57.19
CA ASP B 317 -39.80 46.25 57.97
C ASP B 317 -40.85 45.87 59.02
N PHE B 318 -41.66 44.85 58.74
CA PHE B 318 -42.78 44.50 59.63
C PHE B 318 -42.60 43.19 60.38
N ILE B 319 -41.65 42.34 59.99
CA ILE B 319 -41.53 41.02 60.61
C ILE B 319 -40.12 40.82 61.17
N TYR B 320 -39.11 40.90 60.32
CA TYR B 320 -37.78 40.43 60.68
C TYR B 320 -36.89 41.52 61.27
N HIS B 321 -37.02 42.77 60.82
CA HIS B 321 -36.29 43.89 61.41
C HIS B 321 -34.79 43.63 61.43
N GLU B 322 -34.25 43.08 60.35
CA GLU B 322 -32.83 42.82 60.26
C GLU B 322 -32.11 43.99 59.62
N ALA B 323 -30.86 44.20 60.03
CA ALA B 323 -30.06 45.28 59.46
C ALA B 323 -29.77 45.01 58.00
N VAL B 324 -29.86 46.06 57.18
CA VAL B 324 -29.57 45.98 55.75
C VAL B 324 -28.07 46.24 55.58
N PRO B 325 -27.25 45.24 55.29
CA PRO B 325 -25.81 45.46 55.20
C PRO B 325 -25.42 46.19 53.92
N ALA B 326 -24.32 46.93 54.01
CA ALA B 326 -23.75 47.55 52.82
C ALA B 326 -23.16 46.48 51.91
N LEU B 327 -23.00 46.83 50.63
CA LEU B 327 -22.59 45.83 49.65
C LEU B 327 -21.20 45.29 49.96
N ASP B 328 -20.27 46.16 50.33
CA ASP B 328 -18.89 45.74 50.56
C ASP B 328 -18.77 44.76 51.72
N THR B 329 -19.78 44.67 52.59
CA THR B 329 -19.73 43.72 53.69
C THR B 329 -19.93 42.28 53.21
N LEU B 330 -20.43 42.09 51.99
CA LEU B 330 -20.78 40.78 51.48
C LEU B 330 -19.72 40.31 50.49
N GLN B 331 -19.30 39.06 50.64
CA GLN B 331 -18.36 38.47 49.70
C GLN B 331 -18.92 38.58 48.28
N PRO B 332 -18.14 39.07 47.31
CA PRO B 332 -18.65 39.18 45.95
C PRO B 332 -18.96 37.82 45.34
N VAL B 333 -19.78 37.84 44.29
CA VAL B 333 -20.13 36.63 43.56
C VAL B 333 -19.01 36.34 42.56
N LYS B 334 -18.44 35.15 42.65
CA LYS B 334 -17.40 34.72 41.70
C LYS B 334 -18.06 33.98 40.55
N GLY B 335 -17.67 34.33 39.33
CA GLY B 335 -18.27 33.72 38.15
C GLY B 335 -17.86 32.27 38.01
N ALA B 336 -18.79 31.47 37.48
CA ALA B 336 -18.55 30.05 37.20
C ALA B 336 -18.50 29.83 35.70
N PRO B 337 -17.30 29.76 35.08
CA PRO B 337 -17.23 29.43 33.66
C PRO B 337 -17.59 27.98 33.36
N LEU B 338 -18.75 27.77 32.74
CA LEU B 338 -19.22 26.45 32.37
C LEU B 338 -19.15 26.21 30.87
N VAL B 339 -18.51 27.11 30.13
CA VAL B 339 -18.34 27.00 28.68
C VAL B 339 -16.86 27.16 28.38
N LYS B 340 -16.46 26.73 27.19
CA LYS B 340 -15.08 26.88 26.78
C LYS B 340 -15.03 26.88 25.25
N PRO B 341 -13.94 27.38 24.67
CA PRO B 341 -13.71 27.19 23.23
C PRO B 341 -13.49 25.72 22.90
N LEU B 342 -14.43 25.11 22.21
CA LEU B 342 -14.34 23.67 21.97
C LEU B 342 -13.16 23.38 21.04
N PRO B 343 -12.25 22.48 21.42
CA PRO B 343 -11.05 22.27 20.60
C PRO B 343 -11.40 21.71 19.23
N VAL B 344 -10.55 22.02 18.26
CA VAL B 344 -10.69 21.56 16.89
C VAL B 344 -9.51 20.66 16.56
N ASN B 345 -9.79 19.49 15.97
CA ASN B 345 -8.77 18.62 15.39
C ASN B 345 -8.95 18.62 13.89
N PRO B 346 -8.25 19.48 13.15
CA PRO B 346 -8.54 19.60 11.70
C PRO B 346 -8.42 18.30 10.94
N THR B 347 -7.57 17.38 11.39
CA THR B 347 -7.30 16.14 10.67
C THR B 347 -7.99 14.93 11.31
N ASP B 348 -9.06 15.15 12.07
CA ASP B 348 -9.86 14.06 12.60
C ASP B 348 -10.51 13.32 11.42
N PRO B 349 -10.16 12.05 11.17
CA PRO B 349 -10.76 11.36 10.01
C PRO B 349 -12.28 11.29 10.05
N ALA B 350 -12.88 11.30 11.24
CA ALA B 350 -14.33 11.20 11.35
C ALA B 350 -15.05 12.43 10.78
N VAL B 351 -14.36 13.57 10.67
CA VAL B 351 -14.96 14.77 10.13
C VAL B 351 -14.42 15.10 8.74
N THR B 352 -13.20 14.69 8.42
CA THR B 352 -12.60 14.99 7.12
C THR B 352 -12.98 13.98 6.04
N GLY B 353 -13.40 12.78 6.43
CA GLY B 353 -13.58 11.71 5.48
C GLY B 353 -12.24 11.22 4.97
N PRO B 354 -12.27 10.26 4.05
CA PRO B 354 -11.01 9.73 3.50
C PRO B 354 -10.12 10.83 2.94
N ASP B 355 -8.81 10.64 3.11
CA ASP B 355 -7.83 11.57 2.56
C ASP B 355 -7.89 11.52 1.03
N ILE B 356 -8.21 12.65 0.41
CA ILE B 356 -8.33 12.71 -1.04
C ILE B 356 -7.03 12.31 -1.72
N PHE B 357 -5.90 12.66 -1.11
CA PHE B 357 -4.60 12.53 -1.74
C PHE B 357 -3.79 11.35 -1.20
N ALA B 358 -4.47 10.25 -0.85
CA ALA B 358 -3.77 9.09 -0.32
C ALA B 358 -2.84 8.48 -1.35
N LYS B 359 -3.14 8.64 -2.64
CA LYS B 359 -2.34 8.01 -3.69
C LYS B 359 -1.02 8.72 -3.94
N LEU B 360 -0.85 9.95 -3.46
CA LEU B 360 0.40 10.67 -3.67
C LEU B 360 1.45 10.14 -2.70
N VAL B 361 2.68 10.67 -2.83
CA VAL B 361 3.77 10.29 -1.94
C VAL B 361 4.03 8.80 -2.05
N MET C 1 14.67 -28.08 20.40
CA MET C 1 14.55 -28.62 19.01
C MET C 1 15.39 -27.82 18.02
N GLU C 2 15.88 -26.65 18.45
CA GLU C 2 16.76 -25.86 17.60
C GLU C 2 18.00 -26.63 17.20
N ALA C 3 18.49 -27.52 18.08
CA ALA C 3 19.72 -28.26 17.85
C ALA C 3 19.45 -29.68 17.37
N VAL C 4 18.23 -29.99 16.93
CA VAL C 4 17.94 -31.36 16.48
C VAL C 4 18.81 -31.70 15.28
N PRO C 5 19.47 -32.85 15.26
CA PRO C 5 20.18 -33.26 14.04
C PRO C 5 19.26 -33.26 12.84
N ARG C 6 19.77 -32.80 11.70
CA ARG C 6 18.96 -32.61 10.50
C ARG C 6 18.83 -33.92 9.74
N MET C 7 17.62 -34.21 9.28
CA MET C 7 17.36 -35.44 8.54
C MET C 7 18.08 -35.42 7.19
N PRO C 8 18.44 -36.59 6.66
CA PRO C 8 18.95 -36.65 5.29
C PRO C 8 17.85 -36.44 4.27
N MET C 9 18.25 -35.94 3.10
CA MET C 9 17.32 -35.58 2.04
C MET C 9 17.56 -36.43 0.80
N ILE C 10 16.50 -36.61 0.02
CA ILE C 10 16.55 -37.37 -1.22
C ILE C 10 16.87 -36.42 -2.37
N TRP C 11 17.66 -36.90 -3.32
CA TRP C 11 17.97 -36.15 -4.52
C TRP C 11 17.94 -37.09 -5.72
N LEU C 12 17.69 -36.52 -6.89
CA LEU C 12 17.56 -37.28 -8.12
C LEU C 12 18.83 -37.16 -8.96
N ASP C 13 19.17 -38.23 -9.65
CA ASP C 13 20.30 -38.22 -10.57
C ASP C 13 19.94 -37.51 -11.85
N LEU C 14 20.96 -36.98 -12.53
CA LEU C 14 20.79 -36.36 -13.83
C LEU C 14 20.79 -37.40 -14.94
N LYS C 15 19.99 -37.13 -15.97
CA LYS C 15 19.97 -37.98 -17.15
C LYS C 15 21.23 -37.76 -17.99
N GLU C 16 21.63 -38.81 -18.68
CA GLU C 16 22.81 -38.78 -19.54
C GLU C 16 22.39 -38.50 -20.97
N ALA C 17 23.09 -37.58 -21.63
CA ALA C 17 22.72 -37.15 -22.97
C ALA C 17 23.44 -37.96 -24.03
N GLY C 18 22.76 -38.14 -25.16
CA GLY C 18 23.34 -38.73 -26.36
C GLY C 18 23.67 -37.67 -27.39
N ASP C 19 23.38 -37.98 -28.65
CA ASP C 19 23.69 -37.07 -29.74
C ASP C 19 22.52 -36.14 -30.02
N PHE C 20 22.85 -34.92 -30.46
CA PHE C 20 21.89 -33.94 -30.98
C PHE C 20 22.64 -33.15 -32.05
N HIS C 21 22.72 -33.73 -33.26
CA HIS C 21 23.49 -33.15 -34.35
C HIS C 21 22.61 -32.18 -35.13
N PHE C 22 22.44 -30.99 -34.55
CA PHE C 22 21.57 -29.98 -35.15
C PHE C 22 22.25 -29.18 -36.26
N GLN C 23 23.59 -29.13 -36.28
CA GLN C 23 24.27 -28.28 -37.25
C GLN C 23 23.92 -28.63 -38.69
N PRO C 24 23.98 -29.89 -39.12
CA PRO C 24 23.64 -30.17 -40.53
C PRO C 24 22.23 -29.76 -40.90
N ALA C 25 21.27 -29.93 -40.00
CA ALA C 25 19.88 -29.61 -40.34
C ALA C 25 19.66 -28.11 -40.46
N VAL C 26 20.25 -27.33 -39.56
CA VAL C 26 20.09 -25.88 -39.61
C VAL C 26 20.65 -25.33 -40.91
N LYS C 27 21.84 -25.80 -41.32
CA LYS C 27 22.41 -25.35 -42.57
C LYS C 27 21.59 -25.83 -43.77
N LYS C 28 21.19 -27.10 -43.75
CA LYS C 28 20.27 -27.62 -44.76
C LYS C 28 19.06 -26.70 -44.89
N PHE C 29 18.50 -26.28 -43.76
CA PHE C 29 17.27 -25.50 -43.78
C PHE C 29 17.50 -24.09 -44.32
N VAL C 30 18.60 -23.45 -43.90
CA VAL C 30 18.83 -22.07 -44.27
C VAL C 30 19.12 -21.95 -45.77
N LEU C 31 19.93 -22.86 -46.32
CA LEU C 31 20.16 -22.87 -47.76
C LEU C 31 18.85 -23.06 -48.51
N LYS C 32 18.12 -24.12 -48.20
CA LYS C 32 16.94 -24.49 -48.98
C LYS C 32 15.84 -23.45 -48.83
N ASN C 33 15.63 -22.94 -47.62
CA ASN C 33 14.52 -22.04 -47.36
C ASN C 33 14.88 -20.56 -47.52
N TYR C 34 16.10 -20.17 -47.14
CA TYR C 34 16.52 -18.78 -47.26
C TYR C 34 17.35 -18.52 -48.51
N GLY C 35 17.86 -19.55 -49.17
CA GLY C 35 18.73 -19.35 -50.32
C GLY C 35 20.02 -18.64 -49.97
N GLU C 36 20.50 -18.79 -48.74
CA GLU C 36 21.70 -18.11 -48.27
C GLU C 36 22.79 -19.11 -47.95
N ASN C 37 24.01 -18.59 -47.86
CA ASN C 37 25.17 -19.38 -47.46
C ASN C 37 25.03 -19.78 -45.99
N PRO C 38 25.03 -21.08 -45.66
CA PRO C 38 24.89 -21.44 -44.24
C PRO C 38 26.04 -20.96 -43.39
N GLU C 39 27.26 -20.95 -43.95
CA GLU C 39 28.45 -20.66 -43.18
C GLU C 39 28.44 -19.26 -42.61
N ALA C 40 27.55 -18.38 -43.07
CA ALA C 40 27.39 -17.08 -42.45
C ALA C 40 26.89 -17.21 -41.01
N TYR C 41 26.18 -18.31 -40.71
CA TYR C 41 25.64 -18.55 -39.38
C TYR C 41 26.49 -19.51 -38.56
N ASN C 42 27.69 -19.86 -39.03
CA ASN C 42 28.55 -20.77 -38.30
C ASN C 42 28.77 -20.30 -36.87
N GLU C 43 28.85 -18.99 -36.67
CA GLU C 43 29.13 -18.46 -35.33
C GLU C 43 27.97 -18.70 -34.39
N GLU C 44 26.73 -18.62 -34.89
CA GLU C 44 25.57 -18.93 -34.05
C GLU C 44 25.48 -20.42 -33.77
N LEU C 45 25.86 -21.26 -34.73
CA LEU C 45 25.84 -22.70 -34.51
C LEU C 45 26.94 -23.11 -33.52
N LYS C 46 28.10 -22.47 -33.60
CA LYS C 46 29.22 -22.85 -32.73
C LYS C 46 28.97 -22.45 -31.29
N LYS C 47 28.24 -21.36 -31.07
CA LYS C 47 27.93 -20.96 -29.70
C LYS C 47 26.94 -21.92 -29.05
N LEU C 48 25.95 -22.38 -29.81
CA LEU C 48 25.00 -23.35 -29.25
C LEU C 48 25.69 -24.67 -28.96
N GLU C 49 26.60 -25.09 -29.84
CA GLU C 49 27.33 -26.34 -29.60
C GLU C 49 28.13 -26.26 -28.31
N LEU C 50 28.87 -25.17 -28.11
CA LEU C 50 29.61 -24.99 -26.87
C LEU C 50 28.67 -24.96 -25.67
N LEU C 51 27.48 -24.37 -25.84
CA LEU C 51 26.53 -24.29 -24.74
C LEU C 51 25.97 -25.66 -24.40
N ARG C 52 25.66 -26.49 -25.42
CA ARG C 52 25.17 -27.83 -25.15
C ARG C 52 26.22 -28.66 -24.43
N GLN C 53 27.45 -28.64 -24.94
CA GLN C 53 28.52 -29.43 -24.32
C GLN C 53 28.66 -29.11 -22.84
N ASN C 54 28.52 -27.83 -22.49
CA ASN C 54 28.54 -27.44 -21.08
C ASN C 54 27.32 -27.98 -20.34
N ALA C 55 26.14 -27.88 -20.96
CA ALA C 55 24.91 -28.27 -20.29
C ALA C 55 24.84 -29.78 -20.05
N VAL C 56 25.18 -30.58 -21.06
CA VAL C 56 25.08 -32.04 -20.91
C VAL C 56 26.21 -32.61 -20.08
N ARG C 57 27.23 -31.82 -19.76
CA ARG C 57 28.27 -32.19 -18.81
C ARG C 57 28.31 -31.19 -17.67
N VAL C 58 27.13 -30.77 -17.21
CA VAL C 58 27.06 -29.60 -16.33
C VAL C 58 27.80 -29.89 -15.03
N PRO C 59 28.60 -28.96 -14.51
CA PRO C 59 29.17 -29.17 -13.18
C PRO C 59 28.10 -29.13 -12.12
N ARG C 60 28.24 -29.98 -11.10
CA ARG C 60 27.23 -30.12 -10.05
C ARG C 60 27.46 -29.05 -8.98
N ASP C 61 27.14 -27.81 -9.35
CA ASP C 61 27.23 -26.68 -8.45
C ASP C 61 26.10 -25.70 -8.79
N PHE C 62 26.07 -24.59 -8.05
CA PHE C 62 25.01 -23.61 -8.26
C PHE C 62 25.10 -22.97 -9.64
N GLU C 63 26.31 -22.70 -10.11
CA GLU C 63 26.46 -22.08 -11.42
C GLU C 63 25.92 -22.98 -12.53
N GLY C 64 25.91 -24.29 -12.30
CA GLY C 64 25.37 -25.20 -13.31
C GLY C 64 23.92 -24.95 -13.64
N CYS C 65 23.14 -24.48 -12.65
CA CYS C 65 21.72 -24.22 -12.89
C CYS C 65 21.54 -23.14 -13.94
N SER C 66 22.38 -22.10 -13.92
CA SER C 66 22.30 -21.06 -14.94
C SER C 66 22.68 -21.60 -16.31
N VAL C 67 23.65 -22.51 -16.37
CA VAL C 67 24.03 -23.12 -17.63
C VAL C 67 22.84 -23.83 -18.26
N LEU C 68 22.09 -24.59 -17.46
CA LEU C 68 20.96 -25.34 -17.99
C LEU C 68 19.83 -24.42 -18.42
N ARG C 69 19.53 -23.39 -17.62
CA ARG C 69 18.47 -22.46 -18.01
C ARG C 69 18.84 -21.71 -19.29
N LYS C 70 20.11 -21.32 -19.40
CA LYS C 70 20.55 -20.60 -20.60
C LYS C 70 20.45 -21.49 -21.84
N TYR C 71 20.87 -22.74 -21.73
CA TYR C 71 20.72 -23.66 -22.86
C TYR C 71 19.26 -23.94 -23.15
N LEU C 72 18.45 -24.13 -22.09
CA LEU C 72 17.02 -24.37 -22.27
C LEU C 72 16.39 -23.23 -23.06
N GLY C 73 16.76 -21.99 -22.74
CA GLY C 73 16.18 -20.85 -23.44
C GLY C 73 16.62 -20.76 -24.88
N GLN C 74 17.92 -20.96 -25.14
CA GLN C 74 18.42 -20.90 -26.50
C GLN C 74 17.76 -21.94 -27.39
N LEU C 75 17.43 -23.11 -26.83
CA LEU C 75 16.71 -24.10 -27.62
C LEU C 75 15.35 -23.58 -28.04
N HIS C 76 14.65 -22.88 -27.14
CA HIS C 76 13.38 -22.24 -27.51
C HIS C 76 13.60 -21.25 -28.64
N TYR C 77 14.66 -20.44 -28.56
CA TYR C 77 14.93 -19.48 -29.63
C TYR C 77 15.22 -20.18 -30.94
N LEU C 78 15.97 -21.28 -30.91
CA LEU C 78 16.24 -22.02 -32.14
C LEU C 78 14.96 -22.60 -32.73
N GLN C 79 14.10 -23.17 -31.88
CA GLN C 79 12.86 -23.75 -32.36
C GLN C 79 11.91 -22.70 -32.93
N SER C 80 12.07 -21.43 -32.57
CA SER C 80 11.24 -20.38 -33.13
C SER C 80 11.63 -20.03 -34.55
N ARG C 81 12.88 -20.26 -34.93
CA ARG C 81 13.39 -19.91 -36.25
C ARG C 81 13.48 -21.09 -37.19
N VAL C 82 13.80 -22.28 -36.68
CA VAL C 82 14.04 -23.47 -37.48
C VAL C 82 13.08 -24.55 -37.01
N PRO C 83 12.27 -25.15 -37.89
CA PRO C 83 11.32 -26.16 -37.44
C PRO C 83 11.99 -27.50 -37.16
N MET C 84 12.28 -27.78 -35.90
CA MET C 84 12.98 -29.00 -35.50
C MET C 84 12.12 -29.85 -34.56
N GLY C 85 10.81 -29.63 -34.54
CA GLY C 85 9.92 -30.40 -33.70
C GLY C 85 9.45 -31.68 -34.39
N SER C 86 8.58 -32.40 -33.68
CA SER C 86 8.11 -33.69 -34.15
C SER C 86 7.50 -33.57 -35.54
N GLY C 87 8.03 -34.34 -36.49
CA GLY C 87 7.48 -34.38 -37.83
C GLY C 87 7.74 -33.14 -38.66
N GLN C 88 8.70 -32.32 -38.27
CA GLN C 88 8.97 -31.08 -38.97
C GLN C 88 10.19 -31.22 -39.88
N GLU C 89 10.39 -30.18 -40.70
CA GLU C 89 11.33 -30.28 -41.81
C GLU C 89 12.76 -30.50 -41.34
N ALA C 90 13.20 -29.73 -40.33
CA ALA C 90 14.59 -29.71 -39.92
C ALA C 90 14.85 -30.51 -38.65
N ALA C 91 14.02 -31.51 -38.36
CA ALA C 91 14.17 -32.29 -37.13
C ALA C 91 15.27 -33.34 -37.28
N VAL C 92 16.06 -33.50 -36.24
CA VAL C 92 17.12 -34.52 -36.21
C VAL C 92 16.92 -35.38 -34.98
N PRO C 93 17.50 -36.58 -34.97
CA PRO C 93 17.40 -37.44 -33.80
C PRO C 93 17.96 -36.77 -32.54
N VAL C 94 17.23 -36.91 -31.45
CA VAL C 94 17.67 -36.50 -30.12
C VAL C 94 17.67 -37.74 -29.25
N THR C 95 18.80 -38.06 -28.63
CA THR C 95 18.98 -39.28 -27.88
C THR C 95 19.37 -38.96 -26.44
N TRP C 96 18.64 -39.54 -25.50
CA TRP C 96 18.98 -39.47 -24.09
C TRP C 96 18.75 -40.83 -23.47
N THR C 97 19.38 -41.07 -22.34
CA THR C 97 19.26 -42.35 -21.63
C THR C 97 18.13 -42.25 -20.62
N GLU C 98 17.17 -43.15 -20.72
CA GLU C 98 16.13 -43.27 -19.71
C GLU C 98 16.77 -43.78 -18.42
N ILE C 99 16.61 -43.03 -17.34
CA ILE C 99 17.50 -43.18 -16.20
C ILE C 99 17.24 -44.47 -15.44
N PHE C 100 16.01 -44.98 -15.46
CA PHE C 100 15.69 -46.14 -14.62
C PHE C 100 15.98 -47.46 -15.33
N SER C 101 15.76 -47.54 -16.65
CA SER C 101 16.04 -48.76 -17.40
C SER C 101 17.38 -48.71 -18.12
N GLY C 102 17.96 -47.52 -18.30
CA GLY C 102 19.22 -47.40 -19.02
C GLY C 102 19.10 -47.43 -20.53
N LYS C 103 17.90 -47.63 -21.06
CA LYS C 103 17.71 -47.68 -22.51
C LYS C 103 18.01 -46.33 -23.13
N SER C 104 18.59 -46.36 -24.33
CA SER C 104 18.67 -45.17 -25.16
C SER C 104 17.31 -44.93 -25.80
N VAL C 105 16.80 -43.70 -25.65
CA VAL C 105 15.50 -43.32 -26.19
C VAL C 105 15.74 -42.15 -27.14
N ALA C 106 15.28 -42.30 -28.38
CA ALA C 106 15.52 -41.33 -29.43
C ALA C 106 14.20 -40.76 -29.92
N HIS C 107 14.19 -39.43 -30.11
CA HIS C 107 13.05 -38.74 -30.71
C HIS C 107 13.59 -37.65 -31.64
N GLU C 108 13.05 -37.59 -32.85
CA GLU C 108 13.39 -36.52 -33.78
C GLU C 108 12.54 -35.29 -33.45
N ASP C 109 12.87 -34.67 -32.32
CA ASP C 109 12.03 -33.63 -31.74
C ASP C 109 12.88 -32.79 -30.80
N ILE C 110 13.09 -31.51 -31.15
CA ILE C 110 13.88 -30.63 -30.30
C ILE C 110 13.25 -30.46 -28.93
N LYS C 111 11.94 -30.70 -28.81
CA LYS C 111 11.28 -30.59 -27.50
C LYS C 111 11.75 -31.68 -26.54
N TYR C 112 12.20 -32.82 -27.07
CA TYR C 112 12.79 -33.85 -26.23
C TYR C 112 14.05 -33.34 -25.55
N GLU C 113 14.93 -32.69 -26.31
CA GLU C 113 16.11 -32.06 -25.72
C GLU C 113 15.71 -31.09 -24.60
N GLN C 114 14.74 -30.22 -24.89
CA GLN C 114 14.29 -29.26 -23.87
C GLN C 114 13.84 -29.97 -22.61
N ALA C 115 13.04 -31.02 -22.76
CA ALA C 115 12.48 -31.72 -21.61
C ALA C 115 13.58 -32.30 -20.73
N CYS C 116 14.56 -32.97 -21.34
CA CYS C 116 15.62 -33.60 -20.57
C CYS C 116 16.50 -32.56 -19.87
N ILE C 117 16.77 -31.44 -20.52
CA ILE C 117 17.49 -30.36 -19.85
C ILE C 117 16.68 -29.85 -18.67
N LEU C 118 15.36 -29.74 -18.83
CA LEU C 118 14.53 -29.28 -17.74
C LEU C 118 14.48 -30.30 -16.62
N TYR C 119 14.50 -31.59 -16.97
CA TYR C 119 14.58 -32.63 -15.95
C TYR C 119 15.88 -32.51 -15.15
N ASN C 120 17.01 -32.34 -15.85
CA ASN C 120 18.28 -32.22 -15.17
C ASN C 120 18.38 -30.96 -14.34
N LEU C 121 17.67 -29.89 -14.75
CA LEU C 121 17.61 -28.70 -13.92
C LEU C 121 16.95 -29.02 -12.58
N GLY C 122 15.88 -29.82 -12.60
CA GLY C 122 15.23 -30.19 -11.37
C GLY C 122 16.06 -31.15 -10.54
N ALA C 123 16.72 -32.10 -11.21
CA ALA C 123 17.61 -33.02 -10.51
C ALA C 123 18.77 -32.28 -9.87
N LEU C 124 19.42 -31.39 -10.63
CA LEU C 124 20.55 -30.65 -10.08
C LEU C 124 20.13 -29.85 -8.85
N HIS C 125 18.98 -29.17 -8.91
CA HIS C 125 18.50 -28.44 -7.74
C HIS C 125 18.31 -29.36 -6.56
N SER C 126 17.75 -30.54 -6.79
CA SER C 126 17.55 -31.49 -5.69
C SER C 126 18.89 -31.90 -5.08
N MET C 127 19.93 -32.02 -5.90
CA MET C 127 21.25 -32.34 -5.38
C MET C 127 21.78 -31.21 -4.51
N LEU C 128 21.74 -29.98 -5.03
CA LEU C 128 22.26 -28.83 -4.28
C LEU C 128 21.50 -28.65 -2.98
N GLY C 129 20.20 -28.91 -2.98
CA GLY C 129 19.43 -28.79 -1.76
C GLY C 129 19.81 -29.84 -0.74
N ALA C 130 20.14 -31.05 -1.20
CA ALA C 130 20.46 -32.16 -0.30
C ALA C 130 21.90 -32.15 0.20
N MET C 131 22.75 -31.28 -0.36
CA MET C 131 24.17 -31.28 -0.02
C MET C 131 24.50 -30.42 1.19
N ASP C 132 23.67 -29.42 1.51
CA ASP C 132 24.01 -28.49 2.57
C ASP C 132 23.80 -29.11 3.95
N LYS C 133 24.57 -28.63 4.93
CA LYS C 133 24.41 -29.09 6.30
C LYS C 133 23.10 -28.64 6.89
N ARG C 134 22.60 -27.48 6.47
CA ARG C 134 21.38 -26.88 7.04
C ARG C 134 21.55 -26.64 8.54
N VAL C 135 22.76 -26.28 8.94
CA VAL C 135 23.00 -25.87 10.33
C VAL C 135 22.57 -24.43 10.54
N SER C 136 22.89 -23.56 9.59
CA SER C 136 22.68 -22.12 9.74
C SER C 136 21.41 -21.68 9.03
N GLU C 137 20.98 -20.47 9.36
CA GLU C 137 19.80 -19.89 8.73
C GLU C 137 19.94 -19.86 7.20
N GLU C 138 21.12 -19.46 6.73
CA GLU C 138 21.35 -19.38 5.28
C GLU C 138 21.17 -20.76 4.63
N GLY C 139 21.80 -21.78 5.21
CA GLY C 139 21.71 -23.11 4.63
C GLY C 139 20.28 -23.59 4.50
N MET C 140 19.46 -23.33 5.52
CA MET C 140 18.07 -23.79 5.49
C MET C 140 17.27 -23.07 4.41
N LYS C 141 17.50 -21.77 4.24
CA LYS C 141 16.77 -21.03 3.22
C LYS C 141 17.24 -21.39 1.81
N VAL C 142 18.54 -21.57 1.63
CA VAL C 142 19.06 -21.94 0.32
C VAL C 142 18.57 -23.33 -0.06
N SER C 143 18.66 -24.28 0.87
CA SER C 143 18.16 -25.63 0.59
C SER C 143 16.66 -25.61 0.31
N CYS C 144 15.90 -24.86 1.11
CA CYS C 144 14.46 -24.76 0.87
C CYS C 144 14.18 -24.24 -0.53
N THR C 145 14.87 -23.18 -0.94
CA THR C 145 14.66 -22.62 -2.27
C THR C 145 15.05 -23.61 -3.36
N HIS C 146 16.18 -24.32 -3.17
CA HIS C 146 16.58 -25.34 -4.14
C HIS C 146 15.47 -26.35 -4.35
N PHE C 147 14.92 -26.90 -3.27
CA PHE C 147 13.89 -27.92 -3.39
C PHE C 147 12.63 -27.36 -4.04
N GLN C 148 12.32 -26.08 -3.81
CA GLN C 148 11.22 -25.46 -4.52
C GLN C 148 11.52 -25.31 -6.01
N CYS C 149 12.78 -24.97 -6.34
CA CYS C 149 13.17 -24.90 -7.75
C CYS C 149 13.06 -26.26 -8.40
N ALA C 150 13.50 -27.31 -7.71
CA ALA C 150 13.40 -28.66 -8.25
C ALA C 150 11.94 -29.01 -8.52
N ALA C 151 11.06 -28.74 -7.55
CA ALA C 151 9.64 -28.95 -7.75
C ALA C 151 9.13 -28.13 -8.93
N GLY C 152 9.64 -26.92 -9.09
CA GLY C 152 9.17 -26.07 -10.19
C GLY C 152 9.58 -26.59 -11.54
N ALA C 153 10.80 -27.11 -11.67
CA ALA C 153 11.24 -27.67 -12.93
C ALA C 153 10.46 -28.93 -13.29
N PHE C 154 10.21 -29.79 -12.30
CA PHE C 154 9.43 -30.99 -12.55
C PHE C 154 7.98 -30.65 -12.84
N ALA C 155 7.44 -29.63 -12.16
CA ALA C 155 6.07 -29.21 -12.41
C ALA C 155 5.91 -28.70 -13.84
N TYR C 156 6.76 -27.74 -14.24
CA TYR C 156 6.71 -27.22 -15.60
C TYR C 156 6.81 -28.34 -16.62
N LEU C 157 7.75 -29.27 -16.40
CA LEU C 157 7.88 -30.43 -17.28
C LEU C 157 6.57 -31.20 -17.37
N ARG C 158 5.86 -31.31 -16.25
CA ARG C 158 4.61 -32.08 -16.22
C ARG C 158 3.50 -31.37 -17.00
N GLU C 159 3.44 -30.04 -16.91
CA GLU C 159 2.34 -29.31 -17.54
C GLU C 159 2.58 -29.09 -19.03
N HIS C 160 3.79 -28.68 -19.41
CA HIS C 160 4.07 -28.22 -20.77
C HIS C 160 4.64 -29.30 -21.67
N PHE C 161 4.99 -30.47 -21.13
CA PHE C 161 5.41 -31.63 -21.92
C PHE C 161 4.53 -32.82 -21.56
N PRO C 162 3.21 -32.69 -21.74
CA PRO C 162 2.31 -33.76 -21.27
C PRO C 162 2.58 -35.10 -21.93
N GLN C 163 2.90 -35.10 -23.22
CA GLN C 163 3.37 -36.32 -23.87
C GLN C 163 4.71 -36.69 -23.25
N ALA C 164 4.75 -37.80 -22.51
CA ALA C 164 5.99 -38.24 -21.91
C ALA C 164 6.92 -38.79 -22.98
N TYR C 165 8.14 -38.25 -23.05
CA TYR C 165 9.12 -38.77 -23.98
C TYR C 165 9.78 -40.05 -23.49
N SER C 166 9.78 -40.26 -22.17
CA SER C 166 10.26 -41.51 -21.58
C SER C 166 9.56 -41.69 -20.24
N VAL C 167 9.62 -42.92 -19.73
CA VAL C 167 8.85 -43.26 -18.53
C VAL C 167 9.37 -42.55 -17.30
N ASP C 168 10.62 -42.09 -17.31
CA ASP C 168 11.15 -41.33 -16.18
C ASP C 168 10.59 -39.91 -16.11
N MET C 169 9.87 -39.46 -17.14
CA MET C 169 9.28 -38.14 -17.16
C MET C 169 7.77 -38.18 -17.34
N SER C 170 7.14 -39.30 -16.99
CA SER C 170 5.69 -39.41 -17.05
C SER C 170 5.04 -38.56 -15.95
N ARG C 171 3.78 -38.19 -16.18
CA ARG C 171 3.09 -37.34 -15.23
C ARG C 171 3.06 -37.96 -13.83
N GLN C 172 2.90 -39.29 -13.77
CA GLN C 172 2.77 -39.95 -12.48
C GLN C 172 4.08 -39.88 -11.68
N ILE C 173 5.21 -40.03 -12.36
CA ILE C 173 6.49 -39.97 -11.66
C ILE C 173 6.86 -38.52 -11.34
N LEU C 174 6.61 -37.60 -12.26
CA LEU C 174 6.90 -36.20 -11.99
C LEU C 174 6.08 -35.68 -10.82
N THR C 175 4.84 -36.15 -10.70
CA THR C 175 4.02 -35.77 -9.54
C THR C 175 4.64 -36.27 -8.25
N LEU C 176 5.20 -37.49 -8.28
CA LEU C 176 5.93 -38.00 -7.12
C LEU C 176 7.10 -37.08 -6.77
N ASN C 177 7.89 -36.71 -7.78
CA ASN C 177 9.04 -35.85 -7.53
C ASN C 177 8.62 -34.51 -6.96
N VAL C 178 7.57 -33.90 -7.53
CA VAL C 178 7.10 -32.60 -7.06
C VAL C 178 6.72 -32.68 -5.58
N ASN C 179 5.90 -33.67 -5.22
CA ASN C 179 5.47 -33.80 -3.83
C ASN C 179 6.64 -34.08 -2.91
N LEU C 180 7.59 -34.89 -3.37
CA LEU C 180 8.78 -35.15 -2.56
C LEU C 180 9.62 -33.89 -2.39
N MET C 181 9.81 -33.13 -3.46
CA MET C 181 10.62 -31.91 -3.37
C MET C 181 9.94 -30.85 -2.51
N LEU C 182 8.61 -30.76 -2.57
CA LEU C 182 7.91 -29.80 -1.73
C LEU C 182 7.91 -30.23 -0.26
N GLY C 183 7.82 -31.54 -0.01
CA GLY C 183 7.93 -32.02 1.35
C GLY C 183 9.28 -31.71 1.97
N GLN C 184 10.35 -31.85 1.18
CA GLN C 184 11.68 -31.52 1.69
C GLN C 184 11.88 -30.01 1.80
N ALA C 185 11.31 -29.24 0.87
CA ALA C 185 11.34 -27.78 1.00
C ALA C 185 10.63 -27.34 2.27
N GLN C 186 9.41 -27.85 2.49
CA GLN C 186 8.68 -27.53 3.72
C GLN C 186 9.46 -27.98 4.95
N GLU C 187 10.18 -29.10 4.85
CA GLU C 187 10.96 -29.57 5.99
C GLU C 187 12.08 -28.60 6.33
N CYS C 188 12.78 -28.08 5.32
CA CYS C 188 13.80 -27.07 5.56
C CYS C 188 13.22 -25.83 6.20
N LEU C 189 12.03 -25.42 5.75
CA LEU C 189 11.38 -24.26 6.34
C LEU C 189 10.97 -24.53 7.77
N LEU C 190 10.49 -25.74 8.06
CA LEU C 190 10.18 -26.12 9.44
C LEU C 190 11.41 -25.96 10.32
N GLU C 191 12.56 -26.42 9.85
CA GLU C 191 13.78 -26.29 10.64
C GLU C 191 14.11 -24.84 10.92
N LYS C 192 13.86 -23.95 9.95
CA LYS C 192 14.10 -22.53 10.18
C LYS C 192 13.09 -21.96 11.18
N SER C 193 11.82 -22.36 11.06
CA SER C 193 10.81 -21.82 11.96
C SER C 193 11.11 -22.16 13.41
N MET C 194 11.72 -23.32 13.66
CA MET C 194 12.06 -23.71 15.01
C MET C 194 13.31 -22.98 15.50
N LEU C 195 14.30 -22.80 14.63
CA LEU C 195 15.47 -22.02 15.01
C LEU C 195 15.12 -20.57 15.27
N ASP C 196 14.13 -20.03 14.54
CA ASP C 196 13.60 -18.71 14.84
C ASP C 196 12.73 -18.69 16.08
N ASN C 197 12.40 -19.86 16.64
CA ASN C 197 11.48 -19.96 17.77
C ASN C 197 10.18 -19.23 17.48
N ARG C 198 9.56 -19.60 16.35
CA ARG C 198 8.28 -19.05 15.97
C ARG C 198 7.18 -19.56 16.90
N LYS C 199 6.00 -18.98 16.76
CA LYS C 199 4.85 -19.39 17.56
C LYS C 199 4.62 -20.89 17.44
N SER C 200 4.36 -21.53 18.58
CA SER C 200 4.25 -22.99 18.61
C SER C 200 3.18 -23.49 17.64
N PHE C 201 2.03 -22.82 17.59
CA PHE C 201 1.00 -23.22 16.64
C PHE C 201 1.47 -23.04 15.21
N LEU C 202 2.34 -22.06 14.97
CA LEU C 202 2.91 -21.87 13.64
C LEU C 202 3.75 -23.08 13.24
N VAL C 203 4.61 -23.54 14.16
CA VAL C 203 5.47 -24.69 13.87
C VAL C 203 4.64 -25.94 13.66
N ALA C 204 3.61 -26.13 14.50
CA ALA C 204 2.77 -27.33 14.38
C ALA C 204 2.14 -27.42 12.99
N ARG C 205 1.59 -26.30 12.49
CA ARG C 205 0.95 -26.31 11.18
C ARG C 205 1.96 -26.55 10.06
N ILE C 206 3.15 -25.95 10.17
CA ILE C 206 4.19 -26.22 9.19
C ILE C 206 4.56 -27.69 9.18
N SER C 207 4.76 -28.27 10.38
CA SER C 207 5.14 -29.67 10.47
C SER C 207 4.03 -30.57 9.93
N ALA C 208 2.77 -30.24 10.22
CA ALA C 208 1.66 -31.04 9.72
C ALA C 208 1.63 -31.06 8.19
N GLN C 209 2.08 -29.98 7.56
CA GLN C 209 2.11 -29.96 6.10
C GLN C 209 3.26 -30.80 5.55
N VAL C 210 4.37 -30.90 6.29
CA VAL C 210 5.42 -31.83 5.90
C VAL C 210 4.86 -33.24 5.80
N VAL C 211 4.05 -33.63 6.79
CA VAL C 211 3.43 -34.95 6.77
C VAL C 211 2.56 -35.10 5.53
N ASP C 212 1.78 -34.06 5.19
CA ASP C 212 0.85 -34.18 4.09
C ASP C 212 1.57 -34.39 2.77
N TYR C 213 2.66 -33.66 2.54
CA TYR C 213 3.45 -33.86 1.32
C TYR C 213 4.02 -35.27 1.26
N TYR C 214 4.60 -35.74 2.36
CA TYR C 214 5.22 -37.07 2.36
C TYR C 214 4.17 -38.17 2.26
N LYS C 215 2.98 -37.95 2.81
CA LYS C 215 1.91 -38.92 2.62
C LYS C 215 1.54 -39.04 1.15
N GLU C 216 1.41 -37.91 0.45
CA GLU C 216 1.18 -37.93 -0.99
C GLU C 216 2.27 -38.71 -1.70
N ALA C 217 3.53 -38.42 -1.38
CA ALA C 217 4.64 -39.14 -1.99
C ALA C 217 4.59 -40.62 -1.63
N CYS C 218 4.20 -40.95 -0.41
CA CYS C 218 4.19 -42.34 0.03
C CYS C 218 3.12 -43.14 -0.68
N ARG C 219 1.97 -42.52 -0.96
CA ARG C 219 0.92 -43.23 -1.70
C ARG C 219 1.38 -43.57 -3.11
N ALA C 220 2.17 -42.69 -3.72
CA ALA C 220 2.72 -42.99 -5.05
C ALA C 220 3.80 -44.06 -4.96
N LEU C 221 4.62 -44.02 -3.91
CA LEU C 221 5.69 -45.00 -3.74
C LEU C 221 5.12 -46.39 -3.46
N GLU C 222 3.93 -46.47 -2.87
CA GLU C 222 3.29 -47.77 -2.65
C GLU C 222 2.56 -48.28 -3.88
N ASN C 223 2.33 -47.43 -4.88
CA ASN C 223 1.70 -47.88 -6.12
C ASN C 223 2.58 -48.93 -6.79
N PRO C 224 2.04 -50.10 -7.15
CA PRO C 224 2.88 -51.11 -7.81
C PRO C 224 3.57 -50.61 -9.07
N ASP C 225 2.91 -49.74 -9.84
CA ASP C 225 3.53 -49.23 -11.07
C ASP C 225 4.81 -48.48 -10.76
N THR C 226 4.81 -47.67 -9.69
CA THR C 226 6.01 -46.94 -9.32
C THR C 226 7.10 -47.88 -8.83
N ALA C 227 6.72 -48.93 -8.11
CA ALA C 227 7.70 -49.88 -7.59
C ALA C 227 8.45 -50.57 -8.71
N SER C 228 7.74 -50.99 -9.77
CA SER C 228 8.39 -51.71 -10.86
C SER C 228 9.25 -50.79 -11.72
N LEU C 229 8.88 -49.51 -11.82
CA LEU C 229 9.68 -48.57 -12.61
C LEU C 229 10.93 -48.14 -11.85
N LEU C 230 10.77 -47.66 -10.62
CA LEU C 230 11.90 -47.17 -9.85
C LEU C 230 12.76 -48.29 -9.29
N GLY C 231 12.19 -49.46 -9.05
CA GLY C 231 12.97 -50.57 -8.54
C GLY C 231 13.45 -50.31 -7.13
N ARG C 232 14.74 -50.57 -6.89
CA ARG C 232 15.31 -50.38 -5.56
C ARG C 232 15.22 -48.94 -5.10
N ILE C 233 15.10 -47.98 -6.02
CA ILE C 233 14.95 -46.58 -5.64
C ILE C 233 13.65 -46.40 -4.87
N GLN C 234 12.58 -47.09 -5.29
CA GLN C 234 11.32 -47.01 -4.59
C GLN C 234 11.44 -47.55 -3.16
N LYS C 235 12.25 -48.58 -2.98
CA LYS C 235 12.48 -49.13 -1.64
C LYS C 235 13.22 -48.12 -0.76
N ASP C 236 14.25 -47.47 -1.30
CA ASP C 236 15.01 -46.51 -0.53
C ASP C 236 14.15 -45.33 -0.09
N TRP C 237 13.44 -44.73 -1.05
CA TRP C 237 12.63 -43.55 -0.75
C TRP C 237 11.52 -43.88 0.25
N LYS C 238 10.81 -44.99 0.02
CA LYS C 238 9.67 -45.31 0.86
C LYS C 238 10.06 -45.55 2.31
N LYS C 239 11.25 -46.12 2.54
CA LYS C 239 11.71 -46.32 3.91
C LYS C 239 11.89 -44.99 4.63
N LEU C 240 12.51 -44.02 3.97
CA LEU C 240 12.76 -42.72 4.60
C LEU C 240 11.45 -41.92 4.71
N VAL C 241 10.62 -41.96 3.68
CA VAL C 241 9.42 -41.14 3.66
C VAL C 241 8.41 -41.64 4.70
N GLN C 242 8.23 -42.95 4.80
CA GLN C 242 7.30 -43.49 5.79
C GLN C 242 7.75 -43.14 7.20
N MET C 243 9.05 -43.20 7.46
CA MET C 243 9.57 -42.82 8.78
C MET C 243 9.34 -41.33 9.04
N LYS C 244 9.60 -40.49 8.03
CA LYS C 244 9.42 -39.05 8.20
C LYS C 244 7.96 -38.70 8.44
N ILE C 245 7.03 -39.49 7.90
CA ILE C 245 5.60 -39.22 8.10
C ILE C 245 5.28 -39.23 9.59
N TYR C 246 5.74 -40.25 10.31
CA TYR C 246 5.45 -40.34 11.73
C TYR C 246 6.33 -39.42 12.56
N TYR C 247 7.58 -39.21 12.13
CA TYR C 247 8.47 -38.29 12.85
C TYR C 247 7.87 -36.90 12.91
N PHE C 248 7.48 -36.34 11.76
CA PHE C 248 6.99 -34.98 11.74
C PHE C 248 5.54 -34.86 12.21
N ALA C 249 4.80 -35.96 12.24
CA ALA C 249 3.53 -35.97 12.96
C ALA C 249 3.76 -35.84 14.46
N ALA C 250 4.86 -36.43 14.96
CA ALA C 250 5.24 -36.26 16.35
C ALA C 250 5.69 -34.83 16.63
N VAL C 251 6.49 -34.25 15.73
CA VAL C 251 6.93 -32.87 15.89
C VAL C 251 5.73 -31.93 15.88
N ALA C 252 4.70 -32.25 15.10
CA ALA C 252 3.51 -31.41 15.07
C ALA C 252 2.80 -31.41 16.42
N HIS C 253 2.56 -32.60 16.98
CA HIS C 253 1.84 -32.69 18.24
C HIS C 253 2.68 -32.20 19.42
N LEU C 254 4.00 -32.37 19.33
CA LEU C 254 4.89 -31.74 20.32
C LEU C 254 4.59 -30.26 20.45
N HIS C 255 4.45 -29.57 19.31
CA HIS C 255 4.22 -28.13 19.34
C HIS C 255 2.75 -27.79 19.59
N MET C 256 1.83 -28.68 19.25
CA MET C 256 0.46 -28.53 19.71
C MET C 256 0.38 -28.60 21.24
N GLY C 257 1.21 -29.46 21.84
CA GLY C 257 1.26 -29.51 23.30
C GLY C 257 1.86 -28.26 23.89
N LYS C 258 2.85 -27.66 23.21
CA LYS C 258 3.41 -26.40 23.68
C LYS C 258 2.38 -25.29 23.61
N GLN C 259 1.56 -25.28 22.55
CA GLN C 259 0.49 -24.29 22.46
C GLN C 259 -0.50 -24.47 23.61
N ALA C 260 -0.98 -25.70 23.82
CA ALA C 260 -1.83 -25.97 24.97
C ALA C 260 -1.20 -25.45 26.25
N GLU C 261 0.10 -25.65 26.41
CA GLU C 261 0.81 -25.12 27.56
C GLU C 261 0.66 -23.60 27.64
N GLU C 262 0.80 -22.92 26.50
CA GLU C 262 0.69 -21.45 26.47
C GLU C 262 -0.73 -21.00 26.77
N GLN C 263 -1.73 -21.75 26.34
CA GLN C 263 -3.13 -21.44 26.63
C GLN C 263 -3.58 -22.03 27.95
N GLN C 264 -2.66 -22.64 28.72
CA GLN C 264 -2.96 -23.18 30.04
C GLN C 264 -4.04 -24.27 29.97
N LYS C 265 -4.05 -25.03 28.88
CA LYS C 265 -4.86 -26.25 28.77
C LYS C 265 -3.94 -27.42 29.12
N PHE C 266 -3.79 -27.66 30.42
CA PHE C 266 -2.75 -28.56 30.91
C PHE C 266 -3.13 -30.04 30.77
N GLY C 267 -4.42 -30.36 30.69
CA GLY C 267 -4.80 -31.72 30.35
C GLY C 267 -4.61 -32.00 28.87
N GLU C 268 -5.03 -31.06 28.03
CA GLU C 268 -4.77 -31.18 26.59
C GLU C 268 -3.27 -31.27 26.32
N ARG C 269 -2.46 -30.56 27.10
CA ARG C 269 -1.02 -30.60 26.95
C ARG C 269 -0.48 -32.01 27.13
N VAL C 270 -0.97 -32.73 28.14
CA VAL C 270 -0.53 -34.11 28.36
C VAL C 270 -0.95 -34.99 27.19
N ALA C 271 -2.14 -34.74 26.65
CA ALA C 271 -2.65 -35.59 25.56
C ALA C 271 -1.80 -35.44 24.30
N TYR C 272 -1.34 -34.22 24.00
CA TYR C 272 -0.53 -34.02 22.80
C TYR C 272 0.86 -34.60 22.96
N PHE C 273 1.47 -34.44 24.13
CA PHE C 273 2.80 -35.01 24.35
C PHE C 273 2.75 -36.53 24.39
N GLN C 274 1.69 -37.10 24.97
CA GLN C 274 1.51 -38.55 24.93
C GLN C 274 1.38 -39.01 23.48
N SER C 275 0.57 -38.32 22.69
CA SER C 275 0.43 -38.66 21.28
C SER C 275 1.75 -38.50 20.53
N ALA C 276 2.45 -37.39 20.77
CA ALA C 276 3.73 -37.17 20.11
C ALA C 276 4.72 -38.28 20.44
N LEU C 277 4.69 -38.77 21.68
CA LEU C 277 5.57 -39.85 22.09
C LEU C 277 5.23 -41.13 21.34
N ASP C 278 3.94 -41.44 21.20
CA ASP C 278 3.56 -42.64 20.47
C ASP C 278 3.92 -42.53 18.99
N LYS C 279 3.68 -41.37 18.38
CA LYS C 279 4.06 -41.16 16.99
C LYS C 279 5.55 -41.41 16.77
N LEU C 280 6.38 -40.90 17.67
CA LEU C 280 7.82 -41.01 17.51
C LEU C 280 8.29 -42.45 17.64
N ASN C 281 7.69 -43.22 18.57
CA ASN C 281 8.09 -44.61 18.76
C ASN C 281 7.82 -45.45 17.52
N GLU C 282 6.76 -45.13 16.77
CA GLU C 282 6.55 -45.78 15.49
C GLU C 282 7.61 -45.35 14.48
N ALA C 283 7.96 -44.05 14.48
CA ALA C 283 9.04 -43.59 13.62
C ALA C 283 10.33 -44.31 13.94
N ILE C 284 10.60 -44.56 15.23
CA ILE C 284 11.79 -45.28 15.63
C ILE C 284 11.75 -46.72 15.13
N LYS C 285 10.59 -47.37 15.27
CA LYS C 285 10.45 -48.72 14.76
C LYS C 285 10.65 -48.77 13.26
N LEU C 286 10.06 -47.82 12.54
CA LEU C 286 10.23 -47.76 11.09
C LEU C 286 11.65 -47.39 10.69
N ALA C 287 12.42 -46.78 11.59
CA ALA C 287 13.77 -46.32 11.28
C ALA C 287 14.84 -47.37 11.49
N LYS C 288 14.46 -48.60 11.86
CA LYS C 288 15.45 -49.64 12.12
C LYS C 288 16.26 -49.92 10.86
N GLY C 289 17.58 -49.98 11.02
CA GLY C 289 18.48 -50.20 9.91
C GLY C 289 18.90 -48.96 9.18
N GLN C 290 18.32 -47.80 9.50
CA GLN C 290 18.66 -46.57 8.80
C GLN C 290 19.88 -45.91 9.44
N PRO C 291 20.60 -45.08 8.69
CA PRO C 291 21.88 -44.55 9.18
C PRO C 291 21.74 -43.70 10.43
N ASP C 292 22.89 -43.41 11.04
CA ASP C 292 22.93 -42.70 12.31
C ASP C 292 22.38 -41.28 12.18
N THR C 293 22.50 -40.67 11.01
CA THR C 293 21.88 -39.36 10.79
C THR C 293 20.41 -39.40 11.18
N VAL C 294 19.70 -40.45 10.76
CA VAL C 294 18.30 -40.62 11.14
C VAL C 294 18.17 -40.89 12.63
N GLN C 295 18.96 -41.84 13.15
CA GLN C 295 18.81 -42.26 14.54
C GLN C 295 19.08 -41.10 15.49
N ASP C 296 20.09 -40.28 15.19
CA ASP C 296 20.44 -39.17 16.07
C ASP C 296 19.30 -38.16 16.16
N ALA C 297 18.63 -37.90 15.04
CA ALA C 297 17.49 -36.99 15.07
C ALA C 297 16.36 -37.57 15.91
N LEU C 298 16.06 -38.86 15.75
CA LEU C 298 15.01 -39.48 16.54
C LEU C 298 15.37 -39.53 18.01
N ARG C 299 16.62 -39.91 18.32
CA ARG C 299 17.05 -39.99 19.71
C ARG C 299 17.02 -38.63 20.36
N PHE C 300 17.44 -37.58 19.64
CA PHE C 300 17.37 -36.23 20.16
C PHE C 300 15.93 -35.83 20.45
N THR C 301 15.01 -36.14 19.52
CA THR C 301 13.62 -35.75 19.70
C THR C 301 12.94 -36.54 20.81
N MET C 302 13.40 -37.78 21.05
CA MET C 302 12.86 -38.57 22.14
C MET C 302 13.18 -37.94 23.49
N ASP C 303 14.40 -37.41 23.64
CA ASP C 303 14.75 -36.68 24.86
C ASP C 303 13.81 -35.49 25.06
N VAL C 304 13.58 -34.71 24.01
CA VAL C 304 12.72 -33.54 24.11
C VAL C 304 11.30 -33.96 24.52
N ILE C 305 10.69 -34.83 23.71
CA ILE C 305 9.30 -35.21 23.94
C ILE C 305 9.15 -35.93 25.27
N GLY C 306 10.04 -36.86 25.55
CA GLY C 306 9.96 -37.60 26.80
C GLY C 306 10.02 -36.71 28.02
N GLY C 307 10.91 -35.71 27.99
CA GLY C 307 11.02 -34.80 29.12
C GLY C 307 9.81 -33.90 29.26
N LYS C 308 9.29 -33.42 28.12
CA LYS C 308 8.09 -32.58 28.16
C LYS C 308 6.87 -33.35 28.63
N TYR C 309 6.77 -34.64 28.30
CA TYR C 309 5.66 -35.43 28.77
C TYR C 309 5.71 -35.60 30.28
N ASN C 310 6.89 -35.92 30.82
CA ASN C 310 7.03 -36.09 32.26
C ASN C 310 6.71 -34.78 32.99
N SER C 311 7.07 -33.65 32.39
CA SER C 311 6.76 -32.36 33.01
C SER C 311 5.26 -32.08 32.99
N ALA C 312 4.62 -32.29 31.84
CA ALA C 312 3.20 -32.00 31.73
C ALA C 312 2.38 -32.89 32.66
N LYS C 313 2.71 -34.18 32.72
CA LYS C 313 1.95 -35.10 33.57
C LYS C 313 2.17 -34.79 35.04
N LYS C 314 3.40 -34.44 35.43
CA LYS C 314 3.65 -34.09 36.81
C LYS C 314 2.90 -32.83 37.20
N ASP C 315 2.88 -31.83 36.31
CA ASP C 315 2.11 -30.61 36.58
C ASP C 315 0.63 -30.93 36.73
N ASN C 316 0.08 -31.72 35.81
CA ASN C 316 -1.35 -32.03 35.86
C ASN C 316 -1.69 -32.87 37.09
N ASP C 317 -0.84 -33.85 37.43
CA ASP C 317 -1.19 -34.77 38.50
C ASP C 317 -1.14 -34.11 39.87
N PHE C 318 -0.31 -33.09 40.04
CA PHE C 318 -0.12 -32.46 41.34
C PHE C 318 -0.66 -31.05 41.48
N ILE C 319 -0.96 -30.37 40.37
CA ILE C 319 -1.35 -28.96 40.43
C ILE C 319 -2.72 -28.75 39.80
N TYR C 320 -2.84 -29.04 38.51
CA TYR C 320 -4.00 -28.60 37.73
C TYR C 320 -5.14 -29.61 37.72
N HIS C 321 -4.84 -30.91 37.74
CA HIS C 321 -5.87 -31.94 37.87
C HIS C 321 -6.94 -31.81 36.79
N GLU C 322 -6.51 -31.55 35.56
CA GLU C 322 -7.42 -31.43 34.44
C GLU C 322 -7.54 -32.77 33.70
N ALA C 323 -8.73 -33.04 33.17
CA ALA C 323 -8.95 -34.27 32.43
C ALA C 323 -8.11 -34.29 31.17
N VAL C 324 -7.56 -35.46 30.87
CA VAL C 324 -6.77 -35.68 29.66
C VAL C 324 -7.73 -36.14 28.57
N PRO C 325 -7.98 -35.33 27.53
CA PRO C 325 -8.93 -35.74 26.50
C PRO C 325 -8.32 -36.70 25.50
N ALA C 326 -9.18 -37.55 24.93
CA ALA C 326 -8.75 -38.44 23.87
C ALA C 326 -8.47 -37.65 22.60
N LEU C 327 -7.62 -38.22 21.74
CA LEU C 327 -7.22 -37.54 20.52
C LEU C 327 -8.43 -37.13 19.69
N ASP C 328 -9.39 -38.04 19.50
CA ASP C 328 -10.50 -37.78 18.60
C ASP C 328 -11.35 -36.59 19.06
N THR C 329 -11.22 -36.16 20.31
CA THR C 329 -11.96 -35.00 20.77
C THR C 329 -11.38 -33.70 20.24
N LEU C 330 -10.13 -33.71 19.78
CA LEU C 330 -9.42 -32.49 19.42
C LEU C 330 -9.42 -32.30 17.91
N GLN C 331 -9.77 -31.10 17.48
CA GLN C 331 -9.69 -30.74 16.07
C GLN C 331 -8.29 -31.07 15.54
N PRO C 332 -8.17 -31.80 14.43
CA PRO C 332 -6.84 -32.06 13.88
C PRO C 332 -6.14 -30.79 13.45
N VAL C 333 -4.82 -30.85 13.42
CA VAL C 333 -4.01 -29.72 12.96
C VAL C 333 -4.02 -29.69 11.45
N LYS C 334 -4.28 -28.51 10.87
CA LYS C 334 -4.27 -28.32 9.43
C LYS C 334 -2.88 -27.89 8.97
N GLY C 335 -2.39 -28.54 7.92
CA GLY C 335 -1.08 -28.18 7.39
C GLY C 335 -1.13 -26.84 6.67
N ALA C 336 -0.05 -26.07 6.80
CA ALA C 336 0.08 -24.78 6.14
C ALA C 336 1.17 -24.86 5.09
N PRO C 337 0.84 -25.10 3.81
CA PRO C 337 1.87 -25.06 2.77
C PRO C 337 2.43 -23.68 2.52
N LEU C 338 3.69 -23.47 2.92
CA LEU C 338 4.38 -22.20 2.72
C LEU C 338 5.41 -22.29 1.59
N VAL C 339 5.36 -23.35 0.78
CA VAL C 339 6.28 -23.55 -0.33
C VAL C 339 5.46 -23.87 -1.57
N LYS C 340 6.08 -23.73 -2.73
CA LYS C 340 5.40 -24.04 -3.99
C LYS C 340 6.45 -24.35 -5.04
N PRO C 341 6.06 -25.05 -6.11
CA PRO C 341 6.96 -25.18 -7.27
C PRO C 341 7.22 -23.81 -7.89
N LEU C 342 8.43 -23.30 -7.79
CA LEU C 342 8.72 -21.98 -8.31
C LEU C 342 8.56 -21.99 -9.83
N PRO C 343 7.71 -21.14 -10.40
CA PRO C 343 7.50 -21.19 -11.86
C PRO C 343 8.77 -20.89 -12.64
N VAL C 344 8.86 -21.46 -13.83
CA VAL C 344 9.99 -21.25 -14.73
C VAL C 344 9.47 -20.57 -15.99
N ASN C 345 10.15 -19.50 -16.41
CA ASN C 345 9.91 -18.90 -17.72
C ASN C 345 11.15 -19.18 -18.58
N PRO C 346 11.12 -20.20 -19.44
CA PRO C 346 12.34 -20.57 -20.16
C PRO C 346 12.91 -19.47 -21.05
N THR C 347 12.07 -18.55 -21.53
CA THR C 347 12.51 -17.52 -22.45
C THR C 347 12.65 -16.15 -21.77
N ASP C 348 12.83 -16.13 -20.45
CA ASP C 348 13.09 -14.89 -19.74
C ASP C 348 14.43 -14.32 -20.19
N PRO C 349 14.46 -13.17 -20.87
CA PRO C 349 15.75 -12.66 -21.37
C PRO C 349 16.80 -12.51 -20.27
N ALA C 350 16.39 -12.25 -19.03
CA ALA C 350 17.35 -12.08 -17.95
C ALA C 350 18.11 -13.37 -17.64
N VAL C 351 17.57 -14.54 -18.00
CA VAL C 351 18.22 -15.80 -17.66
C VAL C 351 18.85 -16.39 -18.90
N THR C 352 18.28 -16.06 -20.06
CA THR C 352 18.78 -16.64 -21.31
C THR C 352 19.91 -15.86 -21.92
N GLY C 353 19.97 -14.55 -21.70
CA GLY C 353 20.89 -13.71 -22.43
C GLY C 353 20.36 -13.42 -23.82
N PRO C 354 21.11 -12.66 -24.61
CA PRO C 354 20.67 -12.34 -25.97
C PRO C 354 20.40 -13.61 -26.78
N ASP C 355 19.38 -13.53 -27.64
CA ASP C 355 19.04 -14.63 -28.52
C ASP C 355 20.18 -14.91 -29.50
N ILE C 356 20.76 -16.11 -29.41
CA ILE C 356 21.87 -16.48 -30.28
C ILE C 356 21.47 -16.38 -31.74
N PHE C 357 20.21 -16.69 -32.06
CA PHE C 357 19.75 -16.81 -33.44
C PHE C 357 18.89 -15.62 -33.87
N ALA C 358 19.18 -14.43 -33.35
CA ALA C 358 18.41 -13.24 -33.70
C ALA C 358 18.55 -12.89 -35.18
N LYS C 359 19.62 -13.32 -35.83
CA LYS C 359 19.88 -12.95 -37.21
C LYS C 359 19.12 -13.80 -38.22
N LEU C 360 18.53 -14.91 -37.79
CA LEU C 360 17.78 -15.78 -38.70
C LEU C 360 16.39 -15.21 -38.96
N VAL D 4 9.32 0.32 -48.66
CA VAL D 4 8.27 -0.68 -48.54
C VAL D 4 6.97 -0.03 -48.07
N PRO D 5 5.84 -0.35 -48.71
CA PRO D 5 4.55 0.16 -48.22
C PRO D 5 4.21 -0.38 -46.83
N ARG D 6 3.54 0.45 -46.05
CA ARG D 6 3.11 0.12 -44.69
C ARG D 6 1.60 0.26 -44.62
N MET D 7 0.91 -0.86 -44.51
CA MET D 7 -0.54 -0.87 -44.44
C MET D 7 -1.01 -0.64 -43.01
N PRO D 8 -2.24 -0.14 -42.83
CA PRO D 8 -2.81 -0.04 -41.48
C PRO D 8 -3.16 -1.40 -40.93
N MET D 9 -3.17 -1.49 -39.60
CA MET D 9 -3.39 -2.74 -38.89
C MET D 9 -4.67 -2.70 -38.09
N ILE D 10 -5.23 -3.88 -37.83
CA ILE D 10 -6.45 -4.03 -37.06
C ILE D 10 -6.08 -4.25 -35.60
N TRP D 11 -6.90 -3.71 -34.69
CA TRP D 11 -6.74 -3.91 -33.27
C TRP D 11 -8.11 -4.21 -32.67
N LEU D 12 -8.10 -4.87 -31.51
CA LEU D 12 -9.31 -5.24 -30.81
C LEU D 12 -9.51 -4.37 -29.59
N ASP D 13 -10.77 -4.03 -29.32
CA ASP D 13 -11.12 -3.25 -28.14
C ASP D 13 -11.08 -4.11 -26.89
N LEU D 14 -10.87 -3.47 -25.75
CA LEU D 14 -10.90 -4.14 -24.47
C LEU D 14 -12.34 -4.30 -23.98
N LYS D 15 -12.63 -5.46 -23.37
CA LYS D 15 -13.93 -5.68 -22.77
C LYS D 15 -14.09 -4.82 -21.53
N GLU D 16 -15.34 -4.48 -21.23
CA GLU D 16 -15.67 -3.67 -20.06
C GLU D 16 -16.13 -4.57 -18.92
N ALA D 17 -15.61 -4.32 -17.73
CA ALA D 17 -15.81 -5.21 -16.60
C ALA D 17 -17.03 -4.79 -15.78
N GLY D 18 -17.71 -5.79 -15.25
CA GLY D 18 -18.78 -5.60 -14.29
C GLY D 18 -18.30 -5.85 -12.87
N ASP D 19 -19.20 -6.36 -12.04
CA ASP D 19 -18.91 -6.57 -10.63
C ASP D 19 -18.28 -7.93 -10.40
N PHE D 20 -17.30 -7.97 -9.48
CA PHE D 20 -16.67 -9.21 -9.01
C PHE D 20 -16.48 -9.04 -7.50
N HIS D 21 -17.55 -9.33 -6.75
CA HIS D 21 -17.56 -9.11 -5.30
C HIS D 21 -17.06 -10.37 -4.60
N PHE D 22 -15.74 -10.54 -4.62
CA PHE D 22 -15.12 -11.70 -4.02
C PHE D 22 -14.93 -11.58 -2.52
N GLN D 23 -14.87 -10.34 -2.00
CA GLN D 23 -14.54 -10.16 -0.58
C GLN D 23 -15.52 -10.87 0.34
N PRO D 24 -16.84 -10.78 0.15
CA PRO D 24 -17.74 -11.51 1.07
C PRO D 24 -17.50 -13.00 1.08
N ALA D 25 -17.28 -13.62 -0.08
CA ALA D 25 -17.10 -15.06 -0.14
C ALA D 25 -15.79 -15.49 0.53
N VAL D 26 -14.72 -14.72 0.34
CA VAL D 26 -13.46 -15.05 0.99
C VAL D 26 -13.59 -14.93 2.50
N LYS D 27 -14.25 -13.87 2.98
CA LYS D 27 -14.40 -13.68 4.42
C LYS D 27 -15.29 -14.76 5.03
N LYS D 28 -16.36 -15.14 4.33
CA LYS D 28 -17.16 -16.28 4.78
C LYS D 28 -16.34 -17.56 4.74
N PHE D 29 -15.58 -17.75 3.66
CA PHE D 29 -14.80 -18.98 3.52
C PHE D 29 -13.76 -19.11 4.62
N VAL D 30 -13.08 -18.01 4.95
CA VAL D 30 -12.00 -18.09 5.93
C VAL D 30 -12.54 -18.21 7.34
N LEU D 31 -13.68 -17.57 7.63
CA LEU D 31 -14.30 -17.71 8.93
C LEU D 31 -14.80 -19.13 9.16
N LYS D 32 -15.45 -19.70 8.14
CA LYS D 32 -16.07 -21.01 8.27
C LYS D 32 -15.03 -22.12 8.34
N ASN D 33 -14.04 -22.09 7.45
CA ASN D 33 -13.14 -23.23 7.27
C ASN D 33 -11.87 -23.12 8.09
N TYR D 34 -11.30 -21.93 8.23
CA TYR D 34 -10.08 -21.76 9.01
C TYR D 34 -10.34 -21.16 10.39
N GLY D 35 -11.60 -20.93 10.74
CA GLY D 35 -11.94 -20.46 12.08
C GLY D 35 -11.13 -19.27 12.53
N GLU D 36 -10.95 -18.28 11.65
CA GLU D 36 -10.07 -17.17 11.92
C GLU D 36 -10.83 -15.85 11.88
N ASN D 37 -10.24 -14.87 12.55
CA ASN D 37 -10.63 -13.48 12.44
C ASN D 37 -10.61 -13.04 10.97
N PRO D 38 -11.74 -12.61 10.39
CA PRO D 38 -11.69 -12.13 9.00
C PRO D 38 -10.87 -10.87 8.80
N GLU D 39 -10.70 -10.04 9.84
CA GLU D 39 -9.98 -8.79 9.67
C GLU D 39 -8.50 -9.01 9.34
N ALA D 40 -7.95 -10.18 9.64
CA ALA D 40 -6.55 -10.45 9.30
C ALA D 40 -6.33 -10.47 7.80
N TYR D 41 -7.36 -10.81 7.03
CA TYR D 41 -7.29 -10.88 5.58
C TYR D 41 -7.78 -9.62 4.91
N ASN D 42 -8.13 -8.59 5.68
CA ASN D 42 -8.53 -7.32 5.10
C ASN D 42 -7.43 -6.76 4.20
N GLU D 43 -6.17 -6.98 4.59
CA GLU D 43 -5.07 -6.35 3.86
C GLU D 43 -4.84 -7.02 2.52
N GLU D 44 -4.99 -8.35 2.45
CA GLU D 44 -4.80 -9.04 1.19
C GLU D 44 -5.95 -8.80 0.23
N LEU D 45 -7.16 -8.63 0.76
CA LEU D 45 -8.33 -8.41 -0.11
C LEU D 45 -8.35 -7.01 -0.71
N LYS D 46 -7.85 -6.01 0.01
CA LYS D 46 -7.77 -4.67 -0.55
C LYS D 46 -6.68 -4.57 -1.61
N LYS D 47 -5.59 -5.34 -1.46
CA LYS D 47 -4.55 -5.35 -2.48
C LYS D 47 -5.10 -5.89 -3.80
N LEU D 48 -5.81 -7.02 -3.75
CA LEU D 48 -6.39 -7.57 -4.96
C LEU D 48 -7.44 -6.63 -5.54
N GLU D 49 -8.27 -6.03 -4.68
CA GLU D 49 -9.28 -5.10 -5.16
C GLU D 49 -8.64 -3.94 -5.91
N LEU D 50 -7.65 -3.29 -5.29
CA LEU D 50 -6.96 -2.20 -5.95
C LEU D 50 -6.27 -2.67 -7.23
N LEU D 51 -5.80 -3.92 -7.25
CA LEU D 51 -5.16 -4.45 -8.44
C LEU D 51 -6.19 -4.68 -9.55
N ARG D 52 -7.38 -5.15 -9.19
CA ARG D 52 -8.46 -5.27 -10.17
C ARG D 52 -8.87 -3.92 -10.71
N GLN D 53 -9.01 -2.92 -9.82
CA GLN D 53 -9.37 -1.58 -10.27
C GLN D 53 -8.39 -1.05 -11.31
N ASN D 54 -7.10 -1.30 -11.10
CA ASN D 54 -6.10 -0.87 -12.08
C ASN D 54 -6.23 -1.65 -13.38
N ALA D 55 -6.52 -2.95 -13.28
CA ALA D 55 -6.55 -3.79 -14.47
C ALA D 55 -7.72 -3.44 -15.38
N VAL D 56 -8.92 -3.34 -14.82
CA VAL D 56 -10.11 -3.08 -15.64
C VAL D 56 -10.19 -1.64 -16.10
N ARG D 57 -9.27 -0.79 -15.66
CA ARG D 57 -9.13 0.58 -16.14
C ARG D 57 -7.70 0.81 -16.60
N VAL D 58 -7.11 -0.21 -17.21
CA VAL D 58 -5.67 -0.22 -17.51
C VAL D 58 -5.37 0.91 -18.49
N PRO D 59 -4.28 1.67 -18.31
CA PRO D 59 -3.89 2.62 -19.35
C PRO D 59 -3.42 1.89 -20.60
N ARG D 60 -3.80 2.44 -21.76
CA ARG D 60 -3.51 1.78 -23.04
C ARG D 60 -2.07 2.09 -23.47
N ASP D 61 -1.14 1.48 -22.75
CA ASP D 61 0.29 1.62 -23.04
C ASP D 61 1.00 0.33 -22.67
N PHE D 62 2.28 0.27 -23.01
CA PHE D 62 3.06 -0.94 -22.72
C PHE D 62 3.04 -1.27 -21.23
N GLU D 63 3.05 -0.25 -20.37
CA GLU D 63 3.01 -0.49 -18.94
C GLU D 63 1.71 -1.17 -18.51
N GLY D 64 0.64 -1.02 -19.29
CA GLY D 64 -0.62 -1.65 -18.94
C GLY D 64 -0.59 -3.16 -19.06
N CYS D 65 0.27 -3.69 -19.94
CA CYS D 65 0.36 -5.13 -20.08
C CYS D 65 0.82 -5.80 -18.79
N SER D 66 1.78 -5.18 -18.10
CA SER D 66 2.22 -5.73 -16.82
C SER D 66 1.11 -5.66 -15.77
N VAL D 67 0.29 -4.61 -15.81
CA VAL D 67 -0.82 -4.49 -14.87
C VAL D 67 -1.79 -5.66 -15.05
N LEU D 68 -2.12 -5.98 -16.30
CA LEU D 68 -3.03 -7.10 -16.55
C LEU D 68 -2.39 -8.42 -16.17
N ARG D 69 -1.12 -8.62 -16.54
CA ARG D 69 -0.42 -9.86 -16.16
C ARG D 69 -0.37 -10.01 -14.64
N LYS D 70 -0.07 -8.92 -13.93
CA LYS D 70 0.00 -8.97 -12.48
C LYS D 70 -1.32 -9.42 -11.88
N TYR D 71 -2.44 -8.83 -12.34
CA TYR D 71 -3.74 -9.19 -11.82
C TYR D 71 -4.12 -10.61 -12.23
N LEU D 72 -3.79 -11.01 -13.46
CA LEU D 72 -4.09 -12.37 -13.90
C LEU D 72 -3.39 -13.41 -13.02
N GLY D 73 -2.12 -13.16 -12.69
CA GLY D 73 -1.41 -14.09 -11.83
C GLY D 73 -1.99 -14.17 -10.45
N GLN D 74 -2.31 -13.03 -9.84
CA GLN D 74 -2.88 -13.02 -8.50
C GLN D 74 -4.22 -13.75 -8.47
N LEU D 75 -4.99 -13.67 -9.56
CA LEU D 75 -6.23 -14.45 -9.63
C LEU D 75 -5.94 -15.94 -9.57
N HIS D 76 -4.84 -16.38 -10.18
CA HIS D 76 -4.48 -17.79 -10.10
C HIS D 76 -4.08 -18.17 -8.67
N TYR D 77 -3.38 -17.27 -7.98
CA TYR D 77 -3.04 -17.54 -6.59
C TYR D 77 -4.28 -17.61 -5.71
N LEU D 78 -5.22 -16.67 -5.90
CA LEU D 78 -6.48 -16.74 -5.16
C LEU D 78 -7.24 -18.02 -5.49
N GLN D 79 -7.26 -18.40 -6.77
CA GLN D 79 -7.95 -19.61 -7.19
C GLN D 79 -7.37 -20.84 -6.51
N SER D 80 -6.09 -20.83 -6.16
CA SER D 80 -5.45 -21.98 -5.54
C SER D 80 -5.81 -22.14 -4.07
N ARG D 81 -6.21 -21.06 -3.41
CA ARG D 81 -6.45 -21.07 -1.97
C ARG D 81 -7.92 -21.03 -1.59
N VAL D 82 -8.76 -20.40 -2.41
CA VAL D 82 -10.19 -20.28 -2.14
C VAL D 82 -10.93 -20.89 -3.33
N PRO D 83 -11.76 -21.92 -3.14
CA PRO D 83 -12.47 -22.51 -4.28
C PRO D 83 -13.58 -21.61 -4.78
N MET D 84 -13.30 -20.85 -5.84
CA MET D 84 -14.27 -19.91 -6.42
C MET D 84 -14.62 -20.28 -7.85
N GLY D 85 -14.36 -21.51 -8.25
CA GLY D 85 -14.68 -21.96 -9.58
C GLY D 85 -16.14 -22.36 -9.72
N SER D 86 -16.47 -22.87 -10.91
CA SER D 86 -17.84 -23.25 -11.21
C SER D 86 -18.33 -24.30 -10.22
N GLY D 87 -19.47 -24.04 -9.60
CA GLY D 87 -20.07 -24.98 -8.67
C GLY D 87 -19.32 -25.17 -7.38
N GLN D 88 -18.37 -24.30 -7.06
CA GLN D 88 -17.57 -24.46 -5.86
C GLN D 88 -18.15 -23.62 -4.71
N GLU D 89 -17.59 -23.83 -3.52
CA GLU D 89 -18.23 -23.37 -2.29
C GLU D 89 -18.21 -21.85 -2.17
N ALA D 90 -17.11 -21.21 -2.58
CA ALA D 90 -16.92 -19.79 -2.37
C ALA D 90 -17.05 -18.98 -3.67
N ALA D 91 -17.79 -19.52 -4.64
CA ALA D 91 -17.91 -18.85 -5.94
C ALA D 91 -18.91 -17.70 -5.86
N VAL D 92 -18.59 -16.62 -6.56
CA VAL D 92 -19.46 -15.46 -6.62
C VAL D 92 -19.69 -15.09 -8.08
N PRO D 93 -20.79 -14.37 -8.37
CA PRO D 93 -21.01 -13.92 -9.75
C PRO D 93 -19.86 -13.07 -10.27
N VAL D 94 -19.51 -13.31 -11.52
CA VAL D 94 -18.57 -12.48 -12.28
C VAL D 94 -19.31 -11.98 -13.50
N THR D 95 -19.31 -10.66 -13.70
CA THR D 95 -20.05 -10.03 -14.77
C THR D 95 -19.10 -9.21 -15.64
N TRP D 96 -19.22 -9.40 -16.95
CA TRP D 96 -18.51 -8.60 -17.94
C TRP D 96 -19.47 -8.32 -19.09
N THR D 97 -19.16 -7.27 -19.85
CA THR D 97 -19.97 -6.89 -21.00
C THR D 97 -19.45 -7.60 -22.25
N GLU D 98 -20.32 -8.36 -22.90
CA GLU D 98 -19.99 -8.99 -24.17
C GLU D 98 -19.83 -7.89 -25.23
N ILE D 99 -18.63 -7.80 -25.81
CA ILE D 99 -18.21 -6.55 -26.44
C ILE D 99 -19.01 -6.24 -27.70
N PHE D 100 -19.49 -7.27 -28.41
CA PHE D 100 -20.13 -7.03 -29.71
C PHE D 100 -21.61 -6.71 -29.58
N SER D 101 -22.32 -7.33 -28.64
CA SER D 101 -23.73 -7.04 -28.42
C SER D 101 -23.96 -6.04 -27.29
N GLY D 102 -22.96 -5.83 -26.42
CA GLY D 102 -23.14 -4.97 -25.27
C GLY D 102 -23.93 -5.58 -24.14
N LYS D 103 -24.28 -6.86 -24.24
CA LYS D 103 -25.08 -7.52 -23.21
C LYS D 103 -24.20 -7.94 -22.04
N SER D 104 -24.76 -7.85 -20.84
CA SER D 104 -24.07 -8.34 -19.65
C SER D 104 -24.14 -9.86 -19.59
N VAL D 105 -23.00 -10.49 -19.31
CA VAL D 105 -22.90 -11.94 -19.19
C VAL D 105 -22.31 -12.25 -17.82
N ALA D 106 -23.01 -13.07 -17.04
CA ALA D 106 -22.65 -13.36 -15.67
C ALA D 106 -22.35 -14.83 -15.49
N HIS D 107 -21.25 -15.15 -14.83
CA HIS D 107 -20.90 -16.51 -14.47
C HIS D 107 -20.37 -16.54 -13.05
N GLU D 108 -20.77 -17.57 -12.30
CA GLU D 108 -20.30 -17.76 -10.93
C GLU D 108 -19.04 -18.63 -10.96
N ASP D 109 -17.97 -18.05 -11.49
CA ASP D 109 -16.74 -18.79 -11.73
C ASP D 109 -15.58 -17.81 -11.86
N ILE D 110 -14.54 -17.99 -11.05
CA ILE D 110 -13.38 -17.11 -11.10
C ILE D 110 -12.63 -17.25 -12.42
N LYS D 111 -12.80 -18.36 -13.14
CA LYS D 111 -12.14 -18.52 -14.43
C LYS D 111 -12.70 -17.55 -15.46
N TYR D 112 -13.95 -17.14 -15.31
CA TYR D 112 -14.53 -16.12 -16.19
C TYR D 112 -13.77 -14.81 -16.05
N GLU D 113 -13.50 -14.39 -14.81
CA GLU D 113 -12.67 -13.21 -14.59
C GLU D 113 -11.30 -13.37 -15.26
N GLN D 114 -10.66 -14.52 -15.04
CA GLN D 114 -9.36 -14.77 -15.65
C GLN D 114 -9.44 -14.66 -17.18
N ALA D 115 -10.45 -15.30 -17.77
CA ALA D 115 -10.58 -15.30 -19.23
C ALA D 115 -10.68 -13.88 -19.78
N CYS D 116 -11.49 -13.04 -19.14
CA CYS D 116 -11.71 -11.68 -19.64
C CYS D 116 -10.46 -10.82 -19.48
N ILE D 117 -9.73 -10.98 -18.37
CA ILE D 117 -8.43 -10.31 -18.24
C ILE D 117 -7.49 -10.77 -19.34
N LEU D 118 -7.46 -12.08 -19.60
CA LEU D 118 -6.57 -12.60 -20.64
C LEU D 118 -6.98 -12.08 -22.01
N TYR D 119 -8.29 -11.92 -22.24
CA TYR D 119 -8.76 -11.32 -23.49
C TYR D 119 -8.25 -9.90 -23.63
N ASN D 120 -8.34 -9.11 -22.56
CA ASN D 120 -7.89 -7.73 -22.62
C ASN D 120 -6.38 -7.63 -22.75
N LEU D 121 -5.65 -8.62 -22.25
CA LEU D 121 -4.21 -8.65 -22.48
C LEU D 121 -3.91 -8.82 -23.96
N GLY D 122 -4.62 -9.73 -24.63
CA GLY D 122 -4.44 -9.87 -26.06
C GLY D 122 -4.91 -8.66 -26.84
N ALA D 123 -6.02 -8.05 -26.41
CA ALA D 123 -6.51 -6.85 -27.08
C ALA D 123 -5.53 -5.70 -26.92
N LEU D 124 -4.99 -5.52 -25.71
CA LEU D 124 -4.04 -4.44 -25.49
C LEU D 124 -2.79 -4.63 -26.34
N HIS D 125 -2.30 -5.86 -26.45
CA HIS D 125 -1.16 -6.14 -27.32
C HIS D 125 -1.49 -5.78 -28.76
N SER D 126 -2.71 -6.10 -29.23
CA SER D 126 -3.09 -5.75 -30.59
C SER D 126 -3.10 -4.25 -30.78
N MET D 127 -3.50 -3.49 -29.76
CA MET D 127 -3.45 -2.03 -29.84
C MET D 127 -2.02 -1.54 -29.95
N LEU D 128 -1.13 -2.04 -29.07
CA LEU D 128 0.25 -1.56 -29.06
C LEU D 128 0.98 -1.92 -30.35
N GLY D 129 0.61 -3.04 -30.99
CA GLY D 129 1.21 -3.38 -32.26
C GLY D 129 0.71 -2.53 -33.40
N ALA D 130 -0.55 -2.10 -33.33
CA ALA D 130 -1.19 -1.36 -34.42
C ALA D 130 -0.95 0.14 -34.35
N MET D 131 -0.42 0.66 -33.24
CA MET D 131 -0.19 2.10 -33.13
C MET D 131 1.18 2.52 -33.64
N ASP D 132 2.16 1.63 -33.63
CA ASP D 132 3.49 1.99 -34.11
C ASP D 132 3.46 2.21 -35.62
N LYS D 133 4.20 3.22 -36.08
CA LYS D 133 4.26 3.53 -37.50
C LYS D 133 5.14 2.56 -38.28
N ARG D 134 5.92 1.72 -37.59
CA ARG D 134 6.78 0.73 -38.26
C ARG D 134 7.73 1.40 -39.24
N VAL D 135 8.26 2.56 -38.85
CA VAL D 135 9.23 3.26 -39.69
C VAL D 135 10.55 2.51 -39.72
N SER D 136 11.05 2.12 -38.55
CA SER D 136 12.36 1.50 -38.44
C SER D 136 12.23 -0.01 -38.25
N GLU D 137 13.39 -0.68 -38.25
CA GLU D 137 13.41 -2.11 -38.03
C GLU D 137 12.89 -2.47 -36.65
N GLU D 138 13.21 -1.65 -35.65
CA GLU D 138 12.67 -1.86 -34.31
C GLU D 138 11.14 -1.82 -34.32
N GLY D 139 10.59 -0.77 -34.93
CA GLY D 139 9.14 -0.65 -35.01
C GLY D 139 8.48 -1.89 -35.59
N MET D 140 9.16 -2.55 -36.53
CA MET D 140 8.59 -3.73 -37.17
C MET D 140 8.64 -4.95 -36.26
N LYS D 141 9.70 -5.08 -35.46
CA LYS D 141 9.83 -6.23 -34.58
C LYS D 141 9.06 -6.04 -33.28
N VAL D 142 8.99 -4.81 -32.76
CA VAL D 142 8.16 -4.57 -31.58
C VAL D 142 6.69 -4.81 -31.91
N SER D 143 6.27 -4.37 -33.09
CA SER D 143 4.89 -4.62 -33.51
C SER D 143 4.68 -6.11 -33.78
N CYS D 144 5.63 -6.74 -34.48
CA CYS D 144 5.55 -8.17 -34.71
C CYS D 144 5.44 -8.94 -33.40
N THR D 145 6.25 -8.57 -32.40
CA THR D 145 6.20 -9.24 -31.11
C THR D 145 4.87 -8.99 -30.40
N HIS D 146 4.35 -7.76 -30.51
CA HIS D 146 3.06 -7.45 -29.91
C HIS D 146 1.95 -8.29 -30.53
N PHE D 147 1.93 -8.38 -31.86
CA PHE D 147 0.88 -9.14 -32.53
C PHE D 147 0.98 -10.62 -32.19
N GLN D 148 2.20 -11.14 -32.01
CA GLN D 148 2.35 -12.53 -31.61
C GLN D 148 1.89 -12.74 -30.18
N CYS D 149 2.19 -11.79 -29.29
CA CYS D 149 1.68 -11.87 -27.92
C CYS D 149 0.16 -11.86 -27.90
N ALA D 150 -0.45 -11.03 -28.75
CA ALA D 150 -1.91 -11.00 -28.84
C ALA D 150 -2.45 -12.33 -29.33
N ALA D 151 -1.84 -12.88 -30.38
CA ALA D 151 -2.20 -14.23 -30.82
C ALA D 151 -2.00 -15.25 -29.69
N GLY D 152 -0.93 -15.09 -28.92
CA GLY D 152 -0.68 -16.03 -27.84
C GLY D 152 -1.74 -15.99 -26.76
N ALA D 153 -2.24 -14.79 -26.46
CA ALA D 153 -3.28 -14.68 -25.44
C ALA D 153 -4.59 -15.30 -25.92
N PHE D 154 -4.96 -15.04 -27.18
CA PHE D 154 -6.20 -15.62 -27.71
C PHE D 154 -6.08 -17.12 -27.92
N ALA D 155 -4.87 -17.61 -28.22
CA ALA D 155 -4.66 -19.05 -28.35
C ALA D 155 -4.75 -19.73 -26.98
N TYR D 156 -4.06 -19.18 -25.98
CA TYR D 156 -4.17 -19.70 -24.63
C TYR D 156 -5.62 -19.74 -24.18
N LEU D 157 -6.35 -18.66 -24.42
CA LEU D 157 -7.77 -18.62 -24.11
C LEU D 157 -8.52 -19.76 -24.80
N ARG D 158 -8.23 -19.98 -26.08
CA ARG D 158 -8.91 -21.02 -26.84
C ARG D 158 -8.62 -22.41 -26.28
N GLU D 159 -7.40 -22.62 -25.79
CA GLU D 159 -6.98 -23.96 -25.37
C GLU D 159 -7.30 -24.26 -23.91
N HIS D 160 -7.07 -23.30 -23.01
CA HIS D 160 -7.18 -23.56 -21.58
C HIS D 160 -8.52 -23.17 -20.98
N PHE D 161 -9.37 -22.46 -21.73
CA PHE D 161 -10.73 -22.10 -21.30
C PHE D 161 -11.71 -22.66 -22.32
N PRO D 162 -11.82 -23.98 -22.43
CA PRO D 162 -12.69 -24.55 -23.47
C PRO D 162 -14.13 -24.12 -23.34
N GLN D 163 -14.66 -24.05 -22.11
CA GLN D 163 -15.97 -23.47 -21.90
C GLN D 163 -15.91 -21.99 -22.25
N ALA D 164 -16.29 -21.65 -23.48
CA ALA D 164 -16.36 -20.25 -23.87
C ALA D 164 -17.45 -19.56 -23.05
N TYR D 165 -17.09 -18.49 -22.36
CA TYR D 165 -18.01 -17.85 -21.44
C TYR D 165 -18.94 -16.87 -22.11
N SER D 166 -18.58 -16.38 -23.30
CA SER D 166 -19.45 -15.52 -24.08
C SER D 166 -19.02 -15.60 -25.54
N VAL D 167 -19.93 -15.18 -26.43
CA VAL D 167 -19.74 -15.39 -27.85
C VAL D 167 -18.60 -14.56 -28.43
N ASP D 168 -18.18 -13.49 -27.76
CA ASP D 168 -17.00 -12.76 -28.20
C ASP D 168 -15.71 -13.53 -27.95
N MET D 169 -15.77 -14.62 -27.18
CA MET D 169 -14.61 -15.47 -26.91
C MET D 169 -14.84 -16.90 -27.36
N SER D 170 -15.76 -17.10 -28.30
CA SER D 170 -15.98 -18.42 -28.86
C SER D 170 -14.75 -18.89 -29.64
N ARG D 171 -14.68 -20.20 -29.83
CA ARG D 171 -13.56 -20.81 -30.55
C ARG D 171 -13.40 -20.21 -31.95
N GLN D 172 -14.51 -20.05 -32.68
CA GLN D 172 -14.41 -19.53 -34.03
C GLN D 172 -13.94 -18.08 -34.04
N ILE D 173 -14.36 -17.29 -33.06
CA ILE D 173 -13.94 -15.89 -32.99
C ILE D 173 -12.49 -15.79 -32.52
N LEU D 174 -12.11 -16.60 -31.53
CA LEU D 174 -10.73 -16.59 -31.08
C LEU D 174 -9.80 -17.09 -32.18
N THR D 175 -10.23 -18.08 -32.96
CA THR D 175 -9.44 -18.53 -34.09
C THR D 175 -9.30 -17.43 -35.14
N LEU D 176 -10.37 -16.66 -35.36
CA LEU D 176 -10.27 -15.49 -36.22
C LEU D 176 -9.22 -14.52 -35.69
N ASN D 177 -9.25 -14.24 -34.38
CA ASN D 177 -8.30 -13.30 -33.81
C ASN D 177 -6.87 -13.81 -33.93
N VAL D 178 -6.65 -15.11 -33.72
CA VAL D 178 -5.31 -15.66 -33.82
C VAL D 178 -4.77 -15.50 -35.23
N ASN D 179 -5.53 -15.93 -36.24
CA ASN D 179 -5.07 -15.84 -37.61
C ASN D 179 -4.87 -14.39 -38.03
N LEU D 180 -5.78 -13.50 -37.61
CA LEU D 180 -5.61 -12.08 -37.91
C LEU D 180 -4.32 -11.54 -37.30
N MET D 181 -4.06 -11.88 -36.04
CA MET D 181 -2.87 -11.36 -35.37
C MET D 181 -1.59 -11.93 -35.94
N LEU D 182 -1.60 -13.22 -36.31
CA LEU D 182 -0.42 -13.82 -36.92
C LEU D 182 -0.21 -13.29 -38.33
N GLY D 183 -1.29 -13.03 -39.06
CA GLY D 183 -1.15 -12.43 -40.37
C GLY D 183 -0.51 -11.06 -40.32
N GLN D 184 -0.83 -10.29 -39.29
CA GLN D 184 -0.23 -8.96 -39.14
C GLN D 184 1.20 -9.06 -38.63
N ALA D 185 1.47 -9.99 -37.71
CA ALA D 185 2.85 -10.25 -37.29
C ALA D 185 3.70 -10.67 -38.47
N GLN D 186 3.19 -11.61 -39.29
CA GLN D 186 3.91 -11.99 -40.50
C GLN D 186 4.10 -10.80 -41.42
N GLU D 187 3.08 -9.94 -41.52
CA GLU D 187 3.18 -8.78 -42.39
C GLU D 187 4.30 -7.85 -41.93
N CYS D 188 4.49 -7.71 -40.62
CA CYS D 188 5.59 -6.89 -40.12
C CYS D 188 6.94 -7.46 -40.52
N LEU D 189 7.07 -8.79 -40.47
CA LEU D 189 8.33 -9.41 -40.85
C LEU D 189 8.54 -9.36 -42.35
N LEU D 190 7.47 -9.41 -43.14
CA LEU D 190 7.60 -9.22 -44.58
C LEU D 190 8.21 -7.86 -44.88
N GLU D 191 7.69 -6.81 -44.25
CA GLU D 191 8.28 -5.49 -44.39
C GLU D 191 9.75 -5.50 -43.99
N LYS D 192 10.07 -6.20 -42.89
CA LYS D 192 11.46 -6.28 -42.45
C LYS D 192 12.31 -7.03 -43.47
N SER D 193 11.80 -8.15 -43.99
CA SER D 193 12.59 -8.96 -44.92
C SER D 193 12.94 -8.18 -46.18
N MET D 194 12.06 -7.27 -46.62
CA MET D 194 12.34 -6.48 -47.81
C MET D 194 13.41 -5.43 -47.51
N LEU D 195 13.30 -4.74 -46.37
CA LEU D 195 14.31 -3.76 -45.99
C LEU D 195 15.67 -4.43 -45.77
N ASP D 196 15.67 -5.72 -45.41
CA ASP D 196 16.91 -6.45 -45.17
C ASP D 196 17.53 -7.01 -46.44
N ASN D 197 16.89 -6.85 -47.59
CA ASN D 197 17.38 -7.40 -48.85
C ASN D 197 17.48 -8.92 -48.78
N ARG D 198 16.43 -9.56 -48.28
CA ARG D 198 16.35 -11.00 -48.32
C ARG D 198 16.15 -11.46 -49.76
N LYS D 199 16.51 -12.72 -50.02
CA LYS D 199 16.36 -13.25 -51.36
C LYS D 199 14.90 -13.16 -51.81
N SER D 200 14.72 -12.80 -53.09
CA SER D 200 13.37 -12.57 -53.60
C SER D 200 12.48 -13.79 -53.41
N PHE D 201 13.04 -14.99 -53.59
CA PHE D 201 12.23 -16.19 -53.40
C PHE D 201 11.72 -16.29 -51.97
N LEU D 202 12.53 -15.88 -51.00
CA LEU D 202 12.11 -15.93 -49.61
C LEU D 202 11.01 -14.90 -49.34
N VAL D 203 11.17 -13.69 -49.86
CA VAL D 203 10.13 -12.67 -49.70
C VAL D 203 8.81 -13.16 -50.28
N ALA D 204 8.86 -13.82 -51.45
CA ALA D 204 7.64 -14.35 -52.05
C ALA D 204 6.98 -15.36 -51.12
N ARG D 205 7.77 -16.21 -50.48
CA ARG D 205 7.21 -17.20 -49.56
C ARG D 205 6.67 -16.53 -48.30
N ILE D 206 7.39 -15.56 -47.75
CA ILE D 206 6.90 -14.83 -46.58
C ILE D 206 5.58 -14.15 -46.92
N SER D 207 5.50 -13.49 -48.07
CA SER D 207 4.28 -12.82 -48.47
C SER D 207 3.16 -13.81 -48.69
N ALA D 208 3.47 -14.97 -49.26
CA ALA D 208 2.43 -15.98 -49.49
C ALA D 208 1.84 -16.49 -48.18
N GLN D 209 2.62 -16.48 -47.10
CA GLN D 209 2.09 -16.87 -45.80
C GLN D 209 1.16 -15.81 -45.24
N VAL D 210 1.45 -14.53 -45.48
CA VAL D 210 0.52 -13.47 -45.11
C VAL D 210 -0.85 -13.73 -45.73
N VAL D 211 -0.86 -14.07 -47.02
CA VAL D 211 -2.12 -14.38 -47.68
C VAL D 211 -2.82 -15.53 -46.99
N ASP D 212 -2.07 -16.57 -46.61
CA ASP D 212 -2.67 -17.75 -46.01
C ASP D 212 -3.37 -17.42 -44.69
N TYR D 213 -2.71 -16.64 -43.83
CA TYR D 213 -3.31 -16.25 -42.57
C TYR D 213 -4.58 -15.43 -42.80
N TYR D 214 -4.52 -14.46 -43.71
CA TYR D 214 -5.66 -13.58 -43.94
C TYR D 214 -6.80 -14.30 -44.65
N LYS D 215 -6.50 -15.31 -45.45
CA LYS D 215 -7.58 -16.10 -46.04
C LYS D 215 -8.34 -16.86 -44.99
N GLU D 216 -7.64 -17.44 -44.01
CA GLU D 216 -8.32 -18.10 -42.90
C GLU D 216 -9.16 -17.12 -42.10
N ALA D 217 -8.63 -15.93 -41.86
CA ALA D 217 -9.43 -14.90 -41.20
C ALA D 217 -10.65 -14.54 -42.03
N CYS D 218 -10.48 -14.46 -43.36
CA CYS D 218 -11.57 -14.07 -44.23
C CYS D 218 -12.66 -15.15 -44.30
N ARG D 219 -12.28 -16.43 -44.19
CA ARG D 219 -13.29 -17.48 -44.15
C ARG D 219 -14.11 -17.43 -42.88
N ALA D 220 -13.50 -17.04 -41.77
CA ALA D 220 -14.25 -16.86 -40.52
C ALA D 220 -15.12 -15.62 -40.57
N LEU D 221 -14.65 -14.56 -41.23
CA LEU D 221 -15.44 -13.33 -41.35
C LEU D 221 -16.65 -13.53 -42.24
N GLU D 222 -16.58 -14.46 -43.20
CA GLU D 222 -17.70 -14.75 -44.08
C GLU D 222 -18.71 -15.72 -43.46
N ASN D 223 -18.43 -16.25 -42.28
CA ASN D 223 -19.40 -17.09 -41.59
C ASN D 223 -20.62 -16.24 -41.23
N PRO D 224 -21.83 -16.65 -41.61
CA PRO D 224 -23.00 -15.79 -41.34
C PRO D 224 -23.16 -15.35 -39.89
N ASP D 225 -23.12 -16.28 -38.94
CA ASP D 225 -23.36 -15.92 -37.55
C ASP D 225 -22.26 -15.02 -37.00
N THR D 226 -21.03 -15.20 -37.49
CA THR D 226 -19.96 -14.27 -37.11
C THR D 226 -20.23 -12.88 -37.69
N ALA D 227 -20.74 -12.81 -38.92
CA ALA D 227 -21.07 -11.53 -39.51
C ALA D 227 -22.14 -10.80 -38.70
N SER D 228 -23.20 -11.52 -38.31
CA SER D 228 -24.28 -10.87 -37.57
C SER D 228 -23.84 -10.50 -36.16
N LEU D 229 -22.93 -11.28 -35.57
CA LEU D 229 -22.45 -10.96 -34.22
C LEU D 229 -21.54 -9.73 -34.24
N LEU D 230 -20.57 -9.70 -35.15
CA LEU D 230 -19.62 -8.60 -35.18
C LEU D 230 -20.23 -7.31 -35.70
N GLY D 231 -21.34 -7.38 -36.43
CA GLY D 231 -21.93 -6.16 -36.96
C GLY D 231 -21.01 -5.48 -37.93
N ARG D 232 -20.91 -4.15 -37.81
CA ARG D 232 -20.06 -3.38 -38.73
C ARG D 232 -18.59 -3.74 -38.58
N ILE D 233 -18.19 -4.28 -37.43
CA ILE D 233 -16.79 -4.67 -37.26
C ILE D 233 -16.40 -5.71 -38.30
N GLN D 234 -17.30 -6.66 -38.59
CA GLN D 234 -17.02 -7.66 -39.62
C GLN D 234 -16.83 -7.01 -40.98
N LYS D 235 -17.63 -5.99 -41.29
CA LYS D 235 -17.51 -5.32 -42.58
C LYS D 235 -16.26 -4.45 -42.64
N ASP D 236 -15.86 -3.84 -41.52
CA ASP D 236 -14.61 -3.10 -41.48
C ASP D 236 -13.42 -4.03 -41.63
N TRP D 237 -13.43 -5.16 -40.93
CA TRP D 237 -12.32 -6.11 -40.99
C TRP D 237 -12.23 -6.78 -42.35
N LYS D 238 -13.36 -7.30 -42.84
CA LYS D 238 -13.34 -8.04 -44.10
C LYS D 238 -12.86 -7.15 -45.24
N LYS D 239 -13.26 -5.88 -45.24
CA LYS D 239 -12.83 -4.96 -46.29
C LYS D 239 -11.31 -4.87 -46.33
N LEU D 240 -10.68 -4.70 -45.17
CA LEU D 240 -9.22 -4.58 -45.14
C LEU D 240 -8.55 -5.94 -45.40
N VAL D 241 -9.09 -7.01 -44.83
CA VAL D 241 -8.47 -8.32 -44.98
C VAL D 241 -8.57 -8.80 -46.43
N GLN D 242 -9.74 -8.66 -47.05
CA GLN D 242 -9.88 -9.08 -48.44
C GLN D 242 -8.95 -8.31 -49.34
N MET D 243 -8.77 -7.01 -49.10
CA MET D 243 -7.84 -6.23 -49.89
C MET D 243 -6.42 -6.73 -49.70
N LYS D 244 -6.03 -6.99 -48.45
CA LYS D 244 -4.68 -7.46 -48.17
C LYS D 244 -4.42 -8.83 -48.78
N ILE D 245 -5.45 -9.67 -48.88
CA ILE D 245 -5.29 -10.98 -49.50
C ILE D 245 -4.74 -10.82 -50.92
N TYR D 246 -5.39 -9.99 -51.72
CA TYR D 246 -4.95 -9.80 -53.09
C TYR D 246 -3.68 -8.95 -53.17
N TYR D 247 -3.56 -7.95 -52.30
CA TYR D 247 -2.37 -7.11 -52.31
C TYR D 247 -1.11 -7.94 -52.11
N PHE D 248 -1.09 -8.76 -51.07
CA PHE D 248 0.11 -9.54 -50.77
C PHE D 248 0.27 -10.75 -51.67
N ALA D 249 -0.82 -11.21 -52.30
CA ALA D 249 -0.68 -12.18 -53.38
C ALA D 249 0.02 -11.55 -54.58
N ALA D 250 -0.20 -10.25 -54.81
CA ALA D 250 0.51 -9.55 -55.87
C ALA D 250 1.98 -9.36 -55.49
N VAL D 251 2.24 -8.98 -54.23
CA VAL D 251 3.62 -8.86 -53.77
C VAL D 251 4.35 -10.19 -53.93
N ALA D 252 3.68 -11.29 -53.57
CA ALA D 252 4.31 -12.60 -53.67
C ALA D 252 4.74 -12.90 -55.10
N HIS D 253 3.85 -12.65 -56.06
CA HIS D 253 4.18 -12.94 -57.46
C HIS D 253 5.12 -11.89 -58.05
N LEU D 254 5.08 -10.66 -57.55
CA LEU D 254 6.10 -9.68 -57.93
C LEU D 254 7.49 -10.23 -57.69
N HIS D 255 7.72 -10.83 -56.51
CA HIS D 255 9.04 -11.32 -56.17
C HIS D 255 9.33 -12.66 -56.82
N MET D 256 8.31 -13.47 -57.12
CA MET D 256 8.51 -14.63 -57.96
C MET D 256 9.00 -14.23 -59.34
N GLY D 257 8.47 -13.13 -59.87
CA GLY D 257 8.96 -12.61 -61.13
C GLY D 257 10.38 -12.09 -61.04
N LYS D 258 10.75 -11.54 -59.87
CA LYS D 258 12.13 -11.09 -59.67
C LYS D 258 13.08 -12.27 -59.60
N GLN D 259 12.64 -13.38 -59.00
CA GLN D 259 13.44 -14.59 -59.00
C GLN D 259 13.61 -15.13 -60.42
N ALA D 260 12.53 -15.14 -61.20
CA ALA D 260 12.64 -15.52 -62.61
C ALA D 260 13.65 -14.64 -63.33
N GLU D 261 13.61 -13.33 -63.05
CA GLU D 261 14.59 -12.42 -63.63
C GLU D 261 16.01 -12.83 -63.26
N GLU D 262 16.23 -13.20 -62.00
CA GLU D 262 17.56 -13.61 -61.56
C GLU D 262 17.98 -14.93 -62.20
N GLN D 263 17.03 -15.81 -62.50
CA GLN D 263 17.32 -17.07 -63.16
C GLN D 263 17.21 -16.98 -64.67
N GLN D 264 16.94 -15.79 -65.22
CA GLN D 264 16.87 -15.57 -66.66
C GLN D 264 15.81 -16.45 -67.30
N LYS D 265 14.70 -16.66 -66.58
CA LYS D 265 13.49 -17.25 -67.15
C LYS D 265 12.57 -16.08 -67.50
N PHE D 266 12.80 -15.51 -68.68
CA PHE D 266 12.16 -14.23 -69.02
C PHE D 266 10.72 -14.39 -69.45
N GLY D 267 10.33 -15.55 -69.98
CA GLY D 267 8.92 -15.81 -70.22
C GLY D 267 8.17 -16.02 -68.91
N GLU D 268 8.79 -16.75 -67.98
CA GLU D 268 8.20 -16.92 -66.66
C GLU D 268 8.07 -15.58 -65.93
N ARG D 269 9.04 -14.69 -66.11
CA ARG D 269 8.97 -13.38 -65.47
C ARG D 269 7.73 -12.61 -65.91
N VAL D 270 7.44 -12.63 -67.21
CA VAL D 270 6.25 -11.94 -67.70
C VAL D 270 5.00 -12.52 -67.05
N ALA D 271 4.93 -13.85 -66.93
CA ALA D 271 3.74 -14.47 -66.35
C ALA D 271 3.52 -14.01 -64.91
N TYR D 272 4.59 -13.96 -64.11
CA TYR D 272 4.44 -13.58 -62.71
C TYR D 272 4.08 -12.11 -62.56
N PHE D 273 4.68 -11.24 -63.37
CA PHE D 273 4.33 -9.82 -63.30
C PHE D 273 2.92 -9.58 -63.81
N GLN D 274 2.51 -10.31 -64.84
CA GLN D 274 1.13 -10.21 -65.32
C GLN D 274 0.16 -10.66 -64.23
N SER D 275 0.47 -11.76 -63.55
CA SER D 275 -0.37 -12.22 -62.44
C SER D 275 -0.38 -11.20 -61.30
N ALA D 276 0.80 -10.67 -60.95
CA ALA D 276 0.88 -9.69 -59.89
C ALA D 276 0.03 -8.46 -60.20
N LEU D 277 0.05 -8.02 -61.46
CA LEU D 277 -0.70 -6.82 -61.84
C LEU D 277 -2.20 -7.09 -61.79
N ASP D 278 -2.63 -8.29 -62.15
CA ASP D 278 -4.05 -8.63 -62.06
C ASP D 278 -4.50 -8.72 -60.61
N LYS D 279 -3.69 -9.32 -59.75
CA LYS D 279 -4.03 -9.38 -58.33
C LYS D 279 -4.06 -7.99 -57.71
N LEU D 280 -3.14 -7.12 -58.12
CA LEU D 280 -3.11 -5.77 -57.57
C LEU D 280 -4.34 -4.97 -58.01
N ASN D 281 -4.74 -5.12 -59.27
CA ASN D 281 -5.93 -4.41 -59.74
C ASN D 281 -7.17 -4.81 -58.96
N GLU D 282 -7.26 -6.08 -58.55
CA GLU D 282 -8.37 -6.51 -57.70
C GLU D 282 -8.27 -5.88 -56.31
N ALA D 283 -7.05 -5.83 -55.75
CA ALA D 283 -6.87 -5.18 -54.46
C ALA D 283 -7.29 -3.71 -54.53
N ILE D 284 -6.96 -3.03 -55.62
CA ILE D 284 -7.37 -1.63 -55.79
C ILE D 284 -8.89 -1.54 -55.85
N LYS D 285 -9.52 -2.46 -56.58
CA LYS D 285 -10.99 -2.50 -56.62
C LYS D 285 -11.56 -2.68 -55.23
N LEU D 286 -10.95 -3.57 -54.43
CA LEU D 286 -11.43 -3.84 -53.08
C LEU D 286 -11.09 -2.73 -52.09
N ALA D 287 -10.03 -1.96 -52.36
CA ALA D 287 -9.64 -0.86 -51.48
C ALA D 287 -10.49 0.38 -51.65
N LYS D 288 -11.53 0.31 -52.48
CA LYS D 288 -12.41 1.44 -52.73
C LYS D 288 -12.90 2.07 -51.43
N GLY D 289 -12.68 3.37 -51.29
CA GLY D 289 -13.16 4.11 -50.13
C GLY D 289 -12.32 3.97 -48.88
N GLN D 290 -11.17 3.31 -48.96
CA GLN D 290 -10.30 3.13 -47.80
C GLN D 290 -9.32 4.29 -47.67
N PRO D 291 -8.77 4.52 -46.48
CA PRO D 291 -7.99 5.74 -46.25
C PRO D 291 -6.79 5.87 -47.17
N ASP D 292 -6.22 7.07 -47.19
CA ASP D 292 -5.07 7.35 -48.06
C ASP D 292 -3.87 6.49 -47.69
N THR D 293 -3.78 6.07 -46.43
CA THR D 293 -2.78 5.07 -46.05
C THR D 293 -2.78 3.92 -47.04
N VAL D 294 -3.96 3.38 -47.34
CA VAL D 294 -4.07 2.22 -48.23
C VAL D 294 -3.81 2.64 -49.67
N GLN D 295 -4.46 3.71 -50.11
CA GLN D 295 -4.37 4.11 -51.52
C GLN D 295 -2.94 4.42 -51.91
N ASP D 296 -2.21 5.14 -51.07
CA ASP D 296 -0.83 5.49 -51.39
C ASP D 296 0.04 4.24 -51.51
N ALA D 297 -0.18 3.26 -50.63
CA ALA D 297 0.58 2.01 -50.70
C ALA D 297 0.27 1.28 -52.01
N LEU D 298 -1.01 1.20 -52.38
CA LEU D 298 -1.39 0.53 -53.62
C LEU D 298 -0.91 1.32 -54.83
N ARG D 299 -1.05 2.65 -54.77
CA ARG D 299 -0.62 3.51 -55.87
C ARG D 299 0.85 3.29 -56.20
N PHE D 300 1.71 3.26 -55.17
CA PHE D 300 3.13 3.07 -55.41
C PHE D 300 3.43 1.66 -55.88
N THR D 301 2.68 0.67 -55.37
CA THR D 301 2.89 -0.71 -55.82
C THR D 301 2.56 -0.85 -57.31
N MET D 302 1.51 -0.18 -57.77
CA MET D 302 1.17 -0.24 -59.18
C MET D 302 2.29 0.37 -60.03
N ASP D 303 2.90 1.46 -59.55
CA ASP D 303 4.06 2.02 -60.25
C ASP D 303 5.14 0.96 -60.43
N VAL D 304 5.46 0.23 -59.35
CA VAL D 304 6.50 -0.79 -59.43
C VAL D 304 6.07 -1.91 -60.38
N ILE D 305 4.93 -2.52 -60.11
CA ILE D 305 4.52 -3.71 -60.86
C ILE D 305 4.21 -3.33 -62.30
N GLY D 306 3.45 -2.25 -62.51
CA GLY D 306 3.12 -1.83 -63.86
C GLY D 306 4.34 -1.58 -64.71
N GLY D 307 5.35 -0.91 -64.15
CA GLY D 307 6.57 -0.65 -64.92
C GLY D 307 7.38 -1.91 -65.17
N LYS D 308 7.38 -2.83 -64.21
CA LYS D 308 8.13 -4.07 -64.40
C LYS D 308 7.44 -4.99 -65.40
N TYR D 309 6.12 -5.00 -65.44
CA TYR D 309 5.42 -5.79 -66.45
C TYR D 309 5.72 -5.28 -67.84
N ASN D 310 5.61 -3.96 -68.04
CA ASN D 310 5.91 -3.37 -69.35
C ASN D 310 7.33 -3.69 -69.77
N SER D 311 8.29 -3.58 -68.85
CA SER D 311 9.68 -3.89 -69.18
C SER D 311 9.84 -5.38 -69.52
N ALA D 312 9.22 -6.25 -68.73
CA ALA D 312 9.36 -7.68 -68.96
C ALA D 312 8.73 -8.08 -70.29
N LYS D 313 7.56 -7.51 -70.61
CA LYS D 313 6.89 -7.88 -71.85
C LYS D 313 7.63 -7.32 -73.07
N LYS D 314 8.12 -6.09 -72.97
CA LYS D 314 8.92 -5.53 -74.06
C LYS D 314 10.18 -6.36 -74.28
N ASP D 315 10.89 -6.70 -73.21
CA ASP D 315 12.10 -7.49 -73.34
C ASP D 315 11.81 -8.84 -73.97
N ASN D 316 10.77 -9.53 -73.49
CA ASN D 316 10.46 -10.85 -74.02
C ASN D 316 10.04 -10.77 -75.49
N ASP D 317 9.29 -9.72 -75.87
CA ASP D 317 8.75 -9.64 -77.22
C ASP D 317 9.82 -9.28 -78.24
N PHE D 318 10.87 -8.55 -77.84
CA PHE D 318 11.89 -8.08 -78.77
C PHE D 318 13.26 -8.71 -78.56
N ILE D 319 13.51 -9.38 -77.44
CA ILE D 319 14.86 -9.88 -77.16
C ILE D 319 14.84 -11.39 -76.94
N TYR D 320 14.08 -11.84 -75.94
CA TYR D 320 14.20 -13.21 -75.45
C TYR D 320 13.26 -14.18 -76.15
N HIS D 321 12.04 -13.77 -76.47
CA HIS D 321 11.11 -14.60 -77.24
C HIS D 321 10.84 -15.93 -76.55
N GLU D 322 10.69 -15.91 -75.23
CA GLU D 322 10.41 -17.13 -74.48
C GLU D 322 8.91 -17.27 -74.26
N ALA D 323 8.47 -18.53 -74.17
CA ALA D 323 7.05 -18.80 -74.02
C ALA D 323 6.57 -18.33 -72.66
N VAL D 324 5.42 -17.66 -72.64
CA VAL D 324 4.81 -17.17 -71.40
C VAL D 324 3.96 -18.30 -70.84
N PRO D 325 4.35 -18.94 -69.74
CA PRO D 325 3.57 -20.07 -69.23
C PRO D 325 2.31 -19.63 -68.50
N ALA D 326 1.30 -20.50 -68.55
CA ALA D 326 0.08 -20.27 -67.80
C ALA D 326 0.32 -20.49 -66.31
N LEU D 327 -0.55 -19.88 -65.50
CA LEU D 327 -0.39 -19.94 -64.05
C LEU D 327 -0.30 -21.38 -63.55
N ASP D 328 -1.09 -22.29 -64.16
CA ASP D 328 -1.20 -23.64 -63.63
C ASP D 328 0.12 -24.39 -63.68
N THR D 329 0.98 -24.07 -64.65
CA THR D 329 2.16 -24.89 -64.89
C THR D 329 3.23 -24.71 -63.81
N LEU D 330 3.19 -23.62 -63.06
CA LEU D 330 4.24 -23.28 -62.12
C LEU D 330 3.87 -23.74 -60.72
N GLN D 331 4.86 -24.26 -60.00
CA GLN D 331 4.66 -24.67 -58.62
C GLN D 331 3.98 -23.54 -57.83
N PRO D 332 2.92 -23.82 -57.08
CA PRO D 332 2.36 -22.78 -56.20
C PRO D 332 3.35 -22.41 -55.11
N VAL D 333 3.47 -21.11 -54.84
CA VAL D 333 4.37 -20.65 -53.80
C VAL D 333 3.86 -21.15 -52.45
N LYS D 334 4.75 -21.78 -51.68
CA LYS D 334 4.43 -22.15 -50.31
C LYS D 334 4.79 -21.01 -49.37
N GLY D 335 3.90 -20.74 -48.42
CA GLY D 335 4.18 -19.73 -47.42
C GLY D 335 5.17 -20.23 -46.39
N ALA D 336 5.99 -19.30 -45.88
CA ALA D 336 6.96 -19.60 -44.85
C ALA D 336 6.53 -18.99 -43.52
N PRO D 337 5.90 -19.75 -42.62
CA PRO D 337 5.48 -19.19 -41.34
C PRO D 337 6.67 -18.84 -40.47
N LEU D 338 6.83 -17.54 -40.19
CA LEU D 338 7.90 -17.05 -39.33
C LEU D 338 7.40 -16.59 -37.96
N VAL D 339 6.12 -16.80 -37.67
CA VAL D 339 5.51 -16.29 -36.45
C VAL D 339 4.67 -17.38 -35.81
N LYS D 340 4.54 -17.30 -34.49
CA LYS D 340 3.74 -18.23 -33.71
C LYS D 340 3.09 -17.46 -32.57
N PRO D 341 1.97 -17.96 -32.04
CA PRO D 341 1.42 -17.35 -30.82
C PRO D 341 2.40 -17.48 -29.66
N LEU D 342 2.93 -16.36 -29.17
CA LEU D 342 3.93 -16.43 -28.11
C LEU D 342 3.28 -16.90 -26.82
N PRO D 343 3.92 -17.80 -26.08
CA PRO D 343 3.28 -18.35 -24.88
C PRO D 343 3.04 -17.27 -23.83
N VAL D 344 1.89 -17.37 -23.18
CA VAL D 344 1.56 -16.56 -22.02
C VAL D 344 1.88 -17.40 -20.78
N ASN D 345 2.79 -16.91 -19.96
CA ASN D 345 3.07 -17.50 -18.65
C ASN D 345 2.27 -16.75 -17.59
N PRO D 346 1.06 -17.20 -17.25
CA PRO D 346 0.21 -16.39 -16.37
C PRO D 346 0.76 -16.22 -14.96
N THR D 347 1.56 -17.18 -14.47
CA THR D 347 2.08 -17.14 -13.11
C THR D 347 3.58 -16.86 -13.08
N ASP D 348 4.08 -16.14 -14.07
CA ASP D 348 5.49 -15.76 -14.10
C ASP D 348 5.79 -14.84 -12.92
N PRO D 349 6.60 -15.27 -11.94
CA PRO D 349 6.81 -14.42 -10.76
C PRO D 349 7.44 -13.07 -11.09
N ALA D 350 8.23 -12.99 -12.17
CA ALA D 350 8.88 -11.74 -12.51
C ALA D 350 7.90 -10.63 -12.82
N VAL D 351 6.67 -10.96 -13.21
CA VAL D 351 5.66 -9.96 -13.50
C VAL D 351 4.54 -9.96 -12.47
N THR D 352 4.24 -11.10 -11.83
CA THR D 352 3.14 -11.15 -10.88
C THR D 352 3.53 -10.61 -9.51
N GLY D 353 4.80 -10.71 -9.14
CA GLY D 353 5.24 -10.35 -7.82
C GLY D 353 4.89 -11.41 -6.81
N PRO D 354 5.26 -11.20 -5.55
CA PRO D 354 4.92 -12.17 -4.51
C PRO D 354 3.43 -12.45 -4.44
N ASP D 355 3.09 -13.69 -4.06
CA ASP D 355 1.70 -14.08 -3.88
C ASP D 355 1.06 -13.23 -2.79
N ILE D 356 0.00 -12.52 -3.15
CA ILE D 356 -0.69 -11.65 -2.20
C ILE D 356 -1.25 -12.46 -1.03
N PHE D 357 -1.66 -13.70 -1.28
CA PHE D 357 -2.45 -14.47 -0.31
C PHE D 357 -1.60 -15.50 0.41
N ALA D 358 -0.44 -15.09 0.91
CA ALA D 358 0.38 -16.00 1.70
C ALA D 358 -0.21 -16.27 3.07
N LYS D 359 -1.15 -15.43 3.54
CA LYS D 359 -1.82 -15.68 4.80
C LYS D 359 -2.95 -16.69 4.66
N LEU D 360 -3.55 -16.78 3.48
CA LEU D 360 -4.78 -17.55 3.27
C LEU D 360 -4.48 -19.02 3.00
N VAL D 361 -3.63 -19.61 3.83
CA VAL D 361 -3.22 -20.99 3.64
C VAL D 361 -3.94 -21.87 4.66
N GLU E 2 19.71 -11.24 -13.12
CA GLU E 2 18.60 -11.37 -12.18
C GLU E 2 19.04 -12.09 -10.91
N ASN E 3 18.28 -11.91 -9.84
CA ASN E 3 18.54 -12.53 -8.54
C ASN E 3 17.29 -13.25 -8.05
N TYR E 4 16.61 -13.98 -8.94
CA TYR E 4 15.36 -14.63 -8.57
C TYR E 4 15.58 -15.63 -7.44
N PHE E 5 16.59 -16.49 -7.57
CA PHE E 5 16.85 -17.50 -6.54
C PHE E 5 17.15 -16.82 -5.20
N GLN E 6 18.10 -15.87 -5.20
CA GLN E 6 18.47 -15.19 -3.96
C GLN E 6 17.29 -14.42 -3.38
N ALA E 7 16.50 -13.78 -4.24
CA ALA E 7 15.33 -13.03 -3.77
C ALA E 7 14.35 -13.95 -3.05
N GLU E 8 14.05 -15.10 -3.64
CA GLU E 8 13.10 -16.02 -3.04
C GLU E 8 13.62 -16.57 -1.71
N ALA E 9 14.92 -16.88 -1.65
CA ALA E 9 15.51 -17.35 -0.40
C ALA E 9 15.42 -16.29 0.68
N TYR E 10 15.68 -15.03 0.33
CA TYR E 10 15.62 -13.95 1.30
C TYR E 10 14.18 -13.72 1.76
N ASN E 11 13.21 -13.83 0.84
CA ASN E 11 11.81 -13.58 1.17
C ASN E 11 11.24 -14.61 2.13
N LEU E 12 11.90 -15.74 2.34
CA LEU E 12 11.36 -16.76 3.25
C LEU E 12 11.18 -16.20 4.65
N ASP E 13 12.06 -15.30 5.08
CA ASP E 13 11.87 -14.65 6.37
C ASP E 13 10.58 -13.83 6.38
N LYS E 14 10.28 -13.16 5.26
CA LYS E 14 9.04 -12.39 5.16
C LYS E 14 7.83 -13.33 5.16
N VAL E 15 7.94 -14.47 4.49
CA VAL E 15 6.82 -15.42 4.44
C VAL E 15 6.41 -15.82 5.85
N LEU E 16 7.37 -16.27 6.66
CA LEU E 16 7.05 -16.67 8.02
C LEU E 16 6.51 -15.50 8.83
N ASP E 17 7.03 -14.30 8.60
CA ASP E 17 6.51 -13.12 9.28
C ASP E 17 5.06 -12.86 8.90
N GLU E 18 4.76 -12.91 7.60
CA GLU E 18 3.38 -12.77 7.15
C GLU E 18 2.48 -13.80 7.83
N PHE E 19 2.86 -15.07 7.74
CA PHE E 19 2.04 -16.14 8.29
C PHE E 19 1.90 -16.08 9.80
N GLU E 20 2.81 -15.36 10.48
CA GLU E 20 2.78 -15.30 11.94
C GLU E 20 1.80 -14.24 12.44
N GLN E 21 1.77 -13.08 11.80
CA GLN E 21 0.85 -12.01 12.19
C GLN E 21 -0.59 -12.40 11.92
N GLU F 2 -19.55 11.19 12.92
CA GLU F 2 -19.44 11.59 14.32
C GLU F 2 -20.58 12.52 14.70
N ASN F 3 -20.81 12.63 16.02
CA ASN F 3 -21.86 13.48 16.58
C ASN F 3 -21.28 14.39 17.66
N TYR F 4 -20.12 14.98 17.40
CA TYR F 4 -19.47 15.80 18.42
C TYR F 4 -20.36 16.97 18.83
N PHE F 5 -20.92 17.68 17.85
CA PHE F 5 -21.75 18.84 18.18
C PHE F 5 -22.97 18.43 19.00
N GLN F 6 -23.69 17.40 18.54
CA GLN F 6 -24.89 16.97 19.25
C GLN F 6 -24.53 16.41 20.63
N ALA F 7 -23.40 15.71 20.74
CA ALA F 7 -22.98 15.20 22.04
C ALA F 7 -22.69 16.33 23.02
N GLU F 8 -22.00 17.38 22.55
CA GLU F 8 -21.71 18.52 23.41
C GLU F 8 -23.00 19.21 23.85
N ALA F 9 -23.93 19.43 22.93
CA ALA F 9 -25.19 20.07 23.28
C ALA F 9 -25.96 19.26 24.31
N TYR F 10 -25.97 17.93 24.14
CA TYR F 10 -26.69 17.08 25.08
C TYR F 10 -26.02 17.08 26.46
N ASN F 11 -24.69 17.10 26.49
CA ASN F 11 -23.96 17.06 27.75
C ASN F 11 -24.18 18.28 28.61
N LEU F 12 -24.71 19.37 28.07
CA LEU F 12 -24.89 20.58 28.87
C LEU F 12 -25.78 20.31 30.07
N ASP F 13 -26.80 19.46 29.90
CA ASP F 13 -27.60 19.03 31.04
C ASP F 13 -26.73 18.39 32.11
N LYS F 14 -25.82 17.50 31.70
CA LYS F 14 -24.92 16.87 32.65
C LYS F 14 -24.02 17.90 33.33
N VAL F 15 -23.53 18.88 32.56
CA VAL F 15 -22.65 19.90 33.12
C VAL F 15 -23.35 20.61 34.27
N LEU F 16 -24.55 21.14 34.03
CA LEU F 16 -25.29 21.82 35.08
C LEU F 16 -25.58 20.88 36.25
N ASP F 17 -25.84 19.60 35.97
CA ASP F 17 -26.09 18.65 37.04
C ASP F 17 -24.85 18.45 37.90
N GLU F 18 -23.70 18.25 37.27
CA GLU F 18 -22.45 18.17 38.02
C GLU F 18 -22.25 19.40 38.90
N PHE F 19 -22.39 20.59 38.30
CA PHE F 19 -22.15 21.83 39.01
C PHE F 19 -23.17 22.06 40.13
N GLU F 20 -24.35 21.42 40.06
CA GLU F 20 -25.35 21.57 41.11
C GLU F 20 -25.04 20.72 42.33
N GLN F 21 -24.57 19.49 42.13
CA GLN F 21 -24.34 18.56 43.23
C GLN F 21 -23.35 19.14 44.24
#